data_3H0S
#
_entry.id   3H0S
#
_cell.length_a   246.716
_cell.length_b   121.678
_cell.length_c   145.991
_cell.angle_alpha   90.00
_cell.angle_beta   94.23
_cell.angle_gamma   90.00
#
_symmetry.space_group_name_H-M   'C 1 2 1'
#
loop_
_entity.id
_entity.type
_entity.pdbx_description
1 polymer 'Acetyl-CoA carboxylase'
2 non-polymer 'SULFATE ION'
3 non-polymer "1'-(1H-indazol-7-ylcarbonyl)-6-methylspiro[chromene-2,4'-piperidin]-4(3H)-one"
4 water water
#
_entity_poly.entity_id   1
_entity_poly.type   'polypeptide(L)'
_entity_poly.pdbx_seq_one_letter_code
;MASGSMHLRPIATPYPVKEWLQPKRYKAHLMGTTYVYDFPELFRQASSSQWKNFSADVKLTDDFFISNELIEDENGELTE
VEREPGANAIGMVAFKITVKTPEYPRGRQFVVVANDITFKIGSFGPQEDEFFNKVTEYARKRGIPRIYLAANSGARIGMA
EEIVPLFQVAWNDAANPDKGFQYLYLTSEGMETLKKFDKENSVLTERTVINGEERFVIKTIIGSEDGLGVECLRGSGLIA
GATSRAYHDIFTITLVTCRSVGIGAYLVRLGQRAIQVEGQPIILTGAPAINKMLGREVYTSNLQLGGTQIMYNNGVSHLT
AVDDLAGVEKIVEWMSYVPAKRNMPVPILETKDTWDRPVDFTPTNDETYDVRWMIEGRETESGFEYGLFDKGSFFETLSG
WAKGVVVGRARLGGIPLGVIGVETRTVENLIPADPANPNSAETLIQEPGQVWHPNSAFKTAQAINDFNNGEQLPMMILAN
WRGFSGGQRDMFNEVLKYGSFIVDALVDYKQPIIIYIPPTGELRGGSWVVVDPTINADQMEMYADVNARAGVLEPQGMVG
IKFRREKLLDTMNRLDDKYRELRSQLSNKSLAPEVHQQISKQLADRERELLPIYGQISLQFADLHDRSSRMVAKGVISKE
LEWTEARRFFFWRLRRRLNEEYLIKRLSHQVGEASRLEKIARIRSWYPASVDHEDDRQVATWIEENYKTLDDKLKGLKLE
SFAQDLAKKIRSDHDNAIDGLSEVIKMLSTDDKEKLLKTLKLEHHHHHH
;
_entity_poly.pdbx_strand_id   A,B,C
#
loop_
_chem_comp.id
_chem_comp.type
_chem_comp.name
_chem_comp.formula
B38 non-polymer 1'-(1H-indazol-7-ylcarbonyl)-6-methylspiro[chromene-2,4'-piperidin]-4(3H)-one 'C22 H21 N3 O3'
SO4 non-polymer 'SULFATE ION' 'O4 S -2'
#
# COMPACT_ATOMS: atom_id res chain seq x y z
N LEU A 8 -10.11 -71.05 -41.83
CA LEU A 8 -9.75 -70.42 -40.51
C LEU A 8 -8.42 -70.94 -40.02
N ARG A 9 -7.53 -70.02 -39.72
CA ARG A 9 -6.15 -70.34 -39.42
C ARG A 9 -5.47 -69.13 -38.75
N PRO A 10 -4.72 -69.34 -37.63
CA PRO A 10 -4.65 -70.54 -36.81
C PRO A 10 -5.93 -70.86 -36.04
N ILE A 11 -6.06 -72.14 -35.69
CA ILE A 11 -7.17 -72.61 -34.83
C ILE A 11 -6.68 -72.61 -33.38
N ALA A 12 -7.66 -72.63 -32.45
CA ALA A 12 -7.40 -72.78 -31.03
C ALA A 12 -6.63 -71.64 -30.44
N THR A 13 -6.94 -70.45 -30.94
CA THR A 13 -6.52 -69.20 -30.32
C THR A 13 -7.48 -68.77 -29.18
N PRO A 14 -6.93 -68.15 -28.15
CA PRO A 14 -7.74 -67.68 -26.99
C PRO A 14 -8.91 -66.74 -27.31
N TYR A 15 -8.69 -65.81 -28.27
CA TYR A 15 -9.73 -64.89 -28.74
C TYR A 15 -9.78 -64.97 -30.26
N PRO A 16 -10.84 -64.41 -30.85
CA PRO A 16 -11.02 -64.43 -32.31
C PRO A 16 -9.86 -63.92 -33.17
N VAL A 17 -9.68 -64.57 -34.32
CA VAL A 17 -8.59 -64.26 -35.25
C VAL A 17 -9.07 -63.10 -36.14
N LYS A 18 -8.59 -61.90 -35.82
CA LYS A 18 -9.06 -60.66 -36.43
C LYS A 18 -8.71 -60.62 -37.96
N GLU A 19 -7.57 -61.20 -38.30
CA GLU A 19 -7.11 -61.38 -39.69
C GLU A 19 -7.95 -62.38 -40.53
N TRP A 20 -8.87 -63.10 -39.89
CA TRP A 20 -9.76 -64.05 -40.55
C TRP A 20 -11.14 -63.43 -40.56
N LEU A 21 -11.55 -62.87 -39.46
CA LEU A 21 -12.82 -62.13 -39.40
C LEU A 21 -12.91 -61.05 -40.54
N GLN A 22 -11.82 -60.38 -40.82
CA GLN A 22 -11.66 -59.46 -41.89
C GLN A 22 -10.31 -59.70 -42.56
N PRO A 23 -10.28 -60.48 -43.65
CA PRO A 23 -9.05 -60.81 -44.41
C PRO A 23 -8.32 -59.64 -45.02
N LYS A 24 -9.05 -58.55 -45.19
CA LYS A 24 -8.43 -57.27 -45.55
C LYS A 24 -7.31 -56.86 -44.57
N ARG A 25 -7.49 -57.11 -43.27
CA ARG A 25 -6.44 -56.91 -42.25
C ARG A 25 -5.18 -57.75 -42.47
N TYR A 26 -5.38 -59.00 -42.89
CA TYR A 26 -4.26 -59.91 -43.28
C TYR A 26 -3.54 -59.38 -44.53
N LYS A 27 -4.33 -58.92 -45.51
CA LYS A 27 -3.74 -58.37 -46.73
C LYS A 27 -2.80 -57.21 -46.42
N ALA A 28 -3.28 -56.21 -45.62
CA ALA A 28 -2.45 -55.08 -45.22
C ALA A 28 -1.21 -55.54 -44.52
N HIS A 29 -1.38 -56.54 -43.64
CA HIS A 29 -0.20 -57.02 -42.93
C HIS A 29 0.74 -57.66 -43.90
N LEU A 30 0.21 -58.35 -44.88
CA LEU A 30 1.10 -59.00 -45.84
C LEU A 30 1.90 -57.99 -46.61
N MET A 31 1.39 -56.76 -46.69
CA MET A 31 2.13 -55.63 -47.33
C MET A 31 2.99 -54.75 -46.41
N GLY A 32 3.10 -55.17 -45.15
CA GLY A 32 3.99 -54.55 -44.20
C GLY A 32 3.43 -53.23 -43.71
N THR A 33 2.09 -53.10 -43.61
CA THR A 33 1.51 -51.95 -43.02
C THR A 33 0.33 -52.33 -42.15
N THR A 34 -0.11 -51.34 -41.36
CA THR A 34 -1.24 -51.46 -40.46
C THR A 34 -2.50 -51.45 -41.29
N TYR A 35 -3.46 -52.30 -40.94
CA TYR A 35 -4.74 -52.22 -41.61
C TYR A 35 -5.37 -50.87 -41.19
N VAL A 36 -5.97 -50.23 -42.19
CA VAL A 36 -6.45 -48.86 -42.01
C VAL A 36 -7.38 -48.74 -40.82
N TYR A 37 -8.29 -49.72 -40.62
CA TYR A 37 -9.31 -49.58 -39.53
C TYR A 37 -8.74 -49.82 -38.10
N ASP A 38 -7.50 -50.26 -38.04
CA ASP A 38 -6.79 -50.45 -36.77
C ASP A 38 -5.94 -49.24 -36.38
N PHE A 39 -5.85 -48.23 -37.25
CA PHE A 39 -5.07 -47.00 -36.89
C PHE A 39 -5.55 -46.20 -35.73
N PRO A 40 -6.85 -45.97 -35.63
CA PRO A 40 -7.38 -45.31 -34.46
C PRO A 40 -6.93 -45.92 -33.14
N GLU A 41 -6.92 -47.25 -33.04
CA GLU A 41 -6.36 -47.91 -31.89
C GLU A 41 -4.89 -47.55 -31.64
N LEU A 42 -4.09 -47.41 -32.68
CA LEU A 42 -2.73 -46.85 -32.52
C LEU A 42 -2.78 -45.44 -31.91
N PHE A 43 -3.73 -44.62 -32.35
CA PHE A 43 -3.85 -43.27 -31.79
C PHE A 43 -4.31 -43.33 -30.35
N ARG A 44 -5.15 -44.32 -30.03
CA ARG A 44 -5.56 -44.53 -28.60
C ARG A 44 -4.33 -44.98 -27.77
N GLN A 45 -3.57 -45.94 -28.27
CA GLN A 45 -2.35 -46.37 -27.60
C GLN A 45 -1.38 -45.22 -27.44
N ALA A 46 -1.17 -44.44 -28.50
CA ALA A 46 -0.22 -43.30 -28.40
C ALA A 46 -0.66 -42.22 -27.46
N SER A 47 -1.97 -41.97 -27.40
CA SER A 47 -2.47 -40.91 -26.57
C SER A 47 -2.38 -41.30 -25.09
N SER A 48 -2.66 -42.59 -24.82
CA SER A 48 -2.50 -43.15 -23.52
C SER A 48 -1.03 -43.11 -23.08
N SER A 49 -0.04 -43.44 -23.92
CA SER A 49 1.36 -43.22 -23.53
C SER A 49 1.76 -41.78 -23.19
N GLN A 50 1.13 -40.81 -23.87
CA GLN A 50 1.34 -39.37 -23.54
C GLN A 50 0.95 -39.11 -22.10
N TRP A 51 -0.20 -39.59 -21.69
CA TRP A 51 -0.63 -39.34 -20.33
C TRP A 51 0.33 -40.04 -19.36
N LYS A 52 0.71 -41.28 -19.68
CA LYS A 52 1.66 -42.03 -18.83
C LYS A 52 2.98 -41.25 -18.64
N ASN A 53 3.55 -40.72 -19.72
CA ASN A 53 4.80 -39.99 -19.64
C ASN A 53 4.64 -38.63 -18.95
N PHE A 54 3.41 -38.14 -18.85
CA PHE A 54 3.14 -36.84 -18.25
C PHE A 54 2.85 -36.95 -16.75
N SER A 55 2.17 -38.04 -16.40
CA SER A 55 1.68 -38.22 -15.08
C SER A 55 1.34 -39.70 -14.93
N ALA A 56 2.34 -40.42 -14.44
CA ALA A 56 2.30 -41.87 -14.41
C ALA A 56 1.05 -42.43 -13.69
N ASP A 57 0.52 -41.66 -12.75
CA ASP A 57 -0.58 -42.10 -11.88
C ASP A 57 -1.97 -41.60 -12.26
N VAL A 58 -2.15 -41.05 -13.47
CA VAL A 58 -3.53 -40.64 -13.88
C VAL A 58 -4.35 -41.86 -14.29
N LYS A 59 -5.63 -41.73 -13.93
CA LYS A 59 -6.61 -42.74 -14.16
C LYS A 59 -7.26 -42.37 -15.48
N LEU A 60 -7.04 -43.24 -16.45
CA LEU A 60 -7.57 -43.02 -17.79
C LEU A 60 -8.67 -44.02 -18.06
N THR A 61 -9.83 -43.55 -18.42
CA THR A 61 -10.82 -44.45 -19.00
C THR A 61 -10.90 -44.29 -20.53
N ASP A 62 -11.62 -45.22 -21.14
CA ASP A 62 -11.83 -45.21 -22.58
C ASP A 62 -12.63 -44.05 -23.09
N ASP A 63 -13.33 -43.34 -22.24
CA ASP A 63 -14.03 -42.17 -22.69
C ASP A 63 -13.12 -40.94 -22.91
N PHE A 64 -11.85 -41.08 -22.58
CA PHE A 64 -10.85 -40.08 -22.91
C PHE A 64 -10.57 -39.97 -24.43
N PHE A 65 -10.99 -40.95 -25.20
CA PHE A 65 -10.62 -41.09 -26.60
C PHE A 65 -11.75 -41.71 -27.37
N ILE A 66 -12.12 -41.05 -28.45
CA ILE A 66 -13.25 -41.41 -29.33
C ILE A 66 -12.84 -41.28 -30.78
N SER A 67 -13.04 -42.31 -31.58
CA SER A 67 -12.80 -42.25 -33.00
C SER A 67 -14.15 -42.58 -33.66
N ASN A 68 -14.69 -41.65 -34.45
CA ASN A 68 -15.87 -41.85 -35.24
C ASN A 68 -15.50 -41.80 -36.73
N GLU A 69 -15.73 -42.91 -37.46
CA GLU A 69 -15.56 -42.86 -38.92
C GLU A 69 -16.52 -41.84 -39.58
N LEU A 70 -15.97 -41.13 -40.57
CA LEU A 70 -16.67 -40.17 -41.41
C LEU A 70 -16.89 -40.83 -42.77
N ILE A 71 -18.17 -40.96 -43.16
CA ILE A 71 -18.51 -41.25 -44.52
C ILE A 71 -19.42 -40.18 -45.11
N GLU A 72 -19.41 -40.12 -46.43
CA GLU A 72 -20.41 -39.32 -47.16
C GLU A 72 -21.78 -39.96 -47.13
N ASP A 73 -22.76 -39.19 -46.70
CA ASP A 73 -24.15 -39.54 -46.90
C ASP A 73 -24.58 -39.41 -48.40
N GLU A 74 -25.91 -39.52 -48.63
CA GLU A 74 -26.47 -39.63 -50.02
C GLU A 74 -26.27 -38.33 -50.81
N ASN A 75 -26.23 -37.22 -50.08
CA ASN A 75 -25.93 -35.91 -50.63
C ASN A 75 -24.43 -35.53 -50.66
N GLY A 76 -23.53 -36.49 -50.48
CA GLY A 76 -22.09 -36.21 -50.36
C GLY A 76 -21.64 -35.41 -49.13
N GLU A 77 -22.53 -35.26 -48.14
CA GLU A 77 -22.15 -34.60 -46.92
C GLU A 77 -21.55 -35.60 -45.92
N LEU A 78 -20.43 -35.22 -45.31
CA LEU A 78 -19.74 -36.07 -44.33
C LEU A 78 -20.59 -36.27 -43.05
N THR A 79 -20.81 -37.54 -42.68
CA THR A 79 -21.44 -37.92 -41.41
C THR A 79 -20.62 -38.94 -40.73
N GLU A 80 -20.87 -39.05 -39.42
CA GLU A 80 -20.21 -40.01 -38.54
C GLU A 80 -21.06 -41.26 -38.55
N VAL A 81 -20.38 -42.41 -38.67
CA VAL A 81 -21.01 -43.72 -38.57
C VAL A 81 -20.16 -44.66 -37.75
N GLU A 82 -20.77 -45.72 -37.24
CA GLU A 82 -20.02 -46.80 -36.59
C GLU A 82 -20.40 -48.07 -37.39
N ARG A 83 -19.42 -48.77 -37.94
CA ARG A 83 -19.71 -49.96 -38.75
C ARG A 83 -18.55 -50.96 -38.75
N GLU A 84 -18.75 -52.09 -39.43
CA GLU A 84 -17.74 -53.14 -39.46
C GLU A 84 -16.55 -52.61 -40.27
N PRO A 85 -15.33 -52.80 -39.75
CA PRO A 85 -14.15 -52.63 -40.60
C PRO A 85 -14.27 -53.37 -41.91
N GLY A 86 -13.90 -52.72 -43.00
CA GLY A 86 -13.86 -53.39 -44.32
C GLY A 86 -15.08 -53.20 -45.21
N ALA A 87 -16.05 -52.40 -44.72
CA ALA A 87 -17.28 -52.04 -45.47
C ALA A 87 -17.09 -50.81 -46.37
N ASN A 88 -15.92 -50.15 -46.31
CA ASN A 88 -15.63 -49.06 -47.21
C ASN A 88 -15.78 -49.44 -48.69
N ALA A 89 -16.61 -48.66 -49.39
CA ALA A 89 -16.85 -48.84 -50.86
C ALA A 89 -15.90 -48.02 -51.70
N ILE A 90 -15.13 -47.15 -51.03
CA ILE A 90 -14.01 -46.45 -51.69
C ILE A 90 -12.72 -46.76 -50.95
N GLY A 91 -11.58 -46.51 -51.59
CA GLY A 91 -10.24 -46.83 -51.06
C GLY A 91 -9.69 -45.67 -50.27
N MET A 92 -10.57 -44.81 -49.76
CA MET A 92 -10.13 -43.75 -48.88
C MET A 92 -11.11 -43.67 -47.76
N VAL A 93 -10.57 -43.52 -46.57
CA VAL A 93 -11.32 -43.69 -45.34
C VAL A 93 -10.89 -42.54 -44.40
N ALA A 94 -11.73 -42.20 -43.44
CA ALA A 94 -11.41 -41.12 -42.47
C ALA A 94 -12.17 -41.26 -41.15
N PHE A 95 -11.54 -40.68 -40.11
CA PHE A 95 -11.99 -40.74 -38.72
C PHE A 95 -11.90 -39.37 -38.13
N LYS A 96 -12.90 -38.98 -37.34
CA LYS A 96 -12.75 -37.85 -36.47
C LYS A 96 -12.49 -38.34 -34.99
N ILE A 97 -11.35 -37.88 -34.46
CA ILE A 97 -10.84 -38.23 -33.14
C ILE A 97 -11.00 -37.01 -32.21
N THR A 98 -11.50 -37.31 -31.01
CA THR A 98 -11.67 -36.36 -29.94
C THR A 98 -10.97 -37.04 -28.77
N VAL A 99 -9.86 -36.47 -28.34
CA VAL A 99 -9.01 -36.98 -27.32
C VAL A 99 -8.67 -35.91 -26.30
N LYS A 100 -8.74 -36.31 -25.02
CA LYS A 100 -8.24 -35.55 -23.88
C LYS A 100 -6.76 -35.82 -23.75
N THR A 101 -6.00 -34.75 -23.72
CA THR A 101 -4.56 -34.83 -23.73
C THR A 101 -4.14 -33.93 -22.54
N PRO A 102 -2.89 -34.05 -22.09
CA PRO A 102 -2.31 -33.17 -21.12
C PRO A 102 -2.41 -31.71 -21.42
N GLU A 103 -2.33 -31.31 -22.70
CA GLU A 103 -2.44 -29.90 -23.08
C GLU A 103 -3.89 -29.50 -23.18
N TYR A 104 -4.75 -30.46 -23.56
CA TYR A 104 -6.22 -30.25 -23.70
C TYR A 104 -6.96 -31.33 -22.94
N PRO A 105 -6.96 -31.23 -21.62
CA PRO A 105 -7.53 -32.28 -20.78
C PRO A 105 -9.06 -32.41 -20.91
N ARG A 106 -9.73 -31.42 -21.48
CA ARG A 106 -11.12 -31.58 -21.80
C ARG A 106 -11.28 -31.96 -23.25
N GLY A 107 -10.20 -32.17 -23.98
CA GLY A 107 -10.32 -32.65 -25.36
C GLY A 107 -9.96 -31.67 -26.47
N ARG A 108 -9.34 -32.27 -27.46
CA ARG A 108 -9.02 -31.63 -28.73
C ARG A 108 -9.45 -32.63 -29.80
N GLN A 109 -9.68 -32.11 -31.02
CA GLN A 109 -10.13 -32.91 -32.17
C GLN A 109 -9.20 -32.78 -33.35
N PHE A 110 -9.24 -33.78 -34.20
CA PHE A 110 -8.55 -33.77 -35.48
C PHE A 110 -9.18 -34.86 -36.39
N VAL A 111 -8.85 -34.81 -37.69
CA VAL A 111 -9.22 -35.86 -38.61
C VAL A 111 -8.01 -36.67 -39.03
N VAL A 112 -8.26 -37.92 -39.23
CA VAL A 112 -7.24 -38.80 -39.83
C VAL A 112 -7.82 -39.25 -41.15
N VAL A 113 -7.10 -39.05 -42.27
CA VAL A 113 -7.58 -39.50 -43.57
C VAL A 113 -6.53 -40.45 -43.94
N ALA A 114 -6.90 -41.48 -44.66
CA ALA A 114 -6.00 -42.57 -44.95
C ALA A 114 -6.43 -43.30 -46.19
N ASN A 115 -5.49 -43.66 -47.03
CA ASN A 115 -5.76 -44.64 -48.05
C ASN A 115 -6.00 -46.01 -47.44
N ASP A 116 -6.79 -46.84 -48.10
CA ASP A 116 -6.87 -48.29 -47.81
C ASP A 116 -6.00 -49.07 -48.78
N ILE A 117 -4.85 -49.53 -48.35
CA ILE A 117 -3.92 -50.27 -49.28
C ILE A 117 -4.52 -51.59 -49.79
N THR A 118 -5.60 -52.07 -49.20
CA THR A 118 -6.26 -53.32 -49.60
C THR A 118 -7.32 -53.13 -50.68
N PHE A 119 -7.68 -51.86 -50.93
CA PHE A 119 -8.77 -51.47 -51.86
C PHE A 119 -8.08 -51.03 -53.10
N LYS A 120 -8.12 -51.90 -54.10
CA LYS A 120 -7.46 -51.61 -55.37
C LYS A 120 -6.06 -51.00 -55.17
N ILE A 121 -5.24 -51.66 -54.36
CA ILE A 121 -3.85 -51.26 -54.02
C ILE A 121 -3.63 -49.81 -53.55
N GLY A 122 -4.64 -49.32 -52.88
CA GLY A 122 -4.61 -47.97 -52.41
C GLY A 122 -4.51 -46.87 -53.46
N SER A 123 -5.08 -47.14 -54.63
CA SER A 123 -4.92 -46.32 -55.81
C SER A 123 -5.87 -45.11 -55.65
N PHE A 124 -5.49 -43.96 -56.21
CA PHE A 124 -6.38 -42.80 -56.13
C PHE A 124 -7.19 -42.72 -57.38
N GLY A 125 -8.48 -42.99 -57.25
CA GLY A 125 -9.36 -42.74 -58.33
C GLY A 125 -10.19 -41.55 -57.93
N PRO A 126 -11.06 -41.08 -58.84
CA PRO A 126 -11.87 -39.88 -58.63
C PRO A 126 -12.62 -39.81 -57.32
N GLN A 127 -13.11 -40.94 -56.86
CA GLN A 127 -13.95 -40.96 -55.68
C GLN A 127 -13.12 -40.82 -54.40
N GLU A 128 -11.94 -41.43 -54.42
CA GLU A 128 -10.96 -41.26 -53.36
C GLU A 128 -10.50 -39.80 -53.27
N ASP A 129 -10.30 -39.19 -54.43
CA ASP A 129 -9.79 -37.84 -54.53
C ASP A 129 -10.89 -36.90 -54.05
N GLU A 130 -12.10 -37.16 -54.47
CA GLU A 130 -13.23 -36.34 -53.99
C GLU A 130 -13.42 -36.46 -52.50
N PHE A 131 -13.23 -37.65 -51.93
CA PHE A 131 -13.51 -37.83 -50.49
C PHE A 131 -12.40 -37.16 -49.68
N PHE A 132 -11.16 -37.38 -50.09
CA PHE A 132 -9.98 -36.77 -49.48
C PHE A 132 -10.16 -35.24 -49.45
N ASN A 133 -10.63 -34.67 -50.56
CA ASN A 133 -10.84 -33.24 -50.65
C ASN A 133 -11.94 -32.79 -49.70
N LYS A 134 -13.09 -33.47 -49.66
CA LYS A 134 -14.16 -33.12 -48.71
C LYS A 134 -13.68 -33.17 -47.28
N VAL A 135 -12.87 -34.19 -46.99
CA VAL A 135 -12.32 -34.33 -45.62
C VAL A 135 -11.37 -33.19 -45.27
N THR A 136 -10.55 -32.79 -46.24
CA THR A 136 -9.62 -31.68 -46.06
C THR A 136 -10.38 -30.39 -45.77
N GLU A 137 -11.47 -30.13 -46.47
CA GLU A 137 -12.31 -28.92 -46.23
C GLU A 137 -13.08 -28.94 -44.92
N TYR A 138 -13.48 -30.12 -44.52
CA TYR A 138 -14.19 -30.36 -43.27
C TYR A 138 -13.31 -29.87 -42.15
N ALA A 139 -12.08 -30.31 -42.19
CA ALA A 139 -11.10 -29.92 -41.19
C ALA A 139 -10.79 -28.46 -41.23
N ARG A 140 -10.60 -27.95 -42.45
CA ARG A 140 -10.23 -26.54 -42.61
C ARG A 140 -11.33 -25.61 -42.14
N LYS A 141 -12.58 -25.95 -42.38
CA LYS A 141 -13.73 -25.18 -41.98
C LYS A 141 -13.81 -25.14 -40.44
N ARG A 142 -13.51 -26.29 -39.83
CA ARG A 142 -13.45 -26.47 -38.39
C ARG A 142 -12.17 -25.98 -37.69
N GLY A 143 -11.12 -25.75 -38.43
CA GLY A 143 -9.89 -25.23 -37.85
C GLY A 143 -8.91 -26.30 -37.37
N ILE A 144 -9.28 -27.55 -37.53
CA ILE A 144 -8.64 -28.62 -36.82
C ILE A 144 -7.60 -29.35 -37.66
N PRO A 145 -6.61 -29.95 -36.99
CA PRO A 145 -5.52 -30.61 -37.73
C PRO A 145 -6.00 -31.75 -38.64
N ARG A 146 -5.32 -31.93 -39.78
CA ARG A 146 -5.57 -32.98 -40.75
C ARG A 146 -4.29 -33.81 -40.84
N ILE A 147 -4.45 -35.07 -40.48
CA ILE A 147 -3.39 -36.07 -40.47
C ILE A 147 -3.71 -36.92 -41.65
N TYR A 148 -2.73 -37.22 -42.50
CA TYR A 148 -2.94 -38.05 -43.60
C TYR A 148 -2.03 -39.25 -43.43
N LEU A 149 -2.62 -40.44 -43.56
CA LEU A 149 -1.79 -41.67 -43.45
C LEU A 149 -1.66 -42.18 -44.85
N ALA A 150 -0.47 -42.03 -45.40
CA ALA A 150 -0.25 -42.37 -46.81
C ALA A 150 0.23 -43.81 -47.03
N ALA A 151 -0.56 -44.60 -47.75
CA ALA A 151 -0.21 -45.97 -48.18
C ALA A 151 -0.86 -46.24 -49.48
N ASN A 152 -0.11 -46.13 -50.57
CA ASN A 152 -0.79 -46.12 -51.90
C ASN A 152 0.09 -46.43 -53.04
N SER A 153 -0.57 -46.59 -54.19
CA SER A 153 0.08 -46.79 -55.46
C SER A 153 -0.22 -45.70 -56.50
N GLY A 154 -0.46 -44.46 -56.06
CA GLY A 154 -0.65 -43.37 -56.94
C GLY A 154 -1.98 -43.40 -57.62
N ALA A 155 -2.09 -42.63 -58.70
CA ALA A 155 -3.34 -42.62 -59.51
C ALA A 155 -3.70 -44.01 -60.07
N ARG A 156 -5.00 -44.29 -60.04
CA ARG A 156 -5.62 -45.47 -60.61
C ARG A 156 -5.50 -45.41 -62.14
N ILE A 157 -5.24 -46.59 -62.72
CA ILE A 157 -5.07 -46.74 -64.15
C ILE A 157 -5.92 -47.91 -64.63
N GLY A 158 -5.98 -48.06 -65.95
CA GLY A 158 -6.93 -48.96 -66.61
C GLY A 158 -7.08 -48.70 -68.10
N MET A 159 -7.51 -49.77 -68.79
CA MET A 159 -8.04 -49.72 -70.13
C MET A 159 -9.52 -50.11 -70.12
N ALA A 160 -10.13 -49.98 -71.31
CA ALA A 160 -11.53 -50.28 -71.52
C ALA A 160 -11.49 -51.79 -71.86
N GLU A 161 -11.86 -52.58 -70.85
CA GLU A 161 -11.61 -54.01 -70.88
C GLU A 161 -12.70 -54.64 -71.77
N GLU A 162 -13.92 -54.11 -71.72
CA GLU A 162 -14.94 -54.46 -72.67
C GLU A 162 -14.46 -54.41 -74.16
N ILE A 163 -13.53 -53.54 -74.48
CA ILE A 163 -13.13 -53.44 -75.85
C ILE A 163 -12.03 -54.46 -76.18
N VAL A 164 -11.42 -55.09 -75.19
CA VAL A 164 -10.29 -55.96 -75.49
C VAL A 164 -10.69 -57.18 -76.36
N PRO A 165 -11.84 -57.85 -76.04
CA PRO A 165 -12.17 -59.05 -76.83
C PRO A 165 -12.89 -58.78 -78.17
N LEU A 166 -13.40 -57.55 -78.33
CA LEU A 166 -14.14 -57.10 -79.51
C LEU A 166 -13.33 -56.45 -80.67
N PHE A 167 -12.13 -55.97 -80.40
CA PHE A 167 -11.49 -55.10 -81.38
C PHE A 167 -10.95 -55.96 -82.51
N GLN A 168 -10.85 -55.38 -83.71
CA GLN A 168 -10.29 -56.07 -84.86
C GLN A 168 -9.19 -55.23 -85.43
N VAL A 169 -8.10 -55.85 -85.86
CA VAL A 169 -7.01 -55.09 -86.46
C VAL A 169 -7.10 -55.22 -87.96
N ALA A 170 -7.07 -54.06 -88.64
CA ALA A 170 -7.18 -53.96 -90.12
C ALA A 170 -5.79 -54.04 -90.73
N TRP A 171 -5.41 -55.27 -91.11
CA TRP A 171 -4.06 -55.57 -91.59
C TRP A 171 -3.85 -55.00 -92.98
N ASN A 172 -2.60 -54.61 -93.22
CA ASN A 172 -2.20 -54.29 -94.57
C ASN A 172 -2.38 -55.57 -95.40
N ASP A 173 -1.63 -56.62 -95.01
CA ASP A 173 -1.65 -57.97 -95.61
C ASP A 173 -2.17 -59.06 -94.63
N ALA A 174 -3.44 -59.44 -94.75
CA ALA A 174 -4.09 -60.39 -93.80
C ALA A 174 -3.22 -61.58 -93.32
N ALA A 175 -2.80 -62.45 -94.24
CA ALA A 175 -2.03 -63.66 -93.88
C ALA A 175 -0.52 -63.36 -93.71
N ASN A 176 -0.14 -62.08 -93.80
CA ASN A 176 1.19 -61.62 -93.35
C ASN A 176 1.10 -60.39 -92.41
N PRO A 177 0.89 -60.64 -91.10
CA PRO A 177 0.69 -59.59 -90.08
C PRO A 177 1.94 -58.72 -89.91
N ASP A 178 3.09 -59.40 -89.83
CA ASP A 178 4.42 -58.84 -90.06
C ASP A 178 4.54 -57.37 -90.50
N LYS A 179 3.99 -56.98 -91.66
CA LYS A 179 4.23 -55.57 -92.17
C LYS A 179 3.05 -54.60 -91.90
N GLY A 180 2.61 -54.63 -90.65
CA GLY A 180 1.80 -53.55 -90.13
C GLY A 180 0.31 -53.77 -90.16
N PHE A 181 -0.37 -52.78 -89.57
CA PHE A 181 -1.81 -52.64 -89.64
C PHE A 181 -2.09 -51.17 -89.90
N GLN A 182 -3.31 -50.89 -90.32
CA GLN A 182 -3.74 -49.55 -90.69
C GLN A 182 -4.44 -48.85 -89.50
N TYR A 183 -5.33 -49.59 -88.85
CA TYR A 183 -6.09 -49.05 -87.74
C TYR A 183 -6.67 -50.21 -86.96
N LEU A 184 -7.57 -49.92 -86.01
CA LEU A 184 -8.33 -50.91 -85.28
C LEU A 184 -9.79 -50.61 -85.50
N TYR A 185 -10.66 -51.62 -85.45
CA TYR A 185 -12.06 -51.41 -85.77
C TYR A 185 -13.02 -52.34 -85.06
N LEU A 186 -14.28 -51.98 -85.19
CA LEU A 186 -15.36 -52.79 -84.69
C LEU A 186 -16.31 -53.26 -85.84
N THR A 187 -16.66 -54.54 -85.82
CA THR A 187 -17.71 -55.11 -86.66
C THR A 187 -19.06 -54.71 -86.09
N SER A 188 -20.11 -55.01 -86.84
CA SER A 188 -21.47 -54.74 -86.44
C SER A 188 -21.85 -55.57 -85.20
N GLU A 189 -21.22 -56.74 -85.01
CA GLU A 189 -21.49 -57.55 -83.79
C GLU A 189 -20.73 -57.04 -82.56
N GLY A 190 -19.61 -56.33 -82.81
CA GLY A 190 -18.89 -55.53 -81.78
C GLY A 190 -19.81 -54.41 -81.37
N MET A 191 -20.15 -53.58 -82.34
CA MET A 191 -21.09 -52.51 -82.10
C MET A 191 -22.37 -52.99 -81.42
N GLU A 192 -22.79 -54.23 -81.71
CA GLU A 192 -24.09 -54.68 -81.19
C GLU A 192 -23.90 -55.21 -79.80
N THR A 193 -22.83 -55.96 -79.58
CA THR A 193 -22.44 -56.39 -78.22
C THR A 193 -22.37 -55.19 -77.22
N LEU A 194 -21.88 -54.04 -77.72
CA LEU A 194 -21.79 -52.79 -76.94
C LEU A 194 -23.16 -52.19 -76.66
N LYS A 195 -23.90 -51.91 -77.72
CA LYS A 195 -25.30 -51.46 -77.62
C LYS A 195 -26.09 -52.37 -76.67
N LYS A 196 -25.83 -53.67 -76.73
CA LYS A 196 -26.45 -54.71 -75.85
C LYS A 196 -26.26 -54.42 -74.36
N PHE A 197 -25.04 -54.05 -73.98
CA PHE A 197 -24.70 -53.80 -72.58
C PHE A 197 -24.81 -52.32 -72.16
N ASP A 198 -25.25 -51.47 -73.08
CA ASP A 198 -25.45 -50.04 -72.85
C ASP A 198 -24.09 -49.35 -72.72
N LYS A 199 -23.13 -49.78 -73.53
CA LYS A 199 -21.75 -49.30 -73.51
C LYS A 199 -21.31 -48.81 -74.90
N GLU A 200 -22.13 -47.98 -75.53
CA GLU A 200 -21.89 -47.55 -76.94
C GLU A 200 -20.93 -46.37 -76.95
N ASN A 201 -21.24 -45.45 -76.03
CA ASN A 201 -20.34 -44.49 -75.37
C ASN A 201 -18.87 -44.91 -75.19
N SER A 202 -18.59 -46.20 -75.04
CA SER A 202 -17.23 -46.71 -74.74
C SER A 202 -16.20 -46.44 -75.79
N VAL A 203 -16.67 -46.01 -76.94
CA VAL A 203 -15.78 -45.98 -78.10
C VAL A 203 -16.30 -44.97 -79.10
N LEU A 204 -15.38 -44.33 -79.80
CA LEU A 204 -15.73 -43.39 -80.84
C LEU A 204 -15.25 -44.00 -82.18
N THR A 205 -16.22 -44.13 -83.08
CA THR A 205 -16.08 -44.93 -84.29
C THR A 205 -16.40 -44.09 -85.51
N GLU A 206 -15.64 -44.31 -86.58
CA GLU A 206 -15.97 -43.77 -87.88
C GLU A 206 -16.31 -44.93 -88.79
N ARG A 207 -17.56 -44.93 -89.28
CA ARG A 207 -18.01 -45.91 -90.30
C ARG A 207 -17.27 -45.73 -91.65
N THR A 208 -16.62 -46.81 -92.12
CA THR A 208 -16.19 -46.93 -93.54
C THR A 208 -16.25 -48.38 -94.00
N VAL A 209 -17.12 -48.63 -94.98
CA VAL A 209 -17.26 -49.95 -95.66
C VAL A 209 -16.11 -50.17 -96.60
N ILE A 210 -15.20 -51.09 -96.26
CA ILE A 210 -14.13 -51.46 -97.17
C ILE A 210 -14.54 -52.82 -97.77
N ASN A 211 -14.18 -53.00 -99.07
CA ASN A 211 -14.82 -53.96 -100.04
C ASN A 211 -16.01 -54.76 -99.51
N GLY A 212 -15.74 -55.94 -98.93
CA GLY A 212 -16.78 -56.71 -98.24
C GLY A 212 -17.73 -55.86 -97.38
N GLU A 213 -17.28 -55.53 -96.16
CA GLU A 213 -18.22 -55.16 -95.09
C GLU A 213 -17.99 -53.80 -94.40
N GLU A 214 -18.97 -53.46 -93.53
CA GLU A 214 -18.88 -52.32 -92.60
C GLU A 214 -17.87 -52.60 -91.47
N ARG A 215 -16.85 -51.73 -91.43
CA ARG A 215 -15.87 -51.63 -90.34
C ARG A 215 -16.10 -50.26 -89.65
N PHE A 216 -16.44 -50.30 -88.36
CA PHE A 216 -16.46 -49.10 -87.53
C PHE A 216 -15.03 -48.88 -86.94
N VAL A 217 -14.34 -47.85 -87.45
CA VAL A 217 -12.97 -47.54 -87.04
C VAL A 217 -12.91 -46.93 -85.61
N ILE A 218 -12.03 -47.47 -84.76
CA ILE A 218 -11.79 -46.89 -83.41
C ILE A 218 -10.94 -45.65 -83.60
N LYS A 219 -11.57 -44.50 -83.36
CA LYS A 219 -10.91 -43.18 -83.33
C LYS A 219 -10.45 -42.81 -81.90
N THR A 220 -11.22 -43.21 -80.89
CA THR A 220 -10.85 -42.97 -79.53
C THR A 220 -11.51 -44.04 -78.68
N ILE A 221 -10.76 -44.65 -77.75
CA ILE A 221 -11.36 -45.52 -76.70
C ILE A 221 -11.63 -44.66 -75.43
N ILE A 222 -12.88 -44.65 -74.98
CA ILE A 222 -13.27 -43.95 -73.77
C ILE A 222 -13.40 -44.88 -72.54
N GLY A 223 -14.19 -45.95 -72.67
CA GLY A 223 -14.37 -46.95 -71.63
C GLY A 223 -15.60 -46.67 -70.83
N SER A 224 -16.26 -47.71 -70.35
CA SER A 224 -17.46 -47.51 -69.52
C SER A 224 -17.06 -47.25 -68.06
N GLU A 225 -15.90 -47.78 -67.71
CA GLU A 225 -15.40 -47.81 -66.36
C GLU A 225 -14.68 -46.51 -66.11
N ASP A 226 -15.20 -45.74 -65.14
CA ASP A 226 -14.50 -44.59 -64.55
C ASP A 226 -13.14 -44.95 -63.86
N GLY A 227 -12.20 -44.04 -63.92
CA GLY A 227 -10.96 -44.26 -63.21
C GLY A 227 -9.83 -44.86 -63.99
N LEU A 228 -9.72 -44.55 -65.30
CA LEU A 228 -8.70 -45.13 -66.16
C LEU A 228 -7.54 -44.25 -66.50
N GLY A 229 -7.78 -42.93 -66.52
CA GLY A 229 -6.75 -41.98 -66.97
C GLY A 229 -6.91 -40.56 -66.46
N VAL A 230 -7.12 -39.65 -67.40
CA VAL A 230 -7.02 -38.22 -67.11
C VAL A 230 -8.00 -37.80 -66.01
N GLU A 231 -9.12 -38.51 -65.86
CA GLU A 231 -10.05 -38.15 -64.81
C GLU A 231 -9.46 -38.36 -63.39
N CYS A 232 -8.41 -39.16 -63.31
CA CYS A 232 -7.70 -39.50 -62.11
C CYS A 232 -6.62 -38.46 -61.84
N LEU A 233 -6.12 -37.90 -62.94
CA LEU A 233 -5.16 -36.80 -62.94
C LEU A 233 -5.87 -35.48 -62.51
N ARG A 234 -7.10 -35.22 -63.00
CA ARG A 234 -7.89 -34.12 -62.54
C ARG A 234 -8.02 -34.17 -61.00
N GLY A 235 -8.43 -35.31 -60.45
CA GLY A 235 -8.62 -35.47 -59.02
C GLY A 235 -7.30 -35.37 -58.26
N SER A 236 -6.23 -35.83 -58.90
CA SER A 236 -4.91 -35.65 -58.32
C SER A 236 -4.62 -34.18 -58.07
N GLY A 237 -4.76 -33.34 -59.09
CA GLY A 237 -4.52 -31.90 -58.94
C GLY A 237 -5.49 -31.23 -57.97
N LEU A 238 -6.73 -31.67 -57.93
CA LEU A 238 -7.68 -31.16 -56.95
C LEU A 238 -7.13 -31.30 -55.54
N ILE A 239 -6.71 -32.49 -55.19
CA ILE A 239 -6.20 -32.76 -53.82
C ILE A 239 -4.77 -32.23 -53.58
N ALA A 240 -3.97 -32.08 -54.65
CA ALA A 240 -2.70 -31.30 -54.55
C ALA A 240 -2.96 -29.83 -54.14
N GLY A 241 -3.91 -29.15 -54.78
CA GLY A 241 -4.22 -27.79 -54.46
C GLY A 241 -4.89 -27.67 -53.12
N ALA A 242 -5.69 -28.68 -52.77
CA ALA A 242 -6.45 -28.65 -51.52
C ALA A 242 -5.46 -28.71 -50.39
N THR A 243 -4.41 -29.52 -50.59
CA THR A 243 -3.35 -29.69 -49.58
C THR A 243 -2.36 -28.50 -49.49
N SER A 244 -2.08 -27.85 -50.62
CA SER A 244 -1.30 -26.61 -50.61
C SER A 244 -1.95 -25.55 -49.70
N ARG A 245 -3.28 -25.51 -49.77
CA ARG A 245 -4.14 -24.54 -49.19
C ARG A 245 -4.23 -24.85 -47.72
N ALA A 246 -4.35 -26.15 -47.41
CA ALA A 246 -4.53 -26.60 -46.02
C ALA A 246 -3.30 -26.29 -45.15
N TYR A 247 -2.12 -26.55 -45.71
CA TYR A 247 -0.89 -26.17 -45.08
C TYR A 247 -0.90 -24.77 -44.53
N HIS A 248 -1.58 -23.83 -45.18
CA HIS A 248 -1.56 -22.44 -44.74
C HIS A 248 -2.67 -22.18 -43.78
N ASP A 249 -3.42 -23.19 -43.50
CA ASP A 249 -4.65 -22.98 -42.80
C ASP A 249 -4.84 -23.73 -41.45
N ILE A 250 -4.29 -24.94 -41.44
CA ILE A 250 -4.40 -25.86 -40.35
C ILE A 250 -3.12 -26.59 -40.21
N PHE A 251 -3.01 -27.27 -39.07
CA PHE A 251 -1.91 -28.12 -38.87
C PHE A 251 -2.09 -29.27 -39.80
N THR A 252 -1.08 -29.48 -40.65
CA THR A 252 -1.05 -30.65 -41.55
C THR A 252 0.14 -31.55 -41.30
N ILE A 253 -0.11 -32.83 -41.31
CA ILE A 253 0.96 -33.76 -41.19
C ILE A 253 0.57 -35.02 -41.87
N THR A 254 1.61 -35.70 -42.36
CA THR A 254 1.45 -37.01 -43.07
C THR A 254 2.38 -38.08 -42.50
N LEU A 255 1.89 -39.31 -42.41
CA LEU A 255 2.74 -40.46 -42.07
C LEU A 255 2.83 -41.38 -43.23
N VAL A 256 4.05 -41.69 -43.65
CA VAL A 256 4.22 -42.59 -44.81
C VAL A 256 4.44 -44.00 -44.29
N THR A 257 3.49 -44.85 -44.62
CA THR A 257 3.50 -46.15 -44.05
C THR A 257 3.41 -47.34 -44.95
N CYS A 258 3.11 -47.20 -46.21
CA CYS A 258 3.56 -48.27 -47.12
C CYS A 258 4.24 -47.42 -48.25
N ARG A 259 4.59 -47.92 -49.38
CA ARG A 259 4.82 -46.94 -50.46
C ARG A 259 3.81 -45.69 -50.43
N SER A 260 4.32 -44.53 -50.84
CA SER A 260 3.50 -43.42 -51.32
C SER A 260 4.02 -43.07 -52.71
N VAL A 261 3.11 -43.06 -53.67
CA VAL A 261 3.50 -43.02 -55.08
C VAL A 261 2.76 -41.91 -55.85
N GLY A 262 3.53 -41.22 -56.69
CA GLY A 262 2.96 -40.22 -57.57
C GLY A 262 2.24 -39.12 -56.86
N ILE A 263 0.94 -38.99 -57.07
CA ILE A 263 0.21 -38.04 -56.29
C ILE A 263 0.45 -38.26 -54.79
N GLY A 264 0.62 -39.51 -54.34
CA GLY A 264 0.94 -39.78 -52.97
C GLY A 264 2.20 -39.14 -52.45
N ALA A 265 3.24 -39.08 -53.27
CA ALA A 265 4.48 -38.43 -52.91
C ALA A 265 4.28 -36.95 -52.83
N TYR A 266 3.58 -36.39 -53.80
CA TYR A 266 3.23 -34.92 -53.80
C TYR A 266 2.42 -34.52 -52.58
N LEU A 267 1.47 -35.34 -52.19
CA LEU A 267 0.70 -35.08 -51.02
C LEU A 267 1.61 -35.03 -49.76
N VAL A 268 2.61 -35.89 -49.75
CA VAL A 268 3.52 -35.93 -48.60
C VAL A 268 4.20 -34.58 -48.46
N ARG A 269 4.78 -34.10 -49.56
CA ARG A 269 5.51 -32.82 -49.59
C ARG A 269 4.58 -31.62 -49.41
N LEU A 270 3.41 -31.66 -50.01
CA LEU A 270 2.51 -30.51 -50.00
C LEU A 270 2.00 -30.21 -48.62
N GLY A 271 1.90 -31.26 -47.81
CA GLY A 271 1.40 -31.10 -46.41
C GLY A 271 2.52 -30.68 -45.48
N GLN A 272 3.72 -30.71 -46.03
CA GLN A 272 4.98 -30.22 -45.47
C GLN A 272 5.56 -31.20 -44.40
N ARG A 273 4.86 -31.33 -43.25
CA ARG A 273 5.32 -32.10 -42.09
C ARG A 273 5.14 -33.59 -42.44
N ALA A 274 6.22 -34.36 -42.47
CA ALA A 274 6.15 -35.74 -42.84
C ALA A 274 7.11 -36.62 -41.98
N ILE A 275 6.57 -37.79 -41.64
CA ILE A 275 7.23 -38.84 -40.85
C ILE A 275 7.20 -40.08 -41.70
N GLN A 276 8.36 -40.63 -42.01
CA GLN A 276 8.48 -41.74 -42.93
C GLN A 276 8.90 -43.01 -42.15
N VAL A 277 8.05 -44.03 -42.14
CA VAL A 277 8.41 -45.27 -41.55
C VAL A 277 9.56 -45.87 -42.40
N GLU A 278 10.60 -46.33 -41.73
CA GLU A 278 11.74 -46.96 -42.36
C GLU A 278 11.32 -48.02 -43.33
N GLY A 279 11.99 -48.07 -44.47
CA GLY A 279 11.68 -49.06 -45.50
C GLY A 279 10.42 -48.83 -46.34
N GLN A 280 9.76 -47.70 -46.14
CA GLN A 280 8.53 -47.44 -46.86
C GLN A 280 8.74 -46.25 -47.79
N PRO A 281 8.92 -46.50 -49.11
CA PRO A 281 9.40 -45.42 -49.99
C PRO A 281 8.32 -44.42 -50.47
N ILE A 282 8.82 -43.23 -50.71
CA ILE A 282 8.15 -42.09 -51.28
C ILE A 282 8.75 -41.92 -52.67
N ILE A 283 7.98 -42.33 -53.66
CA ILE A 283 8.46 -42.31 -55.03
C ILE A 283 7.51 -41.62 -56.04
N LEU A 284 8.12 -41.21 -57.13
CA LEU A 284 7.40 -40.61 -58.22
C LEU A 284 7.20 -41.76 -59.23
N THR A 285 8.27 -42.30 -59.74
CA THR A 285 8.16 -43.50 -60.58
C THR A 285 9.00 -44.63 -59.96
N GLY A 286 8.48 -45.85 -60.01
CA GLY A 286 9.20 -47.02 -59.51
C GLY A 286 10.40 -47.38 -60.33
N ALA A 287 11.32 -48.09 -59.71
CA ALA A 287 12.54 -48.59 -60.33
C ALA A 287 12.30 -49.54 -61.51
N PRO A 288 11.35 -50.48 -61.41
CA PRO A 288 11.10 -51.22 -62.67
C PRO A 288 10.80 -50.29 -63.87
N ALA A 289 9.78 -49.44 -63.77
CA ALA A 289 9.49 -48.43 -64.82
C ALA A 289 10.68 -47.57 -65.21
N ILE A 290 11.45 -47.11 -64.25
CA ILE A 290 12.61 -46.30 -64.60
C ILE A 290 13.57 -47.19 -65.38
N ASN A 291 14.05 -48.28 -64.79
CA ASN A 291 14.87 -49.27 -65.51
C ASN A 291 14.31 -49.63 -66.91
N LYS A 292 13.06 -50.08 -67.00
CA LYS A 292 12.44 -50.44 -68.32
C LYS A 292 12.55 -49.32 -69.34
N MET A 293 12.76 -48.11 -68.89
CA MET A 293 12.85 -47.00 -69.79
C MET A 293 14.31 -46.70 -70.13
N LEU A 294 15.24 -47.15 -69.31
CA LEU A 294 16.66 -46.97 -69.56
C LEU A 294 17.26 -48.23 -70.25
N GLY A 295 16.37 -49.18 -70.60
CA GLY A 295 16.76 -50.54 -71.06
C GLY A 295 17.43 -51.30 -69.92
N ARG A 296 18.63 -50.79 -69.60
CA ARG A 296 19.46 -51.16 -68.45
C ARG A 296 18.69 -51.29 -67.12
N GLU A 297 19.24 -52.14 -66.24
CA GLU A 297 18.79 -52.32 -64.84
C GLU A 297 19.63 -51.51 -63.85
N VAL A 298 19.35 -50.21 -63.80
CA VAL A 298 20.13 -49.30 -62.96
C VAL A 298 19.87 -49.52 -61.48
N TYR A 299 18.60 -49.77 -61.14
CA TYR A 299 18.11 -49.68 -59.78
C TYR A 299 17.55 -50.98 -59.35
N THR A 300 17.90 -51.39 -58.14
CA THR A 300 17.37 -52.61 -57.57
C THR A 300 16.13 -52.47 -56.69
N SER A 301 15.96 -51.28 -56.06
CA SER A 301 14.95 -51.02 -55.01
C SER A 301 14.29 -49.64 -55.12
N ASN A 302 12.98 -49.60 -55.04
CA ASN A 302 12.32 -48.32 -54.78
C ASN A 302 12.91 -47.48 -53.59
N LEU A 303 13.64 -48.13 -52.68
CA LEU A 303 14.30 -47.46 -51.55
C LEU A 303 15.52 -46.70 -52.00
N GLN A 304 16.09 -47.07 -53.13
CA GLN A 304 17.16 -46.27 -53.67
C GLN A 304 16.69 -44.93 -54.19
N LEU A 305 15.41 -44.86 -54.59
CA LEU A 305 14.79 -43.65 -55.20
C LEU A 305 14.08 -42.75 -54.17
N GLY A 306 13.43 -43.36 -53.17
CA GLY A 306 12.76 -42.61 -52.13
C GLY A 306 12.60 -43.26 -50.78
N GLY A 307 13.61 -44.02 -50.35
CA GLY A 307 13.68 -44.48 -48.97
C GLY A 307 14.11 -43.32 -48.09
N THR A 308 14.34 -43.58 -46.79
CA THR A 308 14.65 -42.54 -45.80
C THR A 308 16.02 -41.96 -46.04
N GLN A 309 16.90 -42.77 -46.59
CA GLN A 309 18.20 -42.32 -46.99
C GLN A 309 18.19 -41.32 -48.12
N ILE A 310 17.07 -41.23 -48.83
CA ILE A 310 16.84 -40.09 -49.76
C ILE A 310 16.06 -39.00 -49.02
N MET A 311 14.87 -39.33 -48.53
CA MET A 311 13.97 -38.29 -48.07
C MET A 311 14.20 -37.68 -46.69
N TYR A 312 14.89 -38.40 -45.82
CA TYR A 312 15.16 -37.90 -44.50
C TYR A 312 16.40 -37.07 -44.67
N ASN A 313 17.36 -37.56 -45.47
CA ASN A 313 18.58 -36.79 -45.79
C ASN A 313 18.36 -35.47 -46.59
N ASN A 314 17.20 -35.38 -47.27
CA ASN A 314 16.65 -34.25 -48.11
C ASN A 314 15.93 -33.17 -47.43
N GLY A 315 15.27 -33.60 -46.38
CA GLY A 315 14.34 -32.73 -45.66
C GLY A 315 12.92 -32.83 -46.13
N VAL A 316 12.60 -33.77 -47.03
CA VAL A 316 11.20 -34.07 -47.37
C VAL A 316 10.50 -34.78 -46.20
N SER A 317 11.22 -35.77 -45.65
CA SER A 317 10.84 -36.46 -44.40
C SER A 317 11.51 -35.71 -43.23
N HIS A 318 10.68 -35.16 -42.36
CA HIS A 318 11.15 -34.43 -41.21
C HIS A 318 11.67 -35.39 -40.14
N LEU A 319 11.04 -36.56 -40.05
CA LEU A 319 11.47 -37.64 -39.17
C LEU A 319 11.28 -38.98 -39.81
N THR A 320 11.97 -39.97 -39.28
CA THR A 320 11.70 -41.37 -39.60
C THR A 320 11.10 -42.06 -38.41
N ALA A 321 10.50 -43.20 -38.65
CA ALA A 321 9.88 -43.97 -37.57
C ALA A 321 10.12 -45.45 -37.81
N VAL A 322 10.36 -46.17 -36.73
CA VAL A 322 10.83 -47.55 -36.80
C VAL A 322 9.72 -48.50 -37.20
N ASP A 323 8.47 -48.12 -36.87
CA ASP A 323 7.27 -48.81 -37.27
C ASP A 323 6.07 -47.84 -37.20
N ASP A 324 4.87 -48.31 -37.58
CA ASP A 324 3.66 -47.43 -37.62
C ASP A 324 3.31 -46.77 -36.30
N LEU A 325 3.28 -47.55 -35.22
CA LEU A 325 2.97 -46.96 -33.92
C LEU A 325 3.96 -45.90 -33.57
N ALA A 326 5.22 -46.11 -33.88
CA ALA A 326 6.17 -45.09 -33.50
C ALA A 326 5.90 -43.77 -34.21
N GLY A 327 5.54 -43.87 -35.48
CA GLY A 327 5.16 -42.70 -36.29
C GLY A 327 3.95 -41.97 -35.76
N VAL A 328 2.95 -42.73 -35.34
CA VAL A 328 1.74 -42.19 -34.68
C VAL A 328 2.06 -41.47 -33.40
N GLU A 329 3.00 -42.03 -32.64
CA GLU A 329 3.44 -41.39 -31.38
C GLU A 329 4.18 -40.12 -31.72
N LYS A 330 5.01 -40.17 -32.76
CA LYS A 330 5.63 -38.89 -33.18
C LYS A 330 4.65 -37.78 -33.64
N ILE A 331 3.56 -38.15 -34.30
CA ILE A 331 2.49 -37.24 -34.62
C ILE A 331 1.86 -36.61 -33.39
N VAL A 332 1.41 -37.46 -32.47
CA VAL A 332 0.75 -37.05 -31.19
C VAL A 332 1.62 -36.09 -30.38
N GLU A 333 2.89 -36.36 -30.45
CA GLU A 333 3.94 -35.58 -29.78
C GLU A 333 4.16 -34.22 -30.44
N TRP A 334 4.30 -34.25 -31.75
CA TRP A 334 4.31 -33.03 -32.55
C TRP A 334 3.07 -32.17 -32.30
N MET A 335 1.88 -32.78 -32.25
CA MET A 335 0.66 -31.99 -31.99
C MET A 335 0.57 -31.34 -30.61
N SER A 336 1.38 -31.89 -29.69
CA SER A 336 1.27 -31.48 -28.29
C SER A 336 1.74 -30.05 -28.14
N TYR A 337 2.49 -29.52 -29.14
CA TYR A 337 2.91 -28.07 -29.17
C TYR A 337 1.97 -27.11 -29.87
N VAL A 338 0.90 -27.64 -30.45
CA VAL A 338 0.11 -26.97 -31.47
C VAL A 338 -1.34 -26.64 -30.96
N PRO A 339 -1.86 -25.42 -31.28
CA PRO A 339 -3.26 -25.13 -30.84
C PRO A 339 -4.23 -26.17 -31.22
N ALA A 340 -5.25 -26.28 -30.39
CA ALA A 340 -6.30 -27.29 -30.58
C ALA A 340 -7.04 -27.09 -31.91
N LYS A 341 -7.21 -25.82 -32.28
CA LYS A 341 -7.60 -25.44 -33.61
C LYS A 341 -7.10 -24.07 -34.02
N ARG A 342 -7.31 -23.71 -35.31
CA ARG A 342 -6.76 -22.46 -35.88
C ARG A 342 -7.18 -21.30 -35.00
N ASN A 343 -6.18 -20.49 -34.69
CA ASN A 343 -6.29 -19.28 -33.88
C ASN A 343 -6.62 -19.45 -32.42
N MET A 344 -6.71 -20.65 -31.92
CA MET A 344 -6.70 -20.78 -30.51
C MET A 344 -5.27 -20.55 -29.96
N PRO A 345 -5.19 -20.15 -28.68
CA PRO A 345 -3.87 -19.96 -28.05
C PRO A 345 -3.04 -21.20 -28.10
N VAL A 346 -1.74 -21.00 -28.20
CA VAL A 346 -0.80 -22.10 -28.09
C VAL A 346 -0.95 -22.78 -26.73
N PRO A 347 -0.85 -24.13 -26.71
CA PRO A 347 -1.16 -24.88 -25.51
C PRO A 347 -0.07 -24.80 -24.44
N ILE A 348 -0.34 -24.09 -23.37
CA ILE A 348 0.58 -24.08 -22.22
C ILE A 348 0.71 -25.47 -21.55
N LEU A 349 1.92 -25.96 -21.35
CA LEU A 349 2.06 -27.18 -20.54
C LEU A 349 3.21 -27.03 -19.56
N GLU A 350 2.88 -26.63 -18.34
CA GLU A 350 3.84 -26.56 -17.28
C GLU A 350 4.20 -27.98 -16.81
N THR A 351 5.51 -28.23 -16.76
CA THR A 351 6.01 -29.46 -16.14
C THR A 351 6.89 -29.08 -14.90
N LYS A 352 7.48 -30.11 -14.26
CA LYS A 352 8.30 -29.94 -13.05
C LYS A 352 9.43 -28.99 -13.23
N ASP A 353 9.98 -28.92 -14.45
CA ASP A 353 10.98 -27.88 -14.75
C ASP A 353 10.31 -26.55 -14.98
N THR A 354 10.33 -25.75 -13.95
CA THR A 354 9.54 -24.53 -13.84
C THR A 354 10.42 -23.40 -14.32
N TRP A 355 9.78 -22.31 -14.73
CA TRP A 355 10.55 -21.20 -15.26
C TRP A 355 11.72 -20.69 -14.37
N ASP A 356 11.49 -20.79 -13.07
CA ASP A 356 12.23 -19.97 -12.11
C ASP A 356 13.50 -20.65 -11.65
N ARG A 357 14.49 -20.69 -12.55
CA ARG A 357 15.77 -21.31 -12.31
C ARG A 357 16.82 -20.65 -13.18
N PRO A 358 18.07 -20.72 -12.78
CA PRO A 358 19.10 -20.34 -13.74
C PRO A 358 19.31 -21.40 -14.79
N VAL A 359 20.11 -20.99 -15.78
CA VAL A 359 20.48 -21.88 -16.86
C VAL A 359 21.83 -22.43 -16.48
N ASP A 360 21.97 -23.76 -16.43
CA ASP A 360 23.23 -24.42 -16.07
C ASP A 360 24.20 -24.51 -17.21
N PHE A 361 23.86 -25.25 -18.28
CA PHE A 361 24.86 -25.51 -19.32
C PHE A 361 25.26 -24.22 -19.98
N THR A 362 26.52 -23.81 -19.80
CA THR A 362 27.05 -22.59 -20.46
C THR A 362 28.22 -22.95 -21.37
N PRO A 363 28.16 -22.55 -22.65
CA PRO A 363 29.20 -22.92 -23.59
C PRO A 363 30.46 -22.09 -23.36
N THR A 364 31.61 -22.60 -23.73
CA THR A 364 32.88 -21.82 -23.61
C THR A 364 33.60 -21.77 -24.95
N ASN A 365 34.35 -20.68 -25.21
CA ASN A 365 35.04 -20.58 -26.53
C ASN A 365 36.14 -21.63 -26.60
N ASP A 366 36.65 -22.01 -25.42
CA ASP A 366 37.78 -22.96 -25.35
C ASP A 366 37.32 -24.31 -25.96
N GLU A 367 36.19 -24.81 -25.44
CA GLU A 367 35.66 -26.14 -25.68
C GLU A 367 34.50 -26.23 -26.75
N THR A 368 34.59 -27.29 -27.55
CA THR A 368 33.52 -27.77 -28.42
C THR A 368 32.25 -28.13 -27.64
N TYR A 369 31.09 -27.76 -28.22
CA TYR A 369 29.77 -28.08 -27.63
C TYR A 369 28.73 -28.45 -28.68
N ASP A 370 27.77 -29.27 -28.24
CA ASP A 370 26.52 -29.51 -28.90
C ASP A 370 25.52 -28.48 -28.44
N VAL A 371 25.03 -27.71 -29.42
CA VAL A 371 24.05 -26.62 -29.12
C VAL A 371 22.76 -27.16 -28.48
N ARG A 372 22.49 -28.43 -28.73
CA ARG A 372 21.36 -29.06 -28.08
C ARG A 372 21.43 -29.03 -26.52
N TRP A 373 22.63 -29.05 -25.99
CA TRP A 373 22.84 -28.89 -24.55
C TRP A 373 22.37 -27.54 -24.08
N MET A 374 22.63 -26.50 -24.85
CA MET A 374 22.11 -25.18 -24.48
C MET A 374 20.57 -25.10 -24.50
N ILE A 375 19.95 -25.89 -25.36
CA ILE A 375 18.50 -25.89 -25.58
C ILE A 375 17.74 -26.68 -24.49
N GLU A 376 18.05 -27.96 -24.41
CA GLU A 376 17.36 -28.91 -23.59
C GLU A 376 18.16 -29.37 -22.33
N GLY A 377 19.43 -28.97 -22.27
CA GLY A 377 20.38 -29.38 -21.25
C GLY A 377 21.11 -30.68 -21.49
N ARG A 378 21.86 -31.06 -20.47
CA ARG A 378 22.80 -32.16 -20.58
C ARG A 378 22.94 -32.99 -19.30
N GLU A 379 22.92 -34.30 -19.51
CA GLU A 379 23.27 -35.31 -18.49
C GLU A 379 24.81 -35.25 -18.25
N THR A 380 25.24 -35.06 -17.00
CA THR A 380 26.67 -35.23 -16.62
C THR A 380 26.84 -36.34 -15.56
N GLU A 381 28.07 -36.56 -15.10
CA GLU A 381 28.29 -37.52 -13.98
C GLU A 381 27.87 -36.91 -12.65
N SER A 382 28.22 -35.65 -12.42
CA SER A 382 27.60 -34.78 -11.37
C SER A 382 26.11 -34.47 -11.51
N GLY A 383 25.47 -35.00 -12.54
CA GLY A 383 24.00 -34.82 -12.70
C GLY A 383 23.55 -33.80 -13.75
N PHE A 384 22.23 -33.66 -13.88
CA PHE A 384 21.66 -32.88 -15.01
C PHE A 384 22.00 -31.41 -14.93
N GLU A 385 22.60 -30.93 -16.02
CA GLU A 385 22.76 -29.50 -16.27
C GLU A 385 21.61 -29.02 -17.18
N TYR A 386 20.75 -28.20 -16.61
CA TYR A 386 19.63 -27.68 -17.28
C TYR A 386 20.02 -26.69 -18.38
N GLY A 387 19.33 -26.80 -19.52
CA GLY A 387 19.45 -25.85 -20.63
C GLY A 387 18.50 -24.67 -20.48
N LEU A 388 18.31 -23.95 -21.57
CA LEU A 388 17.45 -22.80 -21.61
C LEU A 388 15.97 -23.18 -21.53
N PHE A 389 15.61 -24.35 -22.11
CA PHE A 389 14.19 -24.74 -22.18
C PHE A 389 13.82 -25.89 -21.26
N ASP A 390 12.52 -26.16 -21.17
CA ASP A 390 12.03 -27.13 -20.18
C ASP A 390 12.69 -28.50 -20.43
N LYS A 391 13.18 -29.12 -19.36
CA LYS A 391 13.81 -30.43 -19.45
C LYS A 391 12.88 -31.45 -20.14
N GLY A 392 13.41 -32.20 -21.12
CA GLY A 392 12.61 -33.18 -21.87
C GLY A 392 11.63 -32.61 -22.93
N SER A 393 11.68 -31.30 -23.18
CA SER A 393 10.64 -30.67 -23.99
C SER A 393 11.06 -30.48 -25.47
N PHE A 394 12.28 -30.86 -25.82
CA PHE A 394 12.81 -30.52 -27.06
C PHE A 394 12.50 -31.64 -28.05
N PHE A 395 11.77 -31.28 -29.12
CA PHE A 395 11.36 -32.21 -30.16
C PHE A 395 12.03 -31.72 -31.51
N GLU A 396 13.22 -32.24 -31.76
CA GLU A 396 13.95 -31.95 -33.02
C GLU A 396 13.24 -32.53 -34.22
N THR A 397 13.16 -31.72 -35.30
CA THR A 397 12.57 -32.09 -36.58
C THR A 397 13.57 -31.71 -37.64
N LEU A 398 13.40 -32.30 -38.83
CA LEU A 398 14.38 -32.11 -39.99
C LEU A 398 15.84 -32.37 -39.61
N SER A 399 15.96 -33.36 -38.73
CA SER A 399 17.25 -33.76 -38.15
C SER A 399 18.14 -34.56 -39.09
N GLY A 400 17.58 -35.01 -40.24
CA GLY A 400 18.36 -35.76 -41.27
C GLY A 400 19.09 -34.90 -42.32
N TRP A 401 18.85 -33.57 -42.31
CA TRP A 401 19.16 -32.70 -43.41
C TRP A 401 19.68 -31.40 -42.92
N ALA A 402 20.69 -30.88 -43.62
CA ALA A 402 21.18 -29.55 -43.40
C ALA A 402 21.55 -29.35 -41.94
N LYS A 403 22.39 -30.26 -41.47
CA LYS A 403 22.65 -30.39 -40.02
C LYS A 403 23.43 -29.25 -39.37
N GLY A 404 23.83 -28.22 -40.12
CA GLY A 404 24.42 -27.06 -39.52
C GLY A 404 23.45 -26.16 -38.79
N VAL A 405 22.16 -26.39 -39.00
CA VAL A 405 21.10 -25.82 -38.14
C VAL A 405 20.34 -26.93 -37.49
N VAL A 406 19.80 -26.56 -36.34
CA VAL A 406 19.14 -27.44 -35.45
C VAL A 406 17.79 -26.84 -35.30
N VAL A 407 16.75 -27.61 -35.65
CA VAL A 407 15.41 -27.14 -35.46
C VAL A 407 14.53 -28.05 -34.66
N GLY A 408 13.70 -27.44 -33.83
CA GLY A 408 12.63 -28.16 -33.20
C GLY A 408 11.64 -27.33 -32.45
N ARG A 409 10.73 -28.02 -31.79
CA ARG A 409 9.85 -27.40 -30.80
C ARG A 409 10.42 -27.68 -29.39
N ALA A 410 10.07 -26.80 -28.47
CA ALA A 410 10.47 -26.88 -27.06
C ALA A 410 9.41 -26.16 -26.24
N ARG A 411 9.59 -26.13 -24.92
CA ARG A 411 8.72 -25.31 -24.07
C ARG A 411 9.56 -24.45 -23.11
N LEU A 412 9.02 -23.30 -22.73
CA LEU A 412 9.74 -22.34 -21.91
C LEU A 412 8.85 -22.02 -20.75
N GLY A 413 9.10 -22.65 -19.61
CA GLY A 413 8.15 -22.57 -18.48
C GLY A 413 6.77 -23.04 -18.80
N GLY A 414 6.70 -23.95 -19.76
CA GLY A 414 5.40 -24.41 -20.28
C GLY A 414 4.90 -23.85 -21.62
N ILE A 415 5.46 -22.72 -22.06
CA ILE A 415 5.04 -22.06 -23.31
C ILE A 415 5.69 -22.73 -24.49
N PRO A 416 4.94 -23.33 -25.40
CA PRO A 416 5.49 -24.00 -26.58
C PRO A 416 5.96 -23.00 -27.64
N LEU A 417 7.06 -23.31 -28.31
CA LEU A 417 7.69 -22.37 -29.24
C LEU A 417 8.55 -23.17 -30.16
N GLY A 418 8.80 -22.54 -31.34
CA GLY A 418 9.79 -23.03 -32.27
C GLY A 418 11.15 -22.53 -31.92
N VAL A 419 12.14 -23.39 -32.05
CA VAL A 419 13.48 -23.06 -31.71
C VAL A 419 14.36 -23.38 -32.88
N ILE A 420 15.26 -22.45 -33.15
CA ILE A 420 16.27 -22.64 -34.14
C ILE A 420 17.63 -22.28 -33.53
N GLY A 421 18.54 -23.21 -33.65
CA GLY A 421 19.91 -23.01 -33.15
C GLY A 421 20.92 -23.43 -34.21
N VAL A 422 22.18 -23.07 -33.95
CA VAL A 422 23.29 -23.28 -34.88
C VAL A 422 24.28 -24.35 -34.34
N GLU A 423 24.56 -25.35 -35.17
CA GLU A 423 25.52 -26.41 -34.88
C GLU A 423 26.93 -25.89 -35.23
N THR A 424 27.76 -25.77 -34.19
CA THR A 424 29.14 -25.24 -34.24
C THR A 424 30.16 -26.23 -34.78
N ARG A 425 29.84 -27.51 -34.70
CA ARG A 425 30.64 -28.59 -35.26
C ARG A 425 30.49 -28.78 -36.75
N THR A 426 31.59 -29.12 -37.39
CA THR A 426 31.61 -29.39 -38.80
C THR A 426 30.77 -30.57 -39.20
N VAL A 427 29.93 -30.42 -40.24
CA VAL A 427 29.10 -31.52 -40.71
C VAL A 427 29.86 -32.16 -41.82
N GLU A 428 29.97 -33.48 -41.75
CA GLU A 428 30.50 -34.33 -42.80
C GLU A 428 29.30 -34.87 -43.56
N ASN A 429 28.88 -34.15 -44.58
CA ASN A 429 27.70 -34.49 -45.35
C ASN A 429 28.10 -35.42 -46.47
N LEU A 430 27.85 -36.70 -46.28
CA LEU A 430 28.26 -37.72 -47.23
C LEU A 430 27.12 -38.01 -48.19
N ILE A 431 27.40 -37.77 -49.47
CA ILE A 431 26.46 -37.88 -50.53
C ILE A 431 26.79 -39.15 -51.26
N PRO A 432 25.80 -40.01 -51.49
CA PRO A 432 26.07 -41.30 -52.10
C PRO A 432 26.20 -41.19 -53.62
N ALA A 433 26.71 -42.22 -54.27
CA ALA A 433 26.89 -42.22 -55.71
C ALA A 433 25.57 -42.50 -56.37
N ASP A 434 25.43 -42.01 -57.59
CA ASP A 434 24.25 -42.19 -58.40
C ASP A 434 24.42 -43.48 -59.17
N PRO A 435 23.57 -44.48 -58.96
CA PRO A 435 23.81 -45.76 -59.63
C PRO A 435 23.63 -45.71 -61.15
N ALA A 436 22.93 -44.68 -61.63
CA ALA A 436 22.78 -44.41 -63.05
C ALA A 436 24.02 -43.83 -63.72
N ASN A 437 24.98 -43.38 -62.94
CA ASN A 437 26.19 -42.83 -63.49
C ASN A 437 27.37 -43.69 -63.03
N PRO A 438 27.88 -44.58 -63.91
CA PRO A 438 29.07 -45.43 -63.60
C PRO A 438 30.35 -44.67 -63.16
N ASN A 439 30.53 -43.46 -63.71
CA ASN A 439 31.60 -42.53 -63.31
C ASN A 439 31.55 -42.14 -61.84
N SER A 440 30.34 -42.01 -61.28
CA SER A 440 30.14 -41.32 -59.98
C SER A 440 30.63 -42.10 -58.78
N ALA A 441 31.20 -41.35 -57.86
CA ALA A 441 31.57 -41.84 -56.55
C ALA A 441 30.78 -41.08 -55.47
N GLU A 442 30.81 -41.63 -54.26
CA GLU A 442 30.26 -40.95 -53.10
C GLU A 442 31.15 -39.76 -52.81
N THR A 443 30.54 -38.66 -52.36
CA THR A 443 31.20 -37.37 -52.18
C THR A 443 31.03 -36.96 -50.72
N LEU A 444 32.06 -36.37 -50.14
CA LEU A 444 31.97 -35.84 -48.80
C LEU A 444 31.92 -34.37 -48.92
N ILE A 445 30.86 -33.76 -48.40
CA ILE A 445 30.85 -32.31 -48.27
C ILE A 445 31.05 -31.95 -46.82
N GLN A 446 32.06 -31.18 -46.55
CA GLN A 446 32.25 -30.67 -45.23
C GLN A 446 31.63 -29.30 -45.10
N GLU A 447 30.83 -29.12 -44.07
CA GLU A 447 30.04 -27.93 -43.87
C GLU A 447 30.47 -27.33 -42.52
N PRO A 448 31.28 -26.27 -42.57
CA PRO A 448 31.71 -25.56 -41.38
C PRO A 448 30.57 -24.99 -40.62
N GLY A 449 30.75 -24.92 -39.30
CA GLY A 449 29.73 -24.48 -38.40
C GLY A 449 29.65 -23.00 -38.38
N GLN A 450 28.50 -22.48 -38.01
CA GLN A 450 28.25 -21.03 -37.99
C GLN A 450 28.23 -20.37 -39.38
N VAL A 451 28.05 -21.22 -40.37
CA VAL A 451 28.10 -20.84 -41.74
C VAL A 451 26.85 -21.40 -42.41
N TRP A 452 26.05 -20.47 -42.91
CA TRP A 452 24.86 -20.80 -43.68
C TRP A 452 25.30 -21.30 -45.05
N HIS A 453 24.88 -22.52 -45.39
CA HIS A 453 24.98 -23.02 -46.75
C HIS A 453 23.60 -22.99 -47.39
N PRO A 454 23.52 -23.30 -48.68
CA PRO A 454 22.13 -23.34 -49.20
C PRO A 454 21.22 -24.29 -48.49
N ASN A 455 21.69 -25.50 -48.15
CA ASN A 455 20.81 -26.42 -47.39
C ASN A 455 20.29 -25.86 -46.04
N SER A 456 21.18 -25.17 -45.31
CA SER A 456 20.89 -24.78 -43.99
C SER A 456 20.05 -23.52 -43.98
N ALA A 457 20.22 -22.70 -45.01
CA ALA A 457 19.42 -21.51 -45.19
C ALA A 457 17.99 -21.95 -45.56
N PHE A 458 17.90 -22.97 -46.40
CA PHE A 458 16.60 -23.52 -46.83
C PHE A 458 15.82 -24.11 -45.67
N LYS A 459 16.54 -24.87 -44.86
CA LYS A 459 16.04 -25.43 -43.59
C LYS A 459 15.59 -24.35 -42.60
N THR A 460 16.38 -23.31 -42.46
CA THR A 460 16.03 -22.21 -41.57
C THR A 460 14.68 -21.57 -42.00
N ALA A 461 14.52 -21.26 -43.29
CA ALA A 461 13.30 -20.65 -43.82
C ALA A 461 12.14 -21.62 -43.73
N GLN A 462 12.40 -22.86 -44.05
CA GLN A 462 11.37 -23.90 -43.97
C GLN A 462 10.82 -23.95 -42.55
N ALA A 463 11.72 -23.99 -41.58
CA ALA A 463 11.34 -24.05 -40.18
C ALA A 463 10.49 -22.86 -39.76
N ILE A 464 10.94 -21.67 -40.06
CA ILE A 464 10.16 -20.50 -39.75
C ILE A 464 8.81 -20.63 -40.39
N ASN A 465 8.77 -21.02 -41.65
CA ASN A 465 7.42 -21.17 -42.24
C ASN A 465 6.52 -22.23 -41.55
N ASP A 466 7.07 -23.39 -41.21
CA ASP A 466 6.33 -24.47 -40.60
C ASP A 466 5.94 -24.16 -39.14
N PHE A 467 6.65 -23.26 -38.47
CA PHE A 467 6.25 -22.81 -37.17
C PHE A 467 5.06 -21.87 -37.28
N ASN A 468 5.02 -21.08 -38.34
CA ASN A 468 3.98 -20.03 -38.53
C ASN A 468 2.63 -20.56 -39.00
N ASN A 469 2.71 -21.40 -40.00
CA ASN A 469 1.59 -21.93 -40.67
C ASN A 469 1.12 -23.13 -39.90
N GLY A 470 -0.15 -23.10 -39.48
CA GLY A 470 -0.74 -24.22 -38.77
C GLY A 470 -0.37 -24.48 -37.31
N GLU A 471 0.92 -24.54 -37.06
CA GLU A 471 1.49 -24.56 -35.73
C GLU A 471 1.19 -23.27 -35.00
N GLN A 472 1.20 -22.14 -35.70
CA GLN A 472 1.04 -20.82 -35.14
C GLN A 472 1.73 -20.55 -33.79
N LEU A 473 3.02 -20.77 -33.81
CA LEU A 473 3.91 -20.76 -32.66
C LEU A 473 4.74 -19.51 -32.64
N PRO A 474 5.04 -18.98 -31.43
CA PRO A 474 6.07 -17.96 -31.40
C PRO A 474 7.39 -18.67 -31.67
N MET A 475 8.50 -17.93 -31.72
CA MET A 475 9.77 -18.54 -32.08
C MET A 475 10.94 -17.89 -31.44
N MET A 476 11.99 -18.71 -31.20
CA MET A 476 13.29 -18.17 -30.80
C MET A 476 14.38 -18.72 -31.67
N ILE A 477 15.15 -17.75 -32.15
CA ILE A 477 16.33 -18.05 -32.92
C ILE A 477 17.60 -17.71 -32.10
N LEU A 478 18.43 -18.70 -31.93
CA LEU A 478 19.65 -18.60 -31.15
C LEU A 478 20.78 -18.37 -32.16
N ALA A 479 20.79 -17.15 -32.68
CA ALA A 479 21.51 -16.75 -33.88
C ALA A 479 23.01 -16.63 -33.67
N ASN A 480 23.75 -17.39 -34.47
CA ASN A 480 25.17 -17.57 -34.26
C ASN A 480 25.82 -18.03 -35.57
N TRP A 481 25.77 -17.09 -36.52
CA TRP A 481 26.37 -17.31 -37.85
C TRP A 481 27.42 -16.30 -38.17
N ARG A 482 28.54 -16.80 -38.68
CA ARG A 482 29.58 -15.93 -39.23
C ARG A 482 29.15 -15.34 -40.55
N GLY A 483 28.36 -16.05 -41.32
CA GLY A 483 27.72 -15.46 -42.48
C GLY A 483 27.25 -16.57 -43.35
N PHE A 484 27.03 -16.26 -44.63
CA PHE A 484 26.77 -17.26 -45.66
C PHE A 484 28.06 -17.70 -46.34
N SER A 485 28.18 -18.94 -46.78
CA SER A 485 29.27 -19.36 -47.66
C SER A 485 29.19 -18.62 -48.98
N GLY A 486 30.10 -17.68 -49.20
CA GLY A 486 30.20 -16.88 -50.43
C GLY A 486 31.17 -17.37 -51.51
N GLY A 487 31.67 -18.57 -51.32
CA GLY A 487 32.48 -19.21 -52.29
C GLY A 487 31.72 -19.75 -53.45
N GLN A 488 32.52 -20.26 -54.40
CA GLN A 488 31.99 -20.48 -55.76
C GLN A 488 30.91 -21.52 -55.81
N ARG A 489 31.15 -22.60 -55.13
CA ARG A 489 30.25 -23.68 -55.16
C ARG A 489 28.88 -23.31 -54.55
N ASP A 490 28.94 -22.72 -53.36
CA ASP A 490 27.75 -22.30 -52.64
C ASP A 490 27.03 -21.17 -53.35
N MET A 491 27.77 -20.31 -54.02
CA MET A 491 27.11 -19.18 -54.72
C MET A 491 26.40 -19.71 -56.01
N PHE A 492 27.06 -20.65 -56.66
CA PHE A 492 26.51 -21.37 -57.82
C PHE A 492 25.28 -22.15 -57.48
N ASN A 493 25.34 -22.83 -56.35
CA ASN A 493 24.21 -23.54 -55.83
C ASN A 493 23.18 -22.62 -55.12
N GLU A 494 23.22 -21.32 -55.37
CA GLU A 494 22.04 -20.42 -55.19
C GLU A 494 21.77 -20.07 -53.73
N VAL A 495 22.81 -20.01 -52.90
CA VAL A 495 22.76 -19.55 -51.52
C VAL A 495 21.90 -18.28 -51.31
N LEU A 496 21.97 -17.29 -52.22
CA LEU A 496 21.21 -16.03 -52.11
C LEU A 496 19.75 -16.27 -52.22
N LYS A 497 19.37 -17.35 -52.89
CA LYS A 497 17.91 -17.63 -53.06
C LYS A 497 17.36 -18.13 -51.76
N TYR A 498 18.05 -19.07 -51.14
CA TYR A 498 17.63 -19.70 -49.88
C TYR A 498 17.69 -18.71 -48.70
N GLY A 499 18.74 -17.92 -48.69
CA GLY A 499 18.90 -16.82 -47.76
C GLY A 499 17.77 -15.84 -47.82
N SER A 500 17.34 -15.49 -49.03
CA SER A 500 16.26 -14.54 -49.19
C SER A 500 14.94 -15.15 -48.73
N PHE A 501 14.82 -16.47 -48.80
CA PHE A 501 13.57 -17.11 -48.30
C PHE A 501 13.40 -16.88 -46.79
N ILE A 502 14.50 -16.69 -46.05
CA ILE A 502 14.49 -16.48 -44.63
C ILE A 502 13.86 -15.15 -44.44
N VAL A 503 14.33 -14.10 -45.13
CA VAL A 503 13.66 -12.80 -45.03
C VAL A 503 12.15 -12.91 -45.25
N ASP A 504 11.76 -13.60 -46.30
CA ASP A 504 10.33 -13.69 -46.68
C ASP A 504 9.56 -14.40 -45.57
N ALA A 505 10.20 -15.41 -45.00
CA ALA A 505 9.56 -16.14 -43.94
C ALA A 505 9.25 -15.28 -42.68
N LEU A 506 10.20 -14.47 -42.30
CA LEU A 506 10.07 -13.52 -41.21
C LEU A 506 8.98 -12.48 -41.45
N VAL A 507 8.88 -11.97 -42.68
CA VAL A 507 7.89 -10.97 -43.05
C VAL A 507 6.48 -11.49 -42.86
N ASP A 508 6.33 -12.78 -43.11
CA ASP A 508 5.06 -13.46 -42.97
C ASP A 508 4.63 -13.92 -41.53
N TYR A 509 5.59 -13.89 -40.62
CA TYR A 509 5.42 -14.47 -39.32
C TYR A 509 4.40 -13.72 -38.53
N LYS A 510 3.50 -14.46 -37.89
CA LYS A 510 2.37 -13.81 -37.18
C LYS A 510 2.31 -13.89 -35.63
N GLN A 511 3.30 -14.54 -35.02
CA GLN A 511 3.46 -14.72 -33.57
C GLN A 511 4.77 -14.10 -33.17
N PRO A 512 4.97 -13.87 -31.86
CA PRO A 512 6.25 -13.38 -31.40
C PRO A 512 7.53 -14.12 -31.75
N ILE A 513 8.50 -13.31 -32.14
CA ILE A 513 9.80 -13.77 -32.45
C ILE A 513 10.80 -13.10 -31.50
N ILE A 514 11.70 -13.94 -30.98
CA ILE A 514 12.89 -13.49 -30.27
C ILE A 514 14.13 -13.98 -31.01
N ILE A 515 14.97 -13.01 -31.35
CA ILE A 515 16.33 -13.31 -31.82
C ILE A 515 17.36 -13.00 -30.74
N TYR A 516 18.20 -13.98 -30.48
CA TYR A 516 19.09 -13.90 -29.35
C TYR A 516 20.45 -14.41 -29.70
N ILE A 517 21.47 -13.53 -29.67
CA ILE A 517 22.83 -13.98 -29.89
C ILE A 517 23.36 -14.50 -28.57
N PRO A 518 23.64 -15.79 -28.52
CA PRO A 518 24.02 -16.39 -27.28
C PRO A 518 25.49 -16.13 -26.85
N PRO A 519 25.83 -16.47 -25.59
CA PRO A 519 27.14 -16.35 -25.03
C PRO A 519 28.29 -16.83 -25.93
N THR A 520 28.34 -17.93 -26.61
CA THR A 520 29.71 -17.74 -27.34
C THR A 520 29.62 -17.22 -28.81
N GLY A 521 28.57 -16.44 -29.07
CA GLY A 521 28.00 -16.38 -30.37
C GLY A 521 28.36 -15.13 -31.11
N GLU A 522 28.12 -15.16 -32.42
CA GLU A 522 28.28 -13.99 -33.23
C GLU A 522 27.27 -13.92 -34.35
N LEU A 523 27.09 -12.72 -34.84
CA LEU A 523 26.29 -12.49 -35.97
C LEU A 523 27.06 -11.43 -36.73
N ARG A 524 27.46 -11.76 -37.96
CA ARG A 524 28.22 -10.86 -38.79
C ARG A 524 27.45 -10.57 -40.06
N GLY A 525 27.74 -9.43 -40.69
CA GLY A 525 27.58 -9.19 -42.12
C GLY A 525 26.32 -9.70 -42.81
N GLY A 526 26.43 -10.73 -43.64
CA GLY A 526 25.26 -11.24 -44.36
C GLY A 526 24.22 -11.83 -43.43
N SER A 527 24.74 -12.48 -42.41
CA SER A 527 23.99 -13.14 -41.36
C SER A 527 23.02 -12.28 -40.60
N TRP A 528 23.42 -11.05 -40.30
CA TRP A 528 22.65 -10.23 -39.50
C TRP A 528 21.51 -9.69 -40.34
N VAL A 529 21.79 -9.35 -41.61
CA VAL A 529 20.80 -8.79 -42.54
C VAL A 529 19.46 -9.55 -42.52
N VAL A 530 19.55 -10.86 -42.44
CA VAL A 530 18.48 -11.82 -42.73
C VAL A 530 17.56 -12.11 -41.48
N VAL A 531 17.94 -11.49 -40.37
CA VAL A 531 17.42 -11.77 -39.04
C VAL A 531 17.23 -10.50 -38.22
N ASP A 532 17.55 -9.34 -38.76
CA ASP A 532 17.30 -8.11 -38.05
C ASP A 532 15.79 -7.90 -37.78
N PRO A 533 15.39 -7.46 -36.57
CA PRO A 533 13.97 -7.28 -36.29
C PRO A 533 13.26 -6.18 -37.05
N THR A 534 13.98 -5.29 -37.74
CA THR A 534 13.27 -4.35 -38.62
C THR A 534 12.67 -4.99 -39.84
N ILE A 535 13.05 -6.23 -40.14
CA ILE A 535 12.37 -6.99 -41.14
C ILE A 535 10.90 -7.19 -40.82
N ASN A 536 10.56 -7.37 -39.54
CA ASN A 536 9.15 -7.53 -39.10
C ASN A 536 9.04 -6.95 -37.69
N ALA A 537 9.06 -5.64 -37.61
CA ALA A 537 9.00 -4.97 -36.37
C ALA A 537 7.77 -5.29 -35.51
N ASP A 538 6.68 -5.70 -36.11
CA ASP A 538 5.45 -5.97 -35.37
C ASP A 538 5.61 -7.19 -34.50
N GLN A 539 6.44 -8.12 -34.91
CA GLN A 539 6.63 -9.35 -34.22
C GLN A 539 8.00 -9.62 -33.73
N MET A 540 9.03 -8.91 -34.19
CA MET A 540 10.41 -9.30 -33.89
C MET A 540 11.08 -8.35 -32.88
N GLU A 541 11.97 -8.94 -32.08
CA GLU A 541 12.82 -8.29 -31.09
C GLU A 541 14.16 -8.98 -31.13
N MET A 542 15.24 -8.27 -30.90
CA MET A 542 16.57 -8.86 -30.80
C MET A 542 17.27 -8.56 -29.48
N TYR A 543 18.09 -9.53 -29.08
CA TYR A 543 18.87 -9.46 -27.82
C TYR A 543 20.27 -10.04 -28.07
N ALA A 544 21.24 -9.51 -27.31
CA ALA A 544 22.64 -10.03 -27.39
C ALA A 544 23.15 -10.36 -25.98
N ASP A 545 23.78 -11.51 -25.87
CA ASP A 545 24.41 -11.88 -24.61
C ASP A 545 25.56 -10.93 -24.46
N VAL A 546 25.84 -10.52 -23.22
CA VAL A 546 27.06 -9.78 -22.88
C VAL A 546 28.36 -10.41 -23.41
N ASN A 547 28.36 -11.72 -23.64
CA ASN A 547 29.47 -12.43 -24.25
C ASN A 547 29.26 -12.84 -25.70
N ALA A 548 28.43 -12.10 -26.40
CA ALA A 548 28.25 -12.24 -27.83
C ALA A 548 29.17 -11.25 -28.51
N ARG A 549 29.51 -11.53 -29.77
CA ARG A 549 30.03 -10.52 -30.71
C ARG A 549 29.14 -10.27 -31.93
N ALA A 550 29.16 -9.03 -32.41
CA ALA A 550 28.60 -8.68 -33.67
C ALA A 550 29.20 -7.42 -34.32
N GLY A 551 29.30 -7.49 -35.64
CA GLY A 551 29.45 -6.32 -36.52
C GLY A 551 29.68 -6.82 -37.94
N VAL A 552 30.02 -5.90 -38.86
CA VAL A 552 29.96 -6.15 -40.34
C VAL A 552 30.96 -7.29 -40.70
N LEU A 553 32.19 -7.11 -40.23
CA LEU A 553 33.28 -8.07 -40.39
C LEU A 553 33.79 -8.58 -39.04
N GLU A 554 34.30 -9.80 -39.04
CA GLU A 554 35.26 -10.30 -38.03
C GLU A 554 36.49 -9.33 -37.91
N PRO A 555 37.12 -9.27 -36.71
CA PRO A 555 38.36 -8.50 -36.49
C PRO A 555 39.51 -8.71 -37.54
N GLN A 556 39.86 -9.95 -37.91
CA GLN A 556 40.80 -10.12 -39.00
C GLN A 556 40.42 -9.27 -40.22
N GLY A 557 39.09 -9.25 -40.52
CA GLY A 557 38.55 -8.54 -41.68
C GLY A 557 38.67 -7.04 -41.53
N MET A 558 38.38 -6.57 -40.33
CA MET A 558 38.36 -5.14 -40.11
C MET A 558 39.77 -4.53 -40.13
N VAL A 559 40.75 -5.26 -39.59
CA VAL A 559 42.13 -4.74 -39.52
C VAL A 559 42.73 -4.76 -40.91
N GLY A 560 42.47 -5.85 -41.64
CA GLY A 560 42.76 -5.94 -43.07
C GLY A 560 42.32 -4.73 -43.89
N ILE A 561 41.41 -3.92 -43.42
CA ILE A 561 40.98 -2.77 -44.19
C ILE A 561 41.24 -1.48 -43.46
N LYS A 562 41.22 -1.50 -42.13
CA LYS A 562 41.25 -0.24 -41.39
C LYS A 562 42.32 -0.16 -40.29
N PHE A 563 43.15 -1.20 -40.18
CA PHE A 563 44.38 -1.15 -39.40
C PHE A 563 45.51 -1.80 -40.20
N ARG A 564 45.83 -1.14 -41.31
CA ARG A 564 46.80 -1.66 -42.28
C ARG A 564 48.28 -1.53 -41.78
N ARG A 565 49.19 -2.06 -42.60
CA ARG A 565 50.62 -2.13 -42.29
C ARG A 565 51.21 -0.79 -41.88
N GLU A 566 50.75 0.31 -42.45
CA GLU A 566 51.27 1.60 -42.05
C GLU A 566 50.60 2.23 -40.84
N LYS A 567 49.47 1.71 -40.39
CA LYS A 567 48.77 2.30 -39.21
C LYS A 567 49.32 1.73 -37.89
N LEU A 568 49.76 0.49 -37.96
CA LEU A 568 50.49 -0.17 -36.91
C LEU A 568 51.77 0.60 -36.65
N LEU A 569 52.54 0.87 -37.69
CA LEU A 569 53.81 1.57 -37.55
C LEU A 569 53.67 2.85 -36.73
N ASP A 570 52.69 3.69 -37.09
CA ASP A 570 52.41 4.91 -36.31
C ASP A 570 52.15 4.59 -34.86
N THR A 571 51.49 3.45 -34.67
CA THR A 571 51.12 2.95 -33.34
C THR A 571 52.36 2.42 -32.58
N MET A 572 53.40 2.03 -33.30
CA MET A 572 54.71 1.85 -32.69
C MET A 572 55.39 3.24 -32.42
N ASN A 573 54.60 4.20 -31.95
CA ASN A 573 55.05 5.29 -31.11
C ASN A 573 54.30 5.16 -29.75
N ARG A 574 53.98 3.91 -29.42
CA ARG A 574 53.73 3.44 -28.06
C ARG A 574 55.01 2.75 -27.53
N LEU A 575 55.95 2.41 -28.44
CA LEU A 575 57.27 1.82 -28.10
C LEU A 575 58.37 2.90 -28.05
N ASP A 576 59.35 2.76 -27.14
CA ASP A 576 60.52 3.70 -27.06
C ASP A 576 61.62 3.30 -28.01
N ASP A 577 61.97 2.02 -28.01
CA ASP A 577 62.93 1.47 -28.97
C ASP A 577 62.68 1.91 -30.44
N LYS A 578 61.41 1.92 -30.88
CA LYS A 578 61.04 2.32 -32.26
C LYS A 578 60.81 3.83 -32.33
N TYR A 579 60.10 4.35 -31.33
CA TYR A 579 59.85 5.81 -31.18
C TYR A 579 61.13 6.58 -31.48
N ARG A 580 62.18 6.24 -30.74
CA ARG A 580 63.52 6.85 -30.92
C ARG A 580 64.24 6.18 -32.09
N GLU A 581 63.83 6.58 -33.29
CA GLU A 581 64.46 6.20 -34.55
C GLU A 581 63.73 7.00 -35.64
N LEU A 582 64.10 8.28 -35.73
CA LEU A 582 63.65 9.20 -36.79
C LEU A 582 64.77 10.29 -37.08
N ARG A 583 64.41 11.36 -37.80
CA ARG A 583 65.36 12.45 -38.16
C ARG A 583 64.97 13.78 -37.48
N GLU A 607 62.51 -1.28 -33.68
CA GLU A 607 62.25 -2.69 -34.01
C GLU A 607 61.03 -2.77 -34.97
N ARG A 608 60.83 -3.94 -35.60
CA ARG A 608 59.64 -4.22 -36.43
C ARG A 608 59.44 -5.75 -36.48
N GLU A 609 59.77 -6.39 -35.34
CA GLU A 609 59.38 -7.77 -35.03
C GLU A 609 58.66 -7.78 -33.68
N LEU A 610 58.03 -6.65 -33.38
CA LEU A 610 56.83 -6.64 -32.55
C LEU A 610 55.52 -6.66 -33.43
N LEU A 611 55.64 -7.01 -34.71
CA LEU A 611 54.49 -7.18 -35.58
C LEU A 611 53.51 -8.21 -34.99
N PRO A 612 53.99 -9.44 -34.72
CA PRO A 612 53.21 -10.45 -33.96
C PRO A 612 52.18 -9.89 -32.97
N ILE A 613 52.63 -9.00 -32.09
CA ILE A 613 51.84 -8.52 -30.97
C ILE A 613 51.18 -7.18 -31.28
N TYR A 614 51.69 -6.44 -32.24
CA TYR A 614 51.02 -5.18 -32.61
C TYR A 614 49.76 -5.48 -33.44
N GLY A 615 49.79 -6.61 -34.13
CA GLY A 615 48.68 -7.12 -34.88
C GLY A 615 47.62 -7.69 -33.97
N GLN A 616 48.05 -8.37 -32.93
CA GLN A 616 47.12 -8.82 -31.92
C GLN A 616 46.41 -7.64 -31.26
N ILE A 617 47.10 -6.52 -31.13
CA ILE A 617 46.56 -5.32 -30.49
C ILE A 617 45.49 -4.67 -31.35
N SER A 618 45.65 -4.79 -32.67
CA SER A 618 44.75 -4.16 -33.62
C SER A 618 43.44 -4.99 -33.61
N LEU A 619 43.61 -6.31 -33.73
CA LEU A 619 42.61 -7.34 -33.55
C LEU A 619 41.74 -7.13 -32.30
N GLN A 620 42.42 -6.84 -31.20
CA GLN A 620 41.70 -6.57 -29.98
C GLN A 620 40.98 -5.22 -30.01
N PHE A 621 41.54 -4.24 -30.70
CA PHE A 621 40.98 -2.91 -30.81
C PHE A 621 39.65 -2.95 -31.65
N ALA A 622 39.67 -3.75 -32.72
CA ALA A 622 38.51 -4.08 -33.56
C ALA A 622 37.44 -4.81 -32.71
N ASP A 623 37.88 -5.89 -32.06
CA ASP A 623 37.00 -6.69 -31.24
C ASP A 623 36.31 -5.88 -30.18
N LEU A 624 36.94 -4.82 -29.73
CA LEU A 624 36.26 -3.98 -28.74
C LEU A 624 35.10 -3.17 -29.29
N HIS A 625 34.94 -3.17 -30.60
CA HIS A 625 33.74 -2.47 -31.13
C HIS A 625 32.54 -3.41 -31.18
N ASP A 626 32.79 -4.70 -31.09
CA ASP A 626 31.89 -5.68 -31.58
C ASP A 626 31.03 -6.16 -30.39
N ARG A 627 30.77 -5.31 -29.42
CA ARG A 627 30.29 -5.82 -28.14
C ARG A 627 28.85 -5.38 -27.91
N SER A 628 28.20 -6.11 -27.01
CA SER A 628 26.78 -5.88 -26.76
C SER A 628 26.53 -4.46 -26.30
N SER A 629 27.54 -3.91 -25.64
CA SER A 629 27.44 -2.54 -25.14
C SER A 629 27.31 -1.57 -26.28
N ARG A 630 28.04 -1.88 -27.37
CA ARG A 630 27.90 -1.06 -28.64
C ARG A 630 26.50 -1.21 -29.29
N MET A 631 25.96 -2.44 -29.23
CA MET A 631 24.67 -2.76 -29.85
C MET A 631 23.58 -1.98 -29.19
N VAL A 632 23.67 -1.90 -27.85
CA VAL A 632 22.72 -1.14 -27.02
C VAL A 632 22.78 0.36 -27.29
N ALA A 633 24.02 0.83 -27.20
CA ALA A 633 24.40 2.23 -27.47
C ALA A 633 23.81 2.65 -28.79
N LYS A 634 23.91 1.79 -29.79
CA LYS A 634 23.44 2.03 -31.17
C LYS A 634 21.95 1.75 -31.44
N GLY A 635 21.20 1.26 -30.46
CA GLY A 635 19.75 1.04 -30.63
C GLY A 635 19.35 -0.20 -31.45
N VAL A 636 20.29 -1.12 -31.67
CA VAL A 636 20.01 -2.28 -32.51
C VAL A 636 19.48 -3.53 -31.80
N ILE A 637 19.66 -3.61 -30.48
CA ILE A 637 19.09 -4.70 -29.63
C ILE A 637 18.23 -4.10 -28.58
N SER A 638 17.19 -4.84 -28.13
CA SER A 638 16.35 -4.34 -27.03
C SER A 638 17.11 -4.35 -25.67
N LYS A 639 17.99 -5.35 -25.45
CA LYS A 639 18.69 -5.49 -24.21
C LYS A 639 19.90 -6.34 -24.42
N GLU A 640 20.93 -6.12 -23.60
CA GLU A 640 21.99 -7.13 -23.44
C GLU A 640 21.58 -8.07 -22.34
N LEU A 641 21.94 -9.33 -22.47
CA LEU A 641 21.45 -10.30 -21.54
C LEU A 641 22.56 -11.12 -20.89
N GLU A 642 22.20 -11.79 -19.77
CA GLU A 642 23.06 -12.80 -19.16
C GLU A 642 22.46 -14.17 -19.31
N TRP A 643 23.12 -15.03 -20.07
CA TRP A 643 22.68 -16.39 -20.32
C TRP A 643 22.02 -17.09 -19.16
N THR A 644 22.73 -17.11 -18.02
CA THR A 644 22.24 -17.84 -16.82
C THR A 644 20.91 -17.32 -16.40
N GLU A 645 20.67 -16.02 -16.61
CA GLU A 645 19.37 -15.38 -16.33
C GLU A 645 18.30 -15.33 -17.45
N ALA A 646 18.64 -15.97 -18.58
CA ALA A 646 17.91 -15.79 -19.83
C ALA A 646 16.55 -16.51 -19.83
N ARG A 647 16.51 -17.69 -19.26
CA ARG A 647 15.26 -18.39 -19.03
C ARG A 647 14.17 -17.57 -18.33
N ARG A 648 14.51 -17.03 -17.18
CA ARG A 648 13.63 -16.12 -16.45
C ARG A 648 13.26 -14.93 -17.26
N PHE A 649 14.22 -14.29 -17.89
CA PHE A 649 13.91 -13.08 -18.64
C PHE A 649 12.85 -13.37 -19.75
N PHE A 650 13.16 -14.38 -20.56
CA PHE A 650 12.38 -14.74 -21.71
C PHE A 650 11.06 -15.37 -21.36
N PHE A 651 11.02 -16.12 -20.25
CA PHE A 651 9.72 -16.60 -19.77
C PHE A 651 8.71 -15.47 -19.63
N TRP A 652 9.04 -14.40 -18.88
CA TRP A 652 8.06 -13.33 -18.67
C TRP A 652 7.92 -12.46 -19.89
N ARG A 653 8.98 -12.33 -20.68
CA ARG A 653 8.94 -11.51 -21.91
C ARG A 653 7.93 -12.13 -22.89
N LEU A 654 8.09 -13.42 -23.12
CA LEU A 654 7.26 -14.12 -24.03
C LEU A 654 5.86 -14.13 -23.54
N ARG A 655 5.67 -14.44 -22.25
CA ARG A 655 4.33 -14.44 -21.66
C ARG A 655 3.66 -13.08 -21.69
N ARG A 656 4.40 -12.02 -21.41
CA ARG A 656 3.82 -10.67 -21.56
C ARG A 656 3.42 -10.38 -23.05
N ARG A 657 4.27 -10.80 -23.98
CA ARG A 657 4.01 -10.68 -25.43
C ARG A 657 2.77 -11.39 -25.90
N LEU A 658 2.56 -12.62 -25.42
CA LEU A 658 1.34 -13.37 -25.79
C LEU A 658 0.11 -12.67 -25.31
N ASN A 659 0.21 -11.98 -24.17
CA ASN A 659 -0.96 -11.38 -23.57
C ASN A 659 -1.32 -10.12 -24.31
N GLU A 660 -0.30 -9.33 -24.65
CA GLU A 660 -0.49 -8.10 -25.42
C GLU A 660 -0.99 -8.39 -26.90
N GLU A 661 -0.42 -9.41 -27.56
CA GLU A 661 -0.90 -9.88 -28.85
C GLU A 661 -2.37 -10.19 -28.78
N TYR A 662 -2.80 -10.94 -27.77
CA TYR A 662 -4.20 -11.23 -27.57
C TYR A 662 -5.06 -9.98 -27.51
N LEU A 663 -4.58 -8.92 -26.90
CA LEU A 663 -5.37 -7.72 -26.81
C LEU A 663 -5.38 -6.89 -28.09
N ILE A 664 -4.21 -6.77 -28.76
CA ILE A 664 -4.08 -6.25 -30.13
C ILE A 664 -5.12 -6.98 -31.05
N LYS A 665 -5.16 -8.30 -31.02
CA LYS A 665 -6.14 -9.00 -31.81
C LYS A 665 -7.59 -8.60 -31.48
N ARG A 666 -7.98 -8.59 -30.20
CA ARG A 666 -9.35 -8.16 -29.82
C ARG A 666 -9.65 -6.78 -30.29
N LEU A 667 -8.75 -5.85 -30.06
CA LEU A 667 -8.94 -4.51 -30.56
C LEU A 667 -9.09 -4.47 -32.08
N SER A 668 -8.46 -5.41 -32.76
CA SER A 668 -8.54 -5.50 -34.21
C SER A 668 -9.85 -6.15 -34.71
N HIS A 669 -10.42 -7.12 -33.97
CA HIS A 669 -11.72 -7.70 -34.34
C HIS A 669 -12.87 -6.71 -34.18
N GLN A 670 -12.58 -5.43 -34.02
CA GLN A 670 -13.56 -4.56 -33.42
C GLN A 670 -13.51 -3.18 -34.01
N VAL A 671 -12.77 -2.30 -33.35
CA VAL A 671 -12.71 -0.89 -33.68
C VAL A 671 -12.49 -0.69 -35.23
N GLY A 672 -11.65 -1.55 -35.83
CA GLY A 672 -11.36 -1.48 -37.27
C GLY A 672 -9.93 -1.01 -37.59
N GLU A 673 -9.83 0.17 -38.21
CA GLU A 673 -8.60 0.64 -38.88
C GLU A 673 -7.64 1.44 -38.03
N ALA A 674 -6.56 0.78 -37.59
CA ALA A 674 -5.46 1.48 -36.90
C ALA A 674 -4.21 0.63 -37.07
N SER A 675 -3.05 1.26 -36.95
CA SER A 675 -1.81 0.53 -37.06
C SER A 675 -1.57 -0.26 -35.77
N ARG A 676 -0.57 -1.12 -35.79
CA ARG A 676 -0.21 -1.91 -34.65
C ARG A 676 0.18 -0.93 -33.56
N LEU A 677 0.93 0.11 -33.92
CA LEU A 677 1.44 1.12 -32.99
C LEU A 677 0.33 1.88 -32.27
N GLU A 678 -0.80 2.08 -32.92
CA GLU A 678 -1.92 2.79 -32.28
C GLU A 678 -2.70 1.83 -31.45
N LYS A 679 -2.70 0.56 -31.86
CA LYS A 679 -3.44 -0.47 -31.13
C LYS A 679 -2.76 -0.79 -29.77
N ILE A 680 -1.43 -0.86 -29.78
CA ILE A 680 -0.67 -1.18 -28.61
C ILE A 680 -0.62 0.02 -27.66
N ALA A 681 -0.54 1.24 -28.18
CA ALA A 681 -0.61 2.38 -27.34
C ALA A 681 -1.99 2.57 -26.67
N ARG A 682 -3.11 2.27 -27.36
CA ARG A 682 -4.45 2.34 -26.74
C ARG A 682 -4.55 1.33 -25.57
N ILE A 683 -4.12 0.09 -25.82
CA ILE A 683 -4.19 -1.00 -24.85
C ILE A 683 -3.36 -0.68 -23.62
N ARG A 684 -2.10 -0.27 -23.83
CA ARG A 684 -1.24 0.23 -22.81
C ARG A 684 -1.74 1.50 -22.08
N SER A 685 -2.49 2.35 -22.74
CA SER A 685 -3.13 3.46 -22.03
C SER A 685 -4.15 2.93 -20.98
N TRP A 686 -4.51 1.67 -21.07
CA TRP A 686 -5.48 1.08 -20.13
C TRP A 686 -4.83 0.50 -18.87
N TYR A 687 -3.51 0.32 -18.89
CA TYR A 687 -2.82 -0.14 -17.71
C TYR A 687 -2.95 0.96 -16.60
N PRO A 688 -3.02 0.54 -15.33
CA PRO A 688 -2.95 1.49 -14.23
C PRO A 688 -1.67 2.31 -14.34
N ALA A 689 -1.77 3.55 -13.91
CA ALA A 689 -0.71 4.49 -14.05
C ALA A 689 0.54 4.07 -13.38
N SER A 690 0.44 3.15 -12.42
CA SER A 690 1.61 2.67 -11.70
C SER A 690 2.19 1.45 -12.32
N VAL A 691 1.54 0.85 -13.32
CA VAL A 691 2.22 -0.25 -14.03
C VAL A 691 3.44 0.33 -14.81
N ASP A 692 4.61 -0.22 -14.56
CA ASP A 692 5.75 0.01 -15.35
C ASP A 692 5.57 -0.74 -16.67
N HIS A 693 5.36 0.02 -17.75
CA HIS A 693 5.15 -0.64 -19.08
C HIS A 693 6.30 -1.60 -19.46
N GLU A 694 7.49 -1.41 -18.91
CA GLU A 694 8.64 -2.25 -19.25
C GLU A 694 8.90 -3.41 -18.32
N ASP A 695 8.06 -3.56 -17.29
CA ASP A 695 8.15 -4.73 -16.46
C ASP A 695 7.23 -5.80 -17.00
N ASP A 696 7.84 -6.84 -17.58
CA ASP A 696 7.12 -7.89 -18.27
C ASP A 696 6.17 -8.67 -17.34
N ARG A 697 6.70 -9.05 -16.18
CA ARG A 697 5.95 -9.85 -15.24
C ARG A 697 4.76 -9.06 -14.68
N GLN A 698 4.99 -7.80 -14.36
CA GLN A 698 3.94 -6.98 -13.90
C GLN A 698 2.82 -6.84 -14.94
N VAL A 699 3.20 -6.53 -16.19
CA VAL A 699 2.23 -6.31 -17.29
C VAL A 699 1.43 -7.60 -17.49
N ALA A 700 2.13 -8.74 -17.61
CA ALA A 700 1.44 -10.04 -17.75
C ALA A 700 0.42 -10.37 -16.61
N THR A 701 0.88 -10.11 -15.40
CA THR A 701 0.12 -10.33 -14.18
C THR A 701 -1.12 -9.43 -14.19
N TRP A 702 -0.97 -8.14 -14.48
CA TRP A 702 -2.08 -7.24 -14.46
C TRP A 702 -3.14 -7.68 -15.46
N ILE A 703 -2.67 -8.10 -16.65
CA ILE A 703 -3.56 -8.50 -17.75
C ILE A 703 -4.31 -9.75 -17.41
N GLU A 704 -3.61 -10.76 -16.96
CA GLU A 704 -4.28 -11.98 -16.52
C GLU A 704 -5.24 -11.83 -15.35
N GLU A 705 -5.03 -10.83 -14.49
CA GLU A 705 -5.98 -10.55 -13.40
C GLU A 705 -7.26 -9.85 -13.86
N ASN A 706 -7.15 -9.18 -15.00
CA ASN A 706 -8.14 -8.32 -15.54
C ASN A 706 -8.68 -8.64 -16.95
N TYR A 707 -8.39 -9.81 -17.52
CA TYR A 707 -8.93 -10.22 -18.83
C TYR A 707 -10.45 -9.92 -19.00
N LYS A 708 -11.24 -10.29 -18.00
CA LYS A 708 -12.69 -10.13 -18.06
C LYS A 708 -13.08 -8.69 -17.91
N THR A 709 -12.34 -7.94 -17.12
CA THR A 709 -12.56 -6.48 -17.03
C THR A 709 -12.22 -5.75 -18.34
N LEU A 710 -11.16 -6.22 -18.97
CA LEU A 710 -10.72 -5.74 -20.28
C LEU A 710 -11.77 -6.14 -21.29
N ASP A 711 -12.31 -7.31 -21.17
CA ASP A 711 -13.31 -7.73 -22.08
C ASP A 711 -14.50 -6.77 -22.08
N ASP A 712 -15.04 -6.50 -20.88
CA ASP A 712 -15.99 -5.41 -20.63
C ASP A 712 -15.58 -4.14 -21.32
N LYS A 713 -14.32 -3.73 -21.25
CA LYS A 713 -13.92 -2.47 -21.90
C LYS A 713 -14.08 -2.59 -23.42
N LEU A 714 -13.48 -3.62 -24.00
CA LEU A 714 -13.63 -3.94 -25.44
C LEU A 714 -15.09 -3.98 -25.94
N LYS A 715 -15.98 -4.63 -25.21
CA LYS A 715 -17.40 -4.62 -25.54
C LYS A 715 -17.98 -3.19 -25.56
N GLY A 716 -17.49 -2.30 -24.72
CA GLY A 716 -17.94 -0.93 -24.75
C GLY A 716 -17.44 -0.19 -25.98
N LEU A 717 -16.26 -0.53 -26.45
CA LEU A 717 -15.69 0.09 -27.63
C LEU A 717 -16.42 -0.32 -28.93
N LYS A 718 -17.11 -1.46 -28.93
CA LYS A 718 -18.12 -1.77 -29.95
C LYS A 718 -19.32 -0.80 -29.77
N LEU A 719 -19.03 0.47 -30.00
CA LEU A 719 -19.99 1.58 -30.06
C LEU A 719 -19.47 2.37 -31.27
N GLU A 720 -19.61 1.71 -32.43
CA GLU A 720 -18.92 2.06 -33.69
C GLU A 720 -19.83 2.45 -34.88
N SER A 721 -20.20 3.74 -34.90
CA SER A 721 -20.60 4.44 -36.12
C SER A 721 -19.29 4.92 -36.76
N PHE A 722 -18.70 4.05 -37.57
CA PHE A 722 -17.47 4.35 -38.31
C PHE A 722 -17.68 4.02 -39.80
N ALA A 723 -17.76 5.11 -40.60
CA ALA A 723 -18.10 5.12 -42.03
C ALA A 723 -16.85 5.30 -42.89
N LEU B 8 -17.84 -18.64 -18.95
CA LEU B 8 -16.35 -18.38 -18.98
C LEU B 8 -15.96 -16.94 -19.34
N ARG B 9 -15.99 -16.54 -20.60
CA ARG B 9 -15.76 -15.08 -20.89
C ARG B 9 -14.56 -14.33 -20.20
N PRO B 10 -13.57 -13.86 -20.98
CA PRO B 10 -13.32 -14.14 -22.39
C PRO B 10 -12.76 -15.52 -22.65
N ILE B 11 -13.06 -16.01 -23.82
CA ILE B 11 -12.70 -17.35 -24.18
C ILE B 11 -11.34 -17.21 -24.98
N ALA B 12 -10.49 -18.22 -25.00
CA ALA B 12 -9.29 -18.14 -25.84
C ALA B 12 -8.19 -17.16 -25.42
N THR B 13 -7.96 -17.07 -24.12
CA THR B 13 -6.90 -16.21 -23.60
C THR B 13 -5.69 -17.14 -23.50
N PRO B 14 -4.51 -16.55 -23.66
CA PRO B 14 -3.25 -17.28 -23.61
C PRO B 14 -3.00 -18.03 -22.30
N TYR B 15 -3.47 -17.44 -21.18
CA TYR B 15 -3.37 -18.04 -19.84
C TYR B 15 -4.71 -17.98 -19.15
N PRO B 16 -4.90 -18.75 -18.07
CA PRO B 16 -6.23 -18.81 -17.44
C PRO B 16 -6.89 -17.49 -16.99
N VAL B 17 -8.22 -17.43 -17.02
CA VAL B 17 -8.93 -16.19 -16.66
C VAL B 17 -9.19 -16.19 -15.13
N LYS B 18 -8.33 -15.44 -14.43
CA LYS B 18 -8.33 -15.37 -12.97
C LYS B 18 -9.67 -14.84 -12.43
N GLU B 19 -10.31 -13.91 -13.16
CA GLU B 19 -11.62 -13.40 -12.75
C GLU B 19 -12.79 -14.41 -12.89
N TRP B 20 -12.54 -15.59 -13.46
CA TRP B 20 -13.54 -16.64 -13.64
C TRP B 20 -13.17 -17.79 -12.72
N LEU B 21 -11.90 -18.12 -12.65
CA LEU B 21 -11.42 -19.03 -11.67
C LEU B 21 -11.89 -18.68 -10.23
N GLN B 22 -12.00 -17.38 -9.93
CA GLN B 22 -12.45 -16.88 -8.68
C GLN B 22 -13.25 -15.64 -8.95
N PRO B 23 -14.56 -15.80 -9.10
CA PRO B 23 -15.47 -14.67 -9.40
C PRO B 23 -15.39 -13.49 -8.44
N LYS B 24 -15.02 -13.74 -7.21
CA LYS B 24 -14.85 -12.67 -6.24
C LYS B 24 -13.78 -11.65 -6.69
N ARG B 25 -12.76 -12.10 -7.45
CA ARG B 25 -11.80 -11.13 -8.02
C ARG B 25 -12.44 -10.17 -8.95
N TYR B 26 -13.36 -10.67 -9.76
CA TYR B 26 -14.14 -9.86 -10.65
C TYR B 26 -15.08 -8.91 -9.88
N LYS B 27 -15.79 -9.39 -8.86
CA LYS B 27 -16.60 -8.48 -7.99
C LYS B 27 -15.76 -7.39 -7.35
N ALA B 28 -14.53 -7.73 -6.94
CA ALA B 28 -13.64 -6.70 -6.37
C ALA B 28 -13.37 -5.67 -7.42
N HIS B 29 -13.08 -6.14 -8.62
CA HIS B 29 -12.71 -5.22 -9.70
C HIS B 29 -13.89 -4.37 -10.10
N LEU B 30 -15.07 -4.95 -10.11
CA LEU B 30 -16.31 -4.18 -10.40
C LEU B 30 -16.51 -3.05 -9.41
N MET B 31 -16.14 -3.28 -8.15
CA MET B 31 -16.23 -2.26 -7.13
C MET B 31 -15.05 -1.29 -7.10
N GLY B 32 -14.14 -1.45 -8.04
CA GLY B 32 -13.09 -0.46 -8.21
C GLY B 32 -11.85 -0.69 -7.34
N THR B 33 -11.58 -1.94 -6.93
CA THR B 33 -10.53 -2.13 -6.01
C THR B 33 -9.88 -3.47 -6.30
N THR B 34 -8.66 -3.58 -5.81
CA THR B 34 -7.94 -4.80 -5.82
C THR B 34 -8.58 -5.90 -4.97
N TYR B 35 -8.63 -7.09 -5.52
CA TYR B 35 -9.00 -8.27 -4.78
C TYR B 35 -7.94 -8.57 -3.70
N VAL B 36 -8.41 -8.76 -2.46
CA VAL B 36 -7.54 -8.93 -1.28
C VAL B 36 -6.44 -9.91 -1.52
N TYR B 37 -6.81 -11.05 -2.07
CA TYR B 37 -5.84 -12.12 -2.23
C TYR B 37 -4.72 -11.77 -3.23
N ASP B 38 -4.90 -10.66 -3.94
CA ASP B 38 -3.89 -10.11 -4.86
C ASP B 38 -3.02 -8.96 -4.29
N PHE B 39 -3.38 -8.44 -3.13
CA PHE B 39 -2.56 -7.43 -2.47
C PHE B 39 -1.10 -7.83 -2.20
N PRO B 40 -0.88 -9.05 -1.72
CA PRO B 40 0.47 -9.53 -1.58
C PRO B 40 1.37 -9.42 -2.83
N GLU B 41 0.77 -9.63 -4.00
CA GLU B 41 1.43 -9.54 -5.25
C GLU B 41 1.76 -8.13 -5.49
N LEU B 42 0.84 -7.21 -5.19
CA LEU B 42 1.21 -5.83 -5.31
C LEU B 42 2.40 -5.47 -4.42
N PHE B 43 2.50 -6.04 -3.21
CA PHE B 43 3.65 -5.76 -2.29
C PHE B 43 4.93 -6.33 -2.86
N ARG B 44 4.82 -7.48 -3.49
CA ARG B 44 5.95 -8.15 -4.24
C ARG B 44 6.44 -7.26 -5.37
N GLN B 45 5.52 -6.78 -6.20
CA GLN B 45 5.83 -5.78 -7.25
C GLN B 45 6.52 -4.54 -6.68
N ALA B 46 5.90 -3.92 -5.68
CA ALA B 46 6.44 -2.73 -5.05
C ALA B 46 7.80 -2.92 -4.41
N SER B 47 8.09 -4.08 -3.84
CA SER B 47 9.38 -4.26 -3.21
C SER B 47 10.48 -4.53 -4.24
N SER B 48 10.09 -5.22 -5.31
CA SER B 48 10.94 -5.38 -6.49
C SER B 48 11.36 -4.05 -7.09
N SER B 49 10.42 -3.14 -7.29
CA SER B 49 10.78 -1.76 -7.64
C SER B 49 11.67 -1.09 -6.66
N GLN B 50 11.49 -1.28 -5.34
CA GLN B 50 12.42 -0.66 -4.40
C GLN B 50 13.85 -1.05 -4.81
N TRP B 51 14.05 -2.32 -5.07
CA TRP B 51 15.38 -2.81 -5.39
C TRP B 51 15.92 -2.23 -6.73
N LYS B 52 15.05 -2.20 -7.76
CA LYS B 52 15.34 -1.56 -9.07
C LYS B 52 15.79 -0.11 -8.90
N ASN B 53 15.08 0.65 -8.08
CA ASN B 53 15.41 2.05 -7.87
C ASN B 53 16.67 2.18 -7.01
N PHE B 54 16.98 1.18 -6.22
CA PHE B 54 18.13 1.26 -5.36
C PHE B 54 19.39 0.92 -6.12
N SER B 55 19.30 -0.10 -6.97
CA SER B 55 20.48 -0.72 -7.54
C SER B 55 20.09 -1.66 -8.63
N ALA B 56 19.94 -1.12 -9.83
CA ALA B 56 19.24 -1.79 -10.93
C ALA B 56 19.85 -3.06 -11.44
N ASP B 57 21.12 -3.28 -11.13
CA ASP B 57 21.80 -4.48 -11.60
C ASP B 57 21.93 -5.41 -10.41
N VAL B 58 20.78 -5.85 -9.93
CA VAL B 58 20.75 -6.75 -8.79
C VAL B 58 19.80 -7.87 -9.13
N LYS B 59 20.22 -9.11 -8.84
CA LYS B 59 19.40 -10.27 -9.24
C LYS B 59 18.46 -10.56 -8.09
N LEU B 60 17.16 -10.42 -8.32
CA LEU B 60 16.20 -10.87 -7.32
C LEU B 60 15.67 -12.18 -7.78
N THR B 61 15.66 -13.20 -6.94
CA THR B 61 15.00 -14.45 -7.31
C THR B 61 13.45 -14.44 -7.07
N ASP B 62 12.97 -14.85 -5.92
CA ASP B 62 11.52 -14.90 -5.71
C ASP B 62 11.38 -15.22 -4.27
N ASP B 63 12.43 -15.85 -3.73
CA ASP B 63 12.57 -16.03 -2.30
C ASP B 63 12.93 -14.76 -1.51
N PHE B 64 13.08 -13.64 -2.17
CA PHE B 64 13.26 -12.38 -1.51
C PHE B 64 11.96 -11.97 -0.84
N PHE B 65 10.83 -12.57 -1.20
CA PHE B 65 9.56 -12.11 -0.71
C PHE B 65 8.62 -13.31 -0.48
N ILE B 66 8.01 -13.37 0.71
CA ILE B 66 7.15 -14.47 1.08
C ILE B 66 5.94 -13.89 1.79
N SER B 67 4.76 -14.31 1.37
CA SER B 67 3.50 -13.97 1.98
C SER B 67 2.85 -15.27 2.40
N ASN B 68 2.55 -15.39 3.69
CA ASN B 68 1.92 -16.56 4.27
C ASN B 68 0.63 -16.06 4.89
N GLU B 69 -0.53 -16.50 4.41
CA GLU B 69 -1.81 -16.09 5.03
C GLU B 69 -1.90 -16.58 6.45
N LEU B 70 -2.48 -15.74 7.30
CA LEU B 70 -2.77 -16.09 8.67
C LEU B 70 -4.25 -16.32 8.86
N ILE B 71 -4.60 -17.47 9.43
CA ILE B 71 -5.99 -17.66 9.88
C ILE B 71 -6.05 -18.08 11.37
N GLU B 72 -7.22 -17.97 11.98
CA GLU B 72 -7.41 -18.67 13.23
C GLU B 72 -7.63 -20.19 13.12
N ASP B 73 -6.87 -20.92 13.93
CA ASP B 73 -7.12 -22.33 14.07
C ASP B 73 -8.34 -22.55 15.01
N GLU B 74 -8.45 -23.79 15.43
CA GLU B 74 -9.66 -24.36 16.04
C GLU B 74 -9.82 -23.79 17.47
N ASN B 75 -8.69 -23.40 18.06
CA ASN B 75 -8.67 -22.76 19.35
C ASN B 75 -8.52 -21.23 19.31
N GLY B 76 -8.70 -20.65 18.12
CA GLY B 76 -8.62 -19.21 17.92
C GLY B 76 -7.23 -18.62 17.83
N GLU B 77 -6.22 -19.49 17.71
CA GLU B 77 -4.84 -19.03 17.57
C GLU B 77 -4.46 -18.89 16.12
N LEU B 78 -3.72 -17.84 15.82
CA LEU B 78 -3.26 -17.55 14.47
C LEU B 78 -2.19 -18.54 13.98
N THR B 79 -2.36 -18.95 12.73
CA THR B 79 -1.55 -19.99 12.14
C THR B 79 -1.43 -19.69 10.69
N GLU B 80 -0.31 -20.07 10.12
CA GLU B 80 0.00 -19.84 8.72
C GLU B 80 -0.53 -20.97 7.89
N VAL B 81 -1.32 -20.59 6.87
CA VAL B 81 -1.91 -21.49 5.87
C VAL B 81 -1.58 -21.07 4.43
N GLU B 82 -1.56 -22.07 3.54
CA GLU B 82 -1.54 -21.84 2.08
C GLU B 82 -2.82 -22.46 1.51
N ARG B 83 -3.64 -21.67 0.85
CA ARG B 83 -4.97 -22.14 0.55
C ARG B 83 -5.43 -21.37 -0.69
N GLU B 84 -6.53 -21.71 -1.28
CA GLU B 84 -6.91 -21.00 -2.45
C GLU B 84 -7.60 -19.65 -2.08
N PRO B 85 -7.37 -18.60 -2.87
CA PRO B 85 -8.09 -17.38 -2.68
C PRO B 85 -9.57 -17.63 -2.72
N GLY B 86 -10.26 -17.03 -1.78
CA GLY B 86 -11.68 -17.02 -1.81
C GLY B 86 -12.28 -17.98 -0.84
N ALA B 87 -11.45 -18.68 -0.06
CA ALA B 87 -11.93 -19.67 0.95
C ALA B 87 -12.19 -19.05 2.36
N ASN B 88 -11.97 -17.73 2.48
CA ASN B 88 -12.18 -17.08 3.71
C ASN B 88 -13.63 -17.20 4.14
N ALA B 89 -13.82 -17.68 5.35
CA ALA B 89 -15.13 -17.80 5.96
C ALA B 89 -15.49 -16.60 6.75
N ILE B 90 -14.58 -15.63 6.83
CA ILE B 90 -14.90 -14.33 7.41
C ILE B 90 -14.40 -13.25 6.46
N GLY B 91 -14.89 -12.05 6.64
CA GLY B 91 -14.59 -10.98 5.73
C GLY B 91 -13.42 -10.11 6.09
N MET B 92 -12.41 -10.68 6.72
CA MET B 92 -11.19 -9.97 7.06
C MET B 92 -10.12 -10.96 6.97
N VAL B 93 -9.01 -10.63 6.32
CA VAL B 93 -7.94 -11.59 6.06
C VAL B 93 -6.60 -10.96 6.42
N ALA B 94 -5.57 -11.76 6.53
CA ALA B 94 -4.30 -11.25 6.83
C ALA B 94 -3.20 -12.10 6.34
N PHE B 95 -2.04 -11.45 6.18
CA PHE B 95 -0.85 -12.07 5.64
C PHE B 95 0.32 -11.67 6.45
N LYS B 96 1.22 -12.60 6.73
CA LYS B 96 2.53 -12.27 7.28
C LYS B 96 3.49 -12.20 6.11
N ILE B 97 4.08 -11.01 5.91
CA ILE B 97 5.07 -10.78 4.86
C ILE B 97 6.51 -10.73 5.42
N THR B 98 7.41 -11.39 4.70
CA THR B 98 8.82 -11.44 5.01
C THR B 98 9.49 -11.12 3.67
N VAL B 99 10.11 -9.93 3.61
CA VAL B 99 10.74 -9.37 2.45
C VAL B 99 12.20 -9.01 2.72
N LYS B 100 13.07 -9.28 1.80
CA LYS B 100 14.41 -8.64 1.77
C LYS B 100 14.37 -7.33 1.05
N THR B 101 14.78 -6.26 1.74
CA THR B 101 14.72 -4.93 1.19
C THR B 101 16.15 -4.35 1.18
N PRO B 102 16.39 -3.27 0.42
CA PRO B 102 17.73 -2.65 0.54
C PRO B 102 18.18 -2.31 1.99
N GLU B 103 17.23 -1.91 2.83
CA GLU B 103 17.59 -1.51 4.18
C GLU B 103 17.74 -2.76 5.07
N TYR B 104 17.15 -3.87 4.63
CA TYR B 104 17.13 -5.13 5.40
C TYR B 104 17.33 -6.30 4.46
N PRO B 105 18.50 -6.35 3.85
CA PRO B 105 18.74 -7.32 2.79
C PRO B 105 18.58 -8.76 3.24
N ARG B 106 18.67 -9.03 4.52
CA ARG B 106 18.40 -10.36 5.01
C ARG B 106 16.94 -10.61 5.42
N GLY B 107 16.08 -9.59 5.33
CA GLY B 107 14.62 -9.78 5.51
C GLY B 107 14.10 -9.00 6.69
N ARG B 108 12.92 -8.40 6.49
CA ARG B 108 12.10 -7.77 7.55
C ARG B 108 10.66 -8.30 7.45
N GLN B 109 9.89 -8.21 8.54
CA GLN B 109 8.54 -8.76 8.56
C GLN B 109 7.49 -7.69 8.91
N PHE B 110 6.30 -7.90 8.38
CA PHE B 110 5.17 -7.12 8.77
C PHE B 110 3.89 -7.89 8.53
N VAL B 111 2.82 -7.27 8.98
CA VAL B 111 1.53 -7.86 8.86
C VAL B 111 0.68 -6.98 8.01
N VAL B 112 0.00 -7.63 7.08
CA VAL B 112 -1.04 -7.00 6.33
C VAL B 112 -2.37 -7.54 6.76
N VAL B 113 -3.28 -6.65 7.20
CA VAL B 113 -4.65 -7.04 7.47
C VAL B 113 -5.53 -6.30 6.55
N ALA B 114 -6.65 -6.92 6.15
CA ALA B 114 -7.51 -6.32 5.13
C ALA B 114 -8.94 -6.77 5.16
N ASN B 115 -9.85 -5.85 4.96
CA ASN B 115 -11.21 -6.26 4.62
C ASN B 115 -11.24 -7.01 3.25
N ASP B 116 -12.10 -8.04 3.17
CA ASP B 116 -12.62 -8.53 1.89
C ASP B 116 -13.89 -7.75 1.49
N ILE B 117 -13.78 -6.81 0.55
CA ILE B 117 -14.95 -6.02 0.09
C ILE B 117 -16.08 -6.90 -0.59
N THR B 118 -15.73 -8.12 -0.99
CA THR B 118 -16.65 -9.12 -1.57
C THR B 118 -17.34 -10.02 -0.52
N PHE B 119 -17.03 -9.88 0.77
CA PHE B 119 -17.67 -10.67 1.83
C PHE B 119 -18.61 -9.73 2.52
N LYS B 120 -19.91 -9.91 2.35
CA LYS B 120 -20.94 -9.09 2.94
C LYS B 120 -20.53 -7.64 2.99
N ILE B 121 -20.10 -7.19 1.81
CA ILE B 121 -19.63 -5.86 1.50
C ILE B 121 -18.52 -5.30 2.38
N GLY B 122 -17.61 -6.15 2.80
CA GLY B 122 -16.54 -5.80 3.70
C GLY B 122 -17.05 -5.14 4.98
N SER B 123 -18.25 -5.51 5.39
CA SER B 123 -18.85 -5.09 6.63
C SER B 123 -18.10 -5.74 7.80
N PHE B 124 -18.14 -5.08 8.93
CA PHE B 124 -17.43 -5.56 10.11
C PHE B 124 -18.45 -6.25 11.01
N GLY B 125 -18.38 -7.59 11.07
CA GLY B 125 -19.06 -8.28 12.14
C GLY B 125 -18.21 -8.65 13.31
N PRO B 126 -18.81 -9.22 14.33
CA PRO B 126 -17.97 -9.64 15.42
C PRO B 126 -16.72 -10.49 15.12
N GLN B 127 -16.79 -11.40 14.16
CA GLN B 127 -15.67 -12.34 13.85
C GLN B 127 -14.58 -11.62 13.14
N GLU B 128 -14.97 -10.61 12.37
CA GLU B 128 -14.01 -9.77 11.69
C GLU B 128 -13.26 -8.88 12.68
N ASP B 129 -13.99 -8.30 13.65
CA ASP B 129 -13.43 -7.46 14.71
C ASP B 129 -12.47 -8.29 15.57
N GLU B 130 -12.90 -9.48 15.92
CA GLU B 130 -12.09 -10.36 16.71
C GLU B 130 -10.85 -10.72 15.98
N PHE B 131 -10.98 -11.11 14.72
CA PHE B 131 -9.76 -11.49 13.92
C PHE B 131 -8.83 -10.25 13.76
N PHE B 132 -9.43 -9.11 13.45
CA PHE B 132 -8.59 -7.89 13.32
C PHE B 132 -7.79 -7.60 14.60
N ASN B 133 -8.45 -7.74 15.73
CA ASN B 133 -7.82 -7.60 17.03
C ASN B 133 -6.76 -8.61 17.28
N LYS B 134 -7.02 -9.88 17.04
CA LYS B 134 -6.00 -10.85 17.26
C LYS B 134 -4.73 -10.63 16.44
N VAL B 135 -4.93 -10.10 15.25
CA VAL B 135 -3.82 -9.85 14.29
C VAL B 135 -3.04 -8.60 14.70
N THR B 136 -3.78 -7.56 15.08
CA THR B 136 -3.12 -6.42 15.70
C THR B 136 -2.25 -6.83 16.90
N GLU B 137 -2.79 -7.64 17.83
CA GLU B 137 -1.98 -8.12 18.96
C GLU B 137 -0.82 -8.99 18.56
N TYR B 138 -1.02 -9.81 17.56
CA TYR B 138 0.07 -10.62 17.01
C TYR B 138 1.28 -9.76 16.61
N ALA B 139 1.02 -8.72 15.80
CA ALA B 139 2.02 -7.68 15.44
C ALA B 139 2.68 -7.00 16.65
N ARG B 140 1.84 -6.52 17.54
CA ARG B 140 2.35 -5.82 18.71
C ARG B 140 3.28 -6.69 19.53
N LYS B 141 2.93 -7.93 19.76
CA LYS B 141 3.76 -8.86 20.51
C LYS B 141 5.12 -9.00 19.84
N ARG B 142 5.17 -9.10 18.50
CA ARG B 142 6.42 -9.31 17.81
C ARG B 142 7.20 -8.01 17.48
N GLY B 143 6.55 -6.85 17.72
CA GLY B 143 7.15 -5.57 17.44
C GLY B 143 7.14 -5.13 15.98
N ILE B 144 6.47 -5.90 15.12
CA ILE B 144 6.52 -5.69 13.68
C ILE B 144 5.35 -4.78 13.20
N PRO B 145 5.57 -4.04 12.08
CA PRO B 145 4.55 -3.14 11.61
C PRO B 145 3.21 -3.80 11.33
N ARG B 146 2.15 -3.01 11.48
CA ARG B 146 0.76 -3.42 11.10
C ARG B 146 0.21 -2.54 9.98
N ILE B 147 0.08 -3.12 8.79
CA ILE B 147 -0.55 -2.46 7.65
C ILE B 147 -2.00 -2.90 7.53
N TYR B 148 -2.89 -1.93 7.48
CA TYR B 148 -4.31 -2.20 7.27
C TYR B 148 -4.79 -1.68 5.90
N LEU B 149 -5.46 -2.55 5.15
CA LEU B 149 -5.99 -2.22 3.84
C LEU B 149 -7.48 -2.13 4.02
N ALA B 150 -7.95 -0.91 4.07
CA ALA B 150 -9.30 -0.64 4.39
C ALA B 150 -10.16 -0.55 3.14
N ALA B 151 -11.23 -1.33 3.13
CA ALA B 151 -12.18 -1.41 2.01
C ALA B 151 -13.43 -2.03 2.60
N ASN B 152 -14.43 -1.21 2.94
CA ASN B 152 -15.44 -1.69 3.84
C ASN B 152 -16.69 -0.85 3.86
N SER B 153 -17.68 -1.36 4.54
CA SER B 153 -18.96 -0.73 4.65
C SER B 153 -19.37 -0.45 6.12
N GLY B 154 -18.39 -0.37 7.01
CA GLY B 154 -18.63 -0.19 8.44
C GLY B 154 -19.21 -1.41 9.14
N ALA B 155 -19.82 -1.18 10.29
CA ALA B 155 -20.46 -2.27 11.05
C ALA B 155 -21.56 -3.02 10.25
N ARG B 156 -21.58 -4.33 10.41
CA ARG B 156 -22.65 -5.16 9.89
C ARG B 156 -23.95 -4.79 10.58
N ILE B 157 -25.02 -4.72 9.77
CA ILE B 157 -26.34 -4.47 10.27
C ILE B 157 -27.32 -5.57 9.85
N GLY B 158 -28.43 -5.59 10.55
CA GLY B 158 -29.47 -6.57 10.30
C GLY B 158 -30.64 -6.46 11.25
N MET B 159 -31.72 -7.13 10.83
CA MET B 159 -32.88 -7.43 11.64
C MET B 159 -33.07 -8.94 11.68
N ALA B 160 -33.88 -9.39 12.64
CA ALA B 160 -34.18 -10.82 12.86
C ALA B 160 -35.14 -11.26 11.76
N GLU B 161 -34.56 -11.76 10.68
CA GLU B 161 -35.33 -12.02 9.44
C GLU B 161 -36.46 -13.11 9.63
N GLU B 162 -36.19 -14.01 10.57
CA GLU B 162 -37.06 -15.09 10.91
C GLU B 162 -38.26 -14.66 11.71
N ILE B 163 -38.39 -13.39 12.00
CA ILE B 163 -39.54 -12.91 12.78
C ILE B 163 -40.45 -12.09 11.86
N VAL B 164 -39.93 -11.70 10.71
CA VAL B 164 -40.70 -10.94 9.72
C VAL B 164 -41.99 -11.70 9.32
N PRO B 165 -41.90 -12.98 8.91
CA PRO B 165 -43.08 -13.71 8.42
C PRO B 165 -44.03 -14.21 9.51
N LEU B 166 -43.62 -14.12 10.77
CA LEU B 166 -44.43 -14.61 11.88
C LEU B 166 -45.26 -13.55 12.62
N PHE B 167 -44.83 -12.29 12.60
CA PHE B 167 -45.37 -11.34 13.60
C PHE B 167 -46.78 -10.87 13.21
N GLN B 168 -47.56 -10.55 14.25
CA GLN B 168 -48.95 -10.14 14.09
C GLN B 168 -49.12 -8.77 14.65
N VAL B 169 -49.97 -7.98 14.02
CA VAL B 169 -50.30 -6.69 14.57
C VAL B 169 -51.57 -6.81 15.42
N ALA B 170 -51.56 -6.12 16.56
CA ALA B 170 -52.73 -6.00 17.40
C ALA B 170 -53.33 -4.65 17.10
N TRP B 171 -54.29 -4.60 16.17
CA TRP B 171 -54.86 -3.29 15.81
C TRP B 171 -55.81 -2.79 16.90
N ASN B 172 -56.10 -1.50 16.82
CA ASN B 172 -57.14 -0.84 17.62
C ASN B 172 -58.56 -1.21 17.13
N ASP B 173 -58.61 -1.63 15.86
CA ASP B 173 -59.80 -1.70 15.06
C ASP B 173 -59.36 -2.31 13.72
N ALA B 174 -59.51 -3.64 13.58
CA ALA B 174 -58.95 -4.34 12.42
C ALA B 174 -59.44 -3.79 11.08
N ALA B 175 -60.76 -3.69 10.91
CA ALA B 175 -61.35 -2.99 9.75
C ALA B 175 -61.16 -1.48 9.93
N ASN B 176 -60.38 -0.89 9.03
CA ASN B 176 -59.64 0.40 9.26
C ASN B 176 -58.33 0.25 10.07
N PRO B 177 -57.36 -0.54 9.51
CA PRO B 177 -56.02 -0.66 10.09
C PRO B 177 -55.28 0.71 10.15
N ASP B 178 -55.19 1.42 9.03
CA ASP B 178 -54.74 2.83 9.02
C ASP B 178 -55.00 3.64 10.32
N LYS B 179 -55.84 3.10 11.19
CA LYS B 179 -56.25 3.77 12.42
C LYS B 179 -55.19 3.64 13.55
N GLY B 180 -54.35 2.61 13.48
CA GLY B 180 -53.25 2.42 14.43
C GLY B 180 -53.07 0.99 14.92
N PHE B 181 -52.11 0.81 15.82
CA PHE B 181 -51.94 -0.48 16.51
C PHE B 181 -51.42 -0.29 17.95
N GLN B 182 -51.41 -1.39 18.68
CA GLN B 182 -51.08 -1.43 20.10
C GLN B 182 -49.80 -2.19 20.41
N TYR B 183 -49.52 -3.24 19.64
CA TYR B 183 -48.26 -3.96 19.76
C TYR B 183 -48.11 -4.94 18.63
N LEU B 184 -46.96 -5.61 18.59
CA LEU B 184 -46.75 -6.73 17.69
C LEU B 184 -46.63 -8.02 18.55
N TYR B 185 -46.99 -9.16 17.98
CA TYR B 185 -47.14 -10.36 18.77
C TYR B 185 -46.97 -11.62 17.97
N LEU B 186 -46.79 -12.68 18.73
CA LEU B 186 -46.79 -14.02 18.18
C LEU B 186 -48.03 -14.83 18.66
N THR B 187 -48.46 -15.72 17.75
CA THR B 187 -49.53 -16.70 17.99
C THR B 187 -48.86 -17.97 18.45
N SER B 188 -49.62 -18.85 19.11
CA SER B 188 -49.05 -20.10 19.61
C SER B 188 -48.30 -20.86 18.51
N GLU B 189 -48.70 -20.58 17.27
CA GLU B 189 -48.18 -21.23 16.10
C GLU B 189 -46.80 -20.63 15.79
N GLY B 190 -46.70 -19.30 15.87
CA GLY B 190 -45.43 -18.55 15.77
C GLY B 190 -44.44 -19.13 16.76
N MET B 191 -44.88 -19.23 18.00
CA MET B 191 -44.04 -19.78 19.05
C MET B 191 -43.56 -21.21 18.81
N GLU B 192 -44.34 -21.95 18.02
CA GLU B 192 -44.01 -23.32 17.64
C GLU B 192 -43.02 -23.32 16.48
N THR B 193 -43.25 -22.50 15.47
CA THR B 193 -42.30 -22.41 14.37
C THR B 193 -40.88 -22.17 14.95
N LEU B 194 -40.80 -21.20 15.88
CA LEU B 194 -39.55 -20.86 16.56
C LEU B 194 -39.00 -22.03 17.37
N LYS B 195 -39.80 -22.58 18.29
CA LYS B 195 -39.40 -23.83 19.04
C LYS B 195 -38.92 -24.93 18.09
N LYS B 196 -39.64 -25.09 16.99
CA LYS B 196 -39.35 -26.14 16.05
C LYS B 196 -37.91 -26.00 15.52
N PHE B 197 -37.53 -24.76 15.16
CA PHE B 197 -36.18 -24.46 14.57
C PHE B 197 -35.05 -24.13 15.59
N ASP B 198 -35.29 -24.44 16.85
CA ASP B 198 -34.44 -24.07 17.96
C ASP B 198 -34.05 -22.59 17.89
N LYS B 199 -35.09 -21.75 17.95
CA LYS B 199 -34.94 -20.31 17.95
C LYS B 199 -35.90 -19.67 18.94
N GLU B 200 -36.07 -20.27 20.11
CA GLU B 200 -37.05 -19.76 21.04
C GLU B 200 -36.60 -18.42 21.64
N ASN B 201 -35.30 -18.26 21.74
CA ASN B 201 -34.74 -17.01 22.28
C ASN B 201 -34.58 -15.87 21.23
N SER B 202 -34.99 -16.09 20.00
CA SER B 202 -35.06 -15.03 19.01
C SER B 202 -35.91 -13.84 19.40
N VAL B 203 -36.87 -14.03 20.31
CA VAL B 203 -37.63 -12.93 20.88
C VAL B 203 -37.91 -13.11 22.38
N LEU B 204 -38.20 -11.99 23.02
CA LEU B 204 -38.73 -11.98 24.34
C LEU B 204 -40.17 -11.50 24.29
N THR B 205 -41.05 -12.37 24.82
CA THR B 205 -42.49 -12.20 24.74
C THR B 205 -43.06 -12.26 26.15
N GLU B 206 -44.20 -11.60 26.34
CA GLU B 206 -45.02 -11.78 27.55
C GLU B 206 -46.40 -12.29 27.12
N ARG B 207 -46.84 -13.37 27.76
CA ARG B 207 -48.14 -13.94 27.39
C ARG B 207 -49.33 -13.13 27.97
N THR B 208 -50.31 -12.95 27.10
CA THR B 208 -51.55 -12.27 27.40
C THR B 208 -52.71 -13.15 26.90
N VAL B 209 -53.76 -13.24 27.70
CA VAL B 209 -55.01 -13.80 27.21
C VAL B 209 -55.95 -12.62 26.96
N ILE B 210 -56.49 -12.54 25.73
CA ILE B 210 -57.42 -11.49 25.34
C ILE B 210 -58.68 -12.16 24.77
N ASN B 211 -59.85 -11.91 25.40
CA ASN B 211 -61.08 -12.68 25.12
C ASN B 211 -60.84 -14.20 24.96
N GLY B 212 -60.24 -14.81 26.00
CA GLY B 212 -59.80 -16.22 25.92
C GLY B 212 -58.84 -16.61 24.76
N GLU B 213 -58.25 -15.62 24.11
CA GLU B 213 -57.23 -15.82 23.06
C GLU B 213 -55.80 -15.47 23.59
N GLU B 214 -54.92 -16.49 23.47
CA GLU B 214 -53.43 -16.43 23.64
C GLU B 214 -52.68 -15.55 22.64
N ARG B 215 -52.09 -14.51 23.22
CA ARG B 215 -51.14 -13.66 22.52
C ARG B 215 -49.78 -13.63 23.25
N PHE B 216 -48.72 -13.78 22.46
CA PHE B 216 -47.33 -13.63 22.99
C PHE B 216 -46.79 -12.31 22.53
N VAL B 217 -46.99 -11.28 23.35
CA VAL B 217 -46.68 -9.94 22.89
C VAL B 217 -45.16 -9.72 22.86
N ILE B 218 -44.67 -9.17 21.76
CA ILE B 218 -43.20 -9.07 21.51
C ILE B 218 -42.65 -7.87 22.25
N LYS B 219 -41.82 -8.15 23.27
CA LYS B 219 -41.26 -7.05 24.11
C LYS B 219 -39.88 -6.62 23.59
N THR B 220 -39.16 -7.59 23.00
CA THR B 220 -37.91 -7.32 22.36
C THR B 220 -37.61 -8.34 21.26
N ILE B 221 -37.04 -7.87 20.13
CA ILE B 221 -36.49 -8.79 19.11
C ILE B 221 -34.95 -8.93 19.24
N ILE B 222 -34.45 -10.15 19.44
CA ILE B 222 -33.07 -10.44 19.61
C ILE B 222 -32.52 -10.99 18.31
N GLY B 223 -33.01 -12.12 17.82
CA GLY B 223 -32.61 -12.66 16.53
C GLY B 223 -31.64 -13.82 16.69
N SER B 224 -31.69 -14.78 15.79
CA SER B 224 -30.89 -15.99 15.98
C SER B 224 -29.48 -15.76 15.37
N GLU B 225 -29.42 -14.85 14.41
CA GLU B 225 -28.24 -14.49 13.65
C GLU B 225 -27.38 -13.50 14.42
N ASP B 226 -26.08 -13.82 14.53
CA ASP B 226 -25.13 -12.91 15.16
C ASP B 226 -24.74 -11.82 14.19
N GLY B 227 -24.69 -10.57 14.61
CA GLY B 227 -24.11 -9.56 13.72
C GLY B 227 -25.05 -8.54 13.16
N LEU B 228 -26.02 -8.19 13.96
CA LEU B 228 -27.17 -7.38 13.56
C LEU B 228 -27.11 -5.96 14.09
N GLY B 229 -26.55 -5.83 15.28
CA GLY B 229 -26.68 -4.58 16.02
C GLY B 229 -25.53 -4.31 16.95
N VAL B 230 -25.84 -4.16 18.21
CA VAL B 230 -24.85 -3.72 19.21
C VAL B 230 -23.64 -4.66 19.41
N GLU B 231 -23.77 -5.92 19.05
CA GLU B 231 -22.63 -6.82 19.15
C GLU B 231 -21.53 -6.34 18.17
N CYS B 232 -21.97 -5.64 17.14
CA CYS B 232 -21.08 -5.12 16.12
C CYS B 232 -20.42 -3.83 16.61
N LEU B 233 -21.17 -3.05 17.34
CA LEU B 233 -20.67 -1.85 17.93
C LEU B 233 -19.63 -2.13 18.98
N ARG B 234 -19.86 -3.13 19.82
CA ARG B 234 -18.85 -3.55 20.72
C ARG B 234 -17.57 -4.04 20.03
N GLY B 235 -17.67 -4.84 18.98
CA GLY B 235 -16.50 -5.27 18.27
C GLY B 235 -15.71 -4.11 17.64
N SER B 236 -16.46 -3.10 17.24
CA SER B 236 -15.93 -1.83 16.73
C SER B 236 -15.09 -1.08 17.74
N GLY B 237 -15.61 -0.92 18.94
CA GLY B 237 -14.86 -0.30 20.06
C GLY B 237 -13.65 -1.11 20.42
N LEU B 238 -13.77 -2.42 20.45
CA LEU B 238 -12.62 -3.24 20.73
C LEU B 238 -11.43 -2.92 19.76
N ILE B 239 -11.72 -2.84 18.45
CA ILE B 239 -10.66 -2.64 17.48
C ILE B 239 -10.25 -1.17 17.39
N ALA B 240 -11.14 -0.24 17.77
CA ALA B 240 -10.80 1.16 17.92
C ALA B 240 -9.70 1.28 19.02
N GLY B 241 -9.95 0.68 20.19
CA GLY B 241 -8.98 0.76 21.28
C GLY B 241 -7.67 0.08 20.94
N ALA B 242 -7.77 -1.03 20.23
CA ALA B 242 -6.61 -1.83 19.90
C ALA B 242 -5.68 -1.11 19.04
N THR B 243 -6.26 -0.29 18.15
CA THR B 243 -5.56 0.47 17.16
C THR B 243 -4.99 1.73 17.80
N SER B 244 -5.75 2.36 18.68
CA SER B 244 -5.17 3.41 19.55
C SER B 244 -3.85 2.99 20.23
N ARG B 245 -3.89 1.79 20.80
CA ARG B 245 -2.76 1.22 21.49
C ARG B 245 -1.60 0.85 20.56
N ALA B 246 -1.96 0.33 19.40
CA ALA B 246 -0.96 -0.11 18.39
C ALA B 246 -0.11 1.05 17.89
N TYR B 247 -0.76 2.20 17.68
CA TYR B 247 -0.06 3.40 17.22
C TYR B 247 1.09 3.79 18.17
N HIS B 248 0.90 3.56 19.47
CA HIS B 248 1.94 3.84 20.49
C HIS B 248 3.04 2.84 20.61
N ASP B 249 2.94 1.78 19.88
CA ASP B 249 3.76 0.63 20.11
C ASP B 249 4.43 0.08 18.85
N ILE B 250 3.77 0.12 17.72
CA ILE B 250 4.30 -0.38 16.49
C ILE B 250 4.02 0.62 15.37
N PHE B 251 4.74 0.45 14.26
CA PHE B 251 4.45 1.21 13.01
C PHE B 251 3.12 0.77 12.50
N THR B 252 2.20 1.73 12.52
CA THR B 252 0.89 1.52 11.94
C THR B 252 0.65 2.41 10.69
N ILE B 253 0.04 1.86 9.67
CA ILE B 253 -0.32 2.59 8.48
C ILE B 253 -1.56 1.87 7.83
N THR B 254 -2.46 2.70 7.28
CA THR B 254 -3.65 2.28 6.55
C THR B 254 -3.66 2.75 5.07
N LEU B 255 -4.07 1.86 4.17
CA LEU B 255 -4.39 2.26 2.78
C LEU B 255 -5.88 2.16 2.58
N VAL B 256 -6.50 3.26 2.20
CA VAL B 256 -7.91 3.28 1.87
C VAL B 256 -8.08 3.12 0.37
N THR B 257 -8.64 1.97 -0.01
CA THR B 257 -8.70 1.59 -1.41
C THR B 257 -10.04 1.29 -2.06
N CYS B 258 -11.12 1.30 -1.34
CA CYS B 258 -12.45 1.36 -1.99
C CYS B 258 -12.98 2.00 -0.76
N ARG B 259 -14.04 2.75 -0.75
CA ARG B 259 -14.45 3.35 0.56
C ARG B 259 -14.05 2.69 1.94
N SER B 260 -13.97 3.55 2.96
CA SER B 260 -13.88 3.17 4.41
C SER B 260 -14.89 3.97 5.19
N VAL B 261 -15.80 3.26 5.83
CA VAL B 261 -16.98 3.83 6.44
C VAL B 261 -17.09 3.55 7.94
N GLY B 262 -17.51 4.56 8.70
CA GLY B 262 -17.88 4.38 10.09
C GLY B 262 -16.70 4.00 10.93
N ILE B 263 -16.73 2.86 11.56
CA ILE B 263 -15.56 2.40 12.19
C ILE B 263 -14.37 2.25 11.25
N GLY B 264 -14.64 1.91 10.00
CA GLY B 264 -13.56 1.92 9.01
C GLY B 264 -12.80 3.26 8.98
N ALA B 265 -13.55 4.34 9.10
CA ALA B 265 -13.03 5.69 9.03
C ALA B 265 -12.27 5.93 10.28
N TYR B 266 -12.85 5.59 11.45
CA TYR B 266 -12.13 5.76 12.72
C TYR B 266 -10.82 5.00 12.72
N LEU B 267 -10.82 3.80 12.19
CA LEU B 267 -9.58 3.00 12.10
C LEU B 267 -8.52 3.68 11.26
N VAL B 268 -8.93 4.31 10.17
CA VAL B 268 -8.00 5.07 9.38
C VAL B 268 -7.19 6.10 10.22
N ARG B 269 -7.94 6.91 10.94
CA ARG B 269 -7.42 7.94 11.78
C ARG B 269 -6.64 7.43 13.02
N LEU B 270 -7.08 6.34 13.65
CA LEU B 270 -6.46 5.83 14.88
C LEU B 270 -5.14 5.21 14.60
N GLY B 271 -5.00 4.71 13.39
CA GLY B 271 -3.69 4.28 12.94
C GLY B 271 -2.79 5.43 12.59
N GLN B 272 -3.38 6.64 12.50
CA GLN B 272 -2.67 7.91 12.21
C GLN B 272 -2.27 8.08 10.73
N ARG B 273 -1.29 7.28 10.34
CA ARG B 273 -0.62 7.27 9.03
C ARG B 273 -1.56 6.63 7.98
N ALA B 274 -2.04 7.44 7.04
CA ALA B 274 -3.04 7.03 6.07
C ALA B 274 -2.70 7.46 4.66
N ILE B 275 -2.91 6.57 3.72
CA ILE B 275 -2.76 6.87 2.32
C ILE B 275 -4.12 6.59 1.70
N GLN B 276 -4.66 7.60 1.02
CA GLN B 276 -5.96 7.54 0.38
C GLN B 276 -5.79 7.43 -1.11
N VAL B 277 -6.31 6.38 -1.70
CA VAL B 277 -6.49 6.30 -3.14
C VAL B 277 -7.54 7.33 -3.60
N GLU B 278 -7.19 8.09 -4.63
CA GLU B 278 -8.10 9.10 -5.24
C GLU B 278 -9.39 8.46 -5.56
N GLY B 279 -10.47 9.13 -5.21
CA GLY B 279 -11.78 8.54 -5.46
C GLY B 279 -12.36 7.56 -4.45
N GLN B 280 -11.59 7.20 -3.43
CA GLN B 280 -12.06 6.21 -2.45
C GLN B 280 -12.32 6.88 -1.13
N PRO B 281 -13.61 7.13 -0.81
CA PRO B 281 -14.02 8.12 0.25
C PRO B 281 -13.86 7.56 1.70
N ILE B 282 -13.46 8.44 2.62
CA ILE B 282 -13.43 8.14 4.03
C ILE B 282 -14.59 8.84 4.74
N ILE B 283 -15.61 8.06 5.17
CA ILE B 283 -16.84 8.67 5.63
C ILE B 283 -17.38 8.06 6.92
N LEU B 284 -18.16 8.88 7.63
CA LEU B 284 -18.91 8.42 8.75
C LEU B 284 -20.28 8.00 8.30
N THR B 285 -21.04 8.90 7.74
CA THR B 285 -22.34 8.59 7.17
C THR B 285 -22.31 8.97 5.68
N GLY B 286 -23.03 8.16 4.89
CA GLY B 286 -23.21 8.38 3.44
C GLY B 286 -24.05 9.58 3.13
N ALA B 287 -23.71 10.21 2.01
CA ALA B 287 -24.49 11.27 1.41
C ALA B 287 -26.02 10.98 1.43
N PRO B 288 -26.45 9.86 0.86
CA PRO B 288 -27.89 9.60 0.79
C PRO B 288 -28.56 9.61 2.16
N ALA B 289 -27.91 9.05 3.18
CA ALA B 289 -28.45 9.04 4.54
C ALA B 289 -28.48 10.38 5.17
N ILE B 290 -27.48 11.20 4.94
CA ILE B 290 -27.45 12.58 5.43
C ILE B 290 -28.58 13.42 4.85
N ASN B 291 -28.68 13.40 3.51
CA ASN B 291 -29.82 13.99 2.76
C ASN B 291 -31.18 13.51 3.31
N LYS B 292 -31.41 12.19 3.37
CA LYS B 292 -32.61 11.56 3.99
C LYS B 292 -33.06 12.18 5.29
N MET B 293 -32.11 12.74 6.03
CA MET B 293 -32.31 13.21 7.38
C MET B 293 -32.06 14.72 7.33
N LEU B 294 -32.44 15.30 6.21
CA LEU B 294 -32.34 16.74 5.99
C LEU B 294 -33.43 17.27 5.00
N GLY B 295 -34.35 16.40 4.59
CA GLY B 295 -35.23 16.68 3.43
C GLY B 295 -34.44 16.75 2.13
N ARG B 296 -33.74 17.87 1.94
CA ARG B 296 -33.11 18.23 0.66
C ARG B 296 -32.01 17.24 0.20
N GLU B 297 -31.82 17.15 -1.11
CA GLU B 297 -30.58 16.58 -1.67
C GLU B 297 -29.45 17.64 -1.58
N VAL B 298 -28.81 17.72 -0.41
CA VAL B 298 -27.67 18.61 -0.17
C VAL B 298 -26.45 18.15 -0.93
N TYR B 299 -26.13 16.86 -0.83
CA TYR B 299 -24.90 16.31 -1.40
C TYR B 299 -25.20 15.36 -2.54
N THR B 300 -24.35 15.41 -3.56
CA THR B 300 -24.40 14.53 -4.75
C THR B 300 -23.55 13.22 -4.62
N SER B 301 -22.44 13.30 -3.85
CA SER B 301 -21.45 12.23 -3.76
C SER B 301 -20.92 12.05 -2.32
N ASN B 302 -20.51 10.83 -1.97
CA ASN B 302 -19.70 10.64 -0.76
C ASN B 302 -18.33 11.36 -0.79
N LEU B 303 -17.85 11.71 -1.97
CA LEU B 303 -16.57 12.36 -2.11
C LEU B 303 -16.55 13.80 -1.62
N GLN B 304 -17.71 14.35 -1.39
CA GLN B 304 -17.83 15.71 -0.87
C GLN B 304 -17.77 15.71 0.62
N LEU B 305 -18.01 14.53 1.18
CA LEU B 305 -17.86 14.22 2.61
C LEU B 305 -16.45 13.68 2.98
N GLY B 306 -15.87 12.78 2.20
CA GLY B 306 -14.60 12.13 2.53
C GLY B 306 -13.64 11.88 1.40
N GLY B 307 -13.71 12.67 0.35
CA GLY B 307 -12.80 12.43 -0.76
C GLY B 307 -11.47 13.01 -0.34
N THR B 308 -10.43 12.74 -1.12
CA THR B 308 -9.10 13.29 -0.85
C THR B 308 -9.13 14.79 -0.77
N GLN B 309 -10.12 15.43 -1.35
CA GLN B 309 -10.13 16.86 -1.28
C GLN B 309 -10.60 17.36 0.11
N ILE B 310 -11.22 16.46 0.88
CA ILE B 310 -11.59 16.74 2.26
C ILE B 310 -10.42 16.26 3.15
N MET B 311 -10.03 15.00 2.97
CA MET B 311 -9.12 14.29 3.89
C MET B 311 -7.61 14.57 3.73
N TYR B 312 -7.15 14.73 2.48
CA TYR B 312 -5.73 15.13 2.18
C TYR B 312 -5.52 16.56 2.64
N ASN B 313 -6.54 17.39 2.41
CA ASN B 313 -6.52 18.83 2.73
C ASN B 313 -6.58 19.12 4.28
N ASN B 314 -7.11 18.11 5.02
CA ASN B 314 -7.37 17.96 6.51
C ASN B 314 -6.24 17.48 7.35
N GLY B 315 -5.41 16.72 6.67
CA GLY B 315 -4.35 16.01 7.28
C GLY B 315 -4.70 14.65 7.83
N VAL B 316 -5.95 14.24 7.68
CA VAL B 316 -6.32 12.89 8.00
C VAL B 316 -5.59 11.91 7.12
N SER B 317 -5.59 12.21 5.81
CA SER B 317 -4.82 11.48 4.80
C SER B 317 -3.44 12.16 4.64
N HIS B 318 -2.38 11.41 4.84
CA HIS B 318 -1.06 11.95 4.81
C HIS B 318 -0.52 12.14 3.40
N LEU B 319 -1.02 11.31 2.53
CA LEU B 319 -0.62 11.14 1.15
C LEU B 319 -1.84 10.62 0.45
N THR B 320 -1.88 10.87 -0.86
CA THR B 320 -2.83 10.26 -1.76
C THR B 320 -2.10 9.38 -2.74
N ALA B 321 -2.86 8.54 -3.44
CA ALA B 321 -2.30 7.61 -4.43
C ALA B 321 -3.31 7.52 -5.60
N VAL B 322 -2.79 7.43 -6.84
CA VAL B 322 -3.65 7.37 -8.07
C VAL B 322 -4.37 6.03 -8.28
N ASP B 323 -3.74 4.97 -7.81
CA ASP B 323 -4.35 3.64 -7.77
C ASP B 323 -3.76 2.80 -6.58
N ASP B 324 -4.24 1.57 -6.44
CA ASP B 324 -3.85 0.77 -5.33
C ASP B 324 -2.35 0.53 -5.32
N LEU B 325 -1.76 0.15 -6.42
CA LEU B 325 -0.31 -0.19 -6.36
C LEU B 325 0.52 1.02 -5.99
N ALA B 326 0.12 2.22 -6.38
CA ALA B 326 0.84 3.41 -6.01
C ALA B 326 0.78 3.56 -4.51
N GLY B 327 -0.39 3.32 -3.92
CA GLY B 327 -0.60 3.26 -2.47
C GLY B 327 0.32 2.28 -1.83
N VAL B 328 0.40 1.08 -2.35
CA VAL B 328 1.39 0.08 -1.78
C VAL B 328 2.85 0.48 -1.87
N GLU B 329 3.23 1.06 -2.97
CA GLU B 329 4.56 1.63 -3.14
C GLU B 329 4.84 2.73 -2.15
N LYS B 330 3.91 3.63 -1.94
CA LYS B 330 4.07 4.61 -0.84
C LYS B 330 4.24 3.99 0.57
N ILE B 331 3.50 2.94 0.87
CA ILE B 331 3.66 2.19 2.16
C ILE B 331 5.07 1.66 2.25
N VAL B 332 5.46 0.89 1.27
CA VAL B 332 6.78 0.30 1.19
C VAL B 332 7.93 1.34 1.28
N GLU B 333 7.75 2.45 0.61
CA GLU B 333 8.70 3.53 0.69
C GLU B 333 8.74 4.20 2.05
N TRP B 334 7.57 4.42 2.64
CA TRP B 334 7.48 4.97 3.97
C TRP B 334 8.16 4.08 5.02
N MET B 335 8.02 2.77 4.87
CA MET B 335 8.71 1.78 5.73
C MET B 335 10.20 1.66 5.57
N SER B 336 10.74 2.11 4.44
CA SER B 336 12.20 2.02 4.23
C SER B 336 12.93 2.86 5.27
N TYR B 337 12.22 3.79 5.97
CA TYR B 337 12.82 4.63 7.01
C TYR B 337 12.70 4.14 8.43
N VAL B 338 11.95 3.07 8.58
CA VAL B 338 11.40 2.62 9.85
C VAL B 338 12.15 1.33 10.19
N PRO B 339 12.53 1.13 11.48
CA PRO B 339 13.12 -0.08 11.94
C PRO B 339 12.26 -1.32 11.66
N ALA B 340 12.91 -2.46 11.54
CA ALA B 340 12.28 -3.70 11.13
C ALA B 340 11.28 -4.18 12.17
N LYS B 341 11.63 -3.92 13.45
CA LYS B 341 10.74 -4.08 14.58
C LYS B 341 11.04 -3.14 15.68
N ARG B 342 10.06 -2.96 16.55
CA ARG B 342 10.17 -2.14 17.76
C ARG B 342 11.52 -2.36 18.48
N ASN B 343 12.18 -1.23 18.72
CA ASN B 343 13.45 -1.05 19.45
C ASN B 343 14.73 -1.47 18.70
N MET B 344 14.65 -1.81 17.42
CA MET B 344 15.84 -2.09 16.66
C MET B 344 16.45 -0.74 16.17
N PRO B 345 17.78 -0.72 15.96
CA PRO B 345 18.37 0.50 15.46
C PRO B 345 17.72 0.95 14.12
N VAL B 346 17.75 2.25 13.88
CA VAL B 346 17.21 2.85 12.63
C VAL B 346 17.99 2.21 11.46
N PRO B 347 17.30 1.95 10.37
CA PRO B 347 17.90 1.26 9.25
C PRO B 347 18.70 2.23 8.38
N ILE B 348 20.02 2.08 8.47
CA ILE B 348 20.95 2.89 7.72
C ILE B 348 20.88 2.37 6.29
N LEU B 349 20.75 3.30 5.34
CA LEU B 349 20.88 2.98 3.93
C LEU B 349 21.74 4.00 3.22
N GLU B 350 23.05 3.75 3.19
CA GLU B 350 23.93 4.60 2.38
C GLU B 350 23.63 4.57 0.89
N THR B 351 23.47 5.76 0.31
CA THR B 351 23.47 5.88 -1.15
C THR B 351 24.78 6.53 -1.68
N LYS B 352 24.85 6.84 -2.98
CA LYS B 352 26.13 7.40 -3.57
C LYS B 352 26.44 8.78 -2.98
N ASP B 353 25.38 9.54 -2.66
CA ASP B 353 25.50 10.79 -1.87
C ASP B 353 26.06 10.58 -0.44
N THR B 354 27.39 10.58 -0.30
CA THR B 354 28.00 10.36 0.99
C THR B 354 27.97 11.62 1.82
N TRP B 355 28.20 11.42 3.11
CA TRP B 355 28.25 12.52 4.05
C TRP B 355 29.26 13.65 3.76
N ASP B 356 30.43 13.30 3.23
CA ASP B 356 31.59 14.25 3.22
C ASP B 356 31.53 15.18 2.03
N ARG B 357 30.69 16.19 2.12
CA ARG B 357 30.46 17.07 1.02
C ARG B 357 29.80 18.27 1.64
N PRO B 358 29.98 19.45 1.03
CA PRO B 358 29.34 20.61 1.63
C PRO B 358 27.92 20.74 1.11
N VAL B 359 27.20 21.71 1.65
CA VAL B 359 25.84 21.95 1.21
C VAL B 359 25.92 23.04 0.13
N ASP B 360 25.45 22.77 -1.06
CA ASP B 360 25.42 23.77 -2.11
C ASP B 360 24.25 24.75 -1.97
N PHE B 361 23.00 24.31 -2.12
CA PHE B 361 21.93 25.29 -2.16
C PHE B 361 22.04 26.14 -0.91
N THR B 362 22.10 27.47 -1.08
CA THR B 362 22.12 28.35 0.08
C THR B 362 21.03 29.40 -0.05
N PRO B 363 20.24 29.60 1.01
CA PRO B 363 19.19 30.62 0.95
C PRO B 363 19.73 32.05 1.14
N THR B 364 19.01 32.98 0.52
CA THR B 364 19.39 34.39 0.42
C THR B 364 18.20 35.18 0.98
N ASN B 365 18.46 36.30 1.63
CA ASN B 365 17.40 37.13 2.26
C ASN B 365 16.48 37.79 1.21
N ASP B 366 17.07 38.12 0.07
CA ASP B 366 16.37 38.78 -1.04
C ASP B 366 15.63 37.80 -1.97
N GLU B 367 16.29 36.70 -2.31
CA GLU B 367 15.71 35.63 -3.14
C GLU B 367 14.71 34.72 -2.30
N THR B 368 13.44 34.73 -2.70
CA THR B 368 12.48 33.82 -2.10
C THR B 368 12.82 32.39 -2.52
N TYR B 369 12.77 31.46 -1.54
CA TYR B 369 13.14 30.04 -1.74
C TYR B 369 12.06 29.06 -1.18
N ASP B 370 12.14 27.83 -1.70
CA ASP B 370 11.37 26.68 -1.23
C ASP B 370 12.33 25.94 -0.32
N VAL B 371 11.98 25.87 0.97
CA VAL B 371 12.71 25.04 1.94
C VAL B 371 13.13 23.66 1.44
N ARG B 372 12.32 23.04 0.59
CA ARG B 372 12.65 21.73 0.10
C ARG B 372 14.04 21.67 -0.54
N TRP B 373 14.44 22.77 -1.19
CA TRP B 373 15.81 22.93 -1.76
C TRP B 373 16.89 22.82 -0.69
N MET B 374 16.68 23.46 0.46
CA MET B 374 17.62 23.32 1.60
C MET B 374 17.69 21.91 2.09
N ILE B 375 16.52 21.24 2.09
CA ILE B 375 16.40 19.86 2.56
C ILE B 375 17.09 18.86 1.63
N GLU B 376 16.65 18.83 0.39
CA GLU B 376 16.99 17.73 -0.53
C GLU B 376 17.84 18.18 -1.74
N GLY B 377 18.15 19.47 -1.77
CA GLY B 377 18.79 20.01 -2.93
C GLY B 377 17.86 20.41 -4.05
N ARG B 378 18.47 20.69 -5.20
CA ARG B 378 17.81 21.44 -6.24
C ARG B 378 18.41 21.22 -7.62
N GLU B 379 17.52 21.02 -8.58
CA GLU B 379 17.90 20.98 -9.98
C GLU B 379 17.97 22.39 -10.56
N THR B 380 19.08 22.66 -11.22
CA THR B 380 19.36 23.98 -11.78
C THR B 380 20.11 23.85 -13.12
N GLU B 381 19.94 24.84 -14.01
CA GLU B 381 20.55 24.85 -15.38
C GLU B 381 22.04 24.47 -15.40
N SER B 382 22.80 24.99 -14.43
CA SER B 382 24.21 24.60 -14.17
C SER B 382 24.46 23.18 -13.60
N GLY B 383 23.40 22.53 -13.10
CA GLY B 383 23.48 21.16 -12.51
C GLY B 383 22.81 21.04 -11.14
N PHE B 384 22.99 19.91 -10.46
CA PHE B 384 22.41 19.69 -9.14
C PHE B 384 23.16 20.38 -7.97
N GLU B 385 22.39 21.23 -7.28
CA GLU B 385 22.78 21.89 -6.03
C GLU B 385 22.33 21.00 -4.86
N TYR B 386 23.26 20.32 -4.22
CA TYR B 386 22.94 19.44 -3.13
C TYR B 386 22.43 20.19 -1.90
N GLY B 387 21.43 19.56 -1.23
CA GLY B 387 20.91 20.03 0.05
C GLY B 387 21.61 19.51 1.30
N LEU B 388 20.99 19.81 2.45
CA LEU B 388 21.45 19.19 3.68
C LEU B 388 21.36 17.64 3.66
N PHE B 389 20.30 17.08 3.07
CA PHE B 389 20.05 15.63 3.17
C PHE B 389 20.41 14.86 1.90
N ASP B 390 20.48 13.54 2.00
CA ASP B 390 20.91 12.75 0.90
C ASP B 390 20.08 13.08 -0.28
N LYS B 391 20.68 12.99 -1.48
CA LYS B 391 19.93 13.23 -2.68
C LYS B 391 18.81 12.18 -2.97
N GLY B 392 17.64 12.71 -3.27
CA GLY B 392 16.43 11.91 -3.48
C GLY B 392 15.85 11.17 -2.26
N SER B 393 16.19 11.59 -1.02
CA SER B 393 15.85 10.83 0.19
C SER B 393 14.63 11.42 0.92
N PHE B 394 14.20 12.62 0.51
CA PHE B 394 13.11 13.27 1.17
C PHE B 394 11.77 12.73 0.72
N PHE B 395 11.07 12.11 1.70
CA PHE B 395 9.74 11.59 1.57
C PHE B 395 8.77 12.49 2.41
N GLU B 396 8.16 13.45 1.72
CA GLU B 396 7.23 14.38 2.31
C GLU B 396 5.89 13.76 2.61
N THR B 397 5.33 14.13 3.79
CA THR B 397 4.00 13.63 4.23
C THR B 397 3.18 14.76 4.82
N LEU B 398 1.88 14.58 4.86
CA LEU B 398 0.96 15.66 5.26
C LEU B 398 1.07 16.85 4.35
N SER B 399 1.30 16.56 3.08
CA SER B 399 1.59 17.60 2.10
C SER B 399 0.37 18.38 1.62
N GLY B 400 -0.83 17.93 1.96
CA GLY B 400 -2.06 18.55 1.47
C GLY B 400 -2.67 19.47 2.49
N TRP B 401 -2.03 19.59 3.65
CA TRP B 401 -2.61 20.27 4.83
C TRP B 401 -1.54 21.14 5.49
N ALA B 402 -1.98 22.32 5.95
CA ALA B 402 -1.18 23.17 6.83
C ALA B 402 0.24 23.39 6.28
N LYS B 403 0.26 23.99 5.08
CA LYS B 403 1.45 23.99 4.22
C LYS B 403 2.49 24.99 4.68
N GLY B 404 2.18 25.80 5.69
CA GLY B 404 3.20 26.56 6.40
C GLY B 404 4.40 25.80 6.88
N VAL B 405 4.22 24.52 7.12
CA VAL B 405 5.25 23.71 7.72
C VAL B 405 5.41 22.54 6.78
N VAL B 406 6.62 22.06 6.65
CA VAL B 406 6.90 21.01 5.69
C VAL B 406 7.49 19.84 6.48
N VAL B 407 6.87 18.67 6.32
CA VAL B 407 7.16 17.45 7.13
C VAL B 407 7.52 16.28 6.24
N GLY B 408 8.58 15.59 6.52
CA GLY B 408 8.78 14.38 5.84
C GLY B 408 9.83 13.58 6.51
N ARG B 409 10.19 12.44 5.93
CA ARG B 409 11.36 11.68 6.34
C ARG B 409 12.51 11.96 5.34
N ALA B 410 13.76 11.75 5.78
CA ALA B 410 14.92 11.86 4.92
C ALA B 410 16.03 10.97 5.44
N ARG B 411 17.13 10.91 4.71
CA ARG B 411 18.39 10.30 5.13
C ARG B 411 19.56 11.32 5.16
N LEU B 412 20.53 11.08 6.02
CA LEU B 412 21.67 11.94 6.32
C LEU B 412 22.86 11.02 6.31
N GLY B 413 23.57 10.95 5.20
CA GLY B 413 24.58 9.89 5.04
C GLY B 413 24.01 8.50 5.25
N GLY B 414 22.76 8.34 4.82
CA GLY B 414 22.07 7.06 4.96
C GLY B 414 21.31 6.87 6.27
N ILE B 415 21.35 7.85 7.17
CA ILE B 415 20.71 7.70 8.46
C ILE B 415 19.32 8.32 8.34
N PRO B 416 18.25 7.49 8.58
CA PRO B 416 16.91 8.01 8.44
C PRO B 416 16.54 8.90 9.66
N LEU B 417 15.81 9.97 9.42
CA LEU B 417 15.36 10.81 10.51
C LEU B 417 14.12 11.48 10.00
N GLY B 418 13.38 12.12 10.90
CA GLY B 418 12.24 12.92 10.52
C GLY B 418 12.73 14.33 10.40
N VAL B 419 12.12 15.08 9.48
CA VAL B 419 12.56 16.46 9.19
C VAL B 419 11.37 17.33 9.19
N ILE B 420 11.48 18.46 9.91
CA ILE B 420 10.48 19.54 9.86
C ILE B 420 11.11 20.89 9.43
N GLY B 421 10.61 21.47 8.31
CA GLY B 421 11.09 22.76 7.77
C GLY B 421 9.94 23.73 7.73
N VAL B 422 10.25 25.01 7.51
CA VAL B 422 9.23 26.10 7.44
C VAL B 422 9.08 26.65 6.00
N GLU B 423 7.88 26.59 5.47
CA GLU B 423 7.55 27.17 4.17
C GLU B 423 7.52 28.68 4.37
N THR B 424 8.49 29.37 3.73
CA THR B 424 8.59 30.84 3.86
C THR B 424 7.60 31.59 2.99
N ARG B 425 7.16 30.93 1.91
CA ARG B 425 6.19 31.51 1.01
C ARG B 425 4.76 31.47 1.55
N THR B 426 4.03 32.55 1.33
CA THR B 426 2.70 32.65 1.84
C THR B 426 1.89 31.51 1.24
N VAL B 427 1.01 30.93 2.05
CA VAL B 427 0.12 29.91 1.60
C VAL B 427 -1.23 30.51 1.31
N GLU B 428 -1.78 30.13 0.17
CA GLU B 428 -3.11 30.51 -0.26
C GLU B 428 -4.07 29.32 -0.04
N ASN B 429 -4.72 29.32 1.12
CA ASN B 429 -5.50 28.20 1.52
C ASN B 429 -6.94 28.46 1.14
N LEU B 430 -7.35 27.80 0.06
CA LEU B 430 -8.72 27.95 -0.47
C LEU B 430 -9.64 26.95 0.16
N ILE B 431 -10.59 27.45 0.90
CA ILE B 431 -11.53 26.65 1.60
C ILE B 431 -12.86 26.73 0.88
N PRO B 432 -13.35 25.58 0.38
CA PRO B 432 -14.60 25.54 -0.40
C PRO B 432 -15.82 25.85 0.39
N ALA B 433 -16.91 26.00 -0.35
CA ALA B 433 -18.19 26.28 0.26
C ALA B 433 -18.89 25.00 0.75
N ASP B 434 -19.60 25.17 1.84
CA ASP B 434 -20.51 24.20 2.44
C ASP B 434 -21.86 24.10 1.69
N PRO B 435 -22.06 23.10 0.79
CA PRO B 435 -23.38 22.89 0.19
C PRO B 435 -24.60 22.90 1.10
N ALA B 436 -24.44 22.68 2.39
CA ALA B 436 -25.58 22.66 3.33
C ALA B 436 -25.95 24.04 3.87
N ASN B 437 -25.06 25.00 3.65
CA ASN B 437 -25.36 26.40 3.87
C ASN B 437 -25.43 27.13 2.53
N PRO B 438 -26.62 27.64 2.16
CA PRO B 438 -26.72 28.22 0.82
C PRO B 438 -26.09 29.62 0.69
N ASN B 439 -25.89 30.32 1.80
CA ASN B 439 -25.15 31.59 1.77
C ASN B 439 -23.63 31.41 2.11
N SER B 440 -23.06 30.25 1.71
CA SER B 440 -21.64 29.89 1.87
C SER B 440 -20.83 30.15 0.60
N ALA B 441 -19.80 30.98 0.71
CA ALA B 441 -18.86 31.21 -0.41
C ALA B 441 -17.52 30.54 -0.11
N GLU B 442 -16.81 30.09 -1.14
CA GLU B 442 -15.46 29.63 -0.88
C GLU B 442 -14.70 30.81 -0.28
N THR B 443 -13.66 30.52 0.49
CA THR B 443 -12.98 31.52 1.30
C THR B 443 -11.50 31.32 1.02
N LEU B 444 -10.77 32.41 0.86
CA LEU B 444 -9.34 32.28 0.73
C LEU B 444 -8.73 32.69 2.06
N ILE B 445 -7.91 31.84 2.63
CA ILE B 445 -7.14 32.25 3.78
C ILE B 445 -5.65 32.25 3.42
N GLN B 446 -5.02 33.38 3.74
CA GLN B 446 -3.60 33.55 3.50
C GLN B 446 -2.82 33.26 4.77
N GLU B 447 -1.74 32.52 4.58
CA GLU B 447 -0.98 31.99 5.68
C GLU B 447 0.43 32.42 5.44
N PRO B 448 0.81 33.57 6.03
CA PRO B 448 2.17 34.11 5.92
C PRO B 448 3.22 33.07 6.34
N GLY B 449 4.33 32.99 5.62
CA GLY B 449 5.45 32.18 5.99
C GLY B 449 6.03 32.54 7.33
N GLN B 450 6.79 31.58 7.87
CA GLN B 450 7.44 31.72 9.17
C GLN B 450 6.55 32.10 10.35
N VAL B 451 5.26 31.80 10.24
CA VAL B 451 4.25 31.99 11.27
C VAL B 451 3.35 30.77 11.49
N TRP B 452 3.34 30.25 12.71
CA TRP B 452 2.49 29.16 13.11
C TRP B 452 1.07 29.65 13.25
N HIS B 453 0.17 29.02 12.50
CA HIS B 453 -1.26 29.06 12.76
C HIS B 453 -1.69 27.75 13.48
N PRO B 454 -2.98 27.65 13.83
CA PRO B 454 -3.46 26.40 14.42
C PRO B 454 -3.13 25.22 13.61
N ASN B 455 -3.35 25.32 12.32
CA ASN B 455 -3.19 24.19 11.46
C ASN B 455 -1.76 23.76 11.44
N SER B 456 -0.80 24.70 11.39
CA SER B 456 0.63 24.30 11.23
C SER B 456 1.22 23.94 12.57
N ALA B 457 0.70 24.54 13.63
CA ALA B 457 1.05 24.11 14.98
C ALA B 457 0.61 22.65 15.21
N PHE B 458 -0.65 22.32 14.88
CA PHE B 458 -1.19 20.97 15.05
C PHE B 458 -0.32 19.98 14.25
N LYS B 459 -0.05 20.33 13.01
CA LYS B 459 0.75 19.53 12.08
C LYS B 459 2.17 19.32 12.52
N THR B 460 2.74 20.30 13.19
CA THR B 460 4.10 20.11 13.77
C THR B 460 4.09 19.10 14.92
N ALA B 461 3.11 19.22 15.82
CA ALA B 461 2.96 18.31 16.98
C ALA B 461 2.73 16.89 16.49
N GLN B 462 1.82 16.78 15.53
CA GLN B 462 1.47 15.53 14.87
C GLN B 462 2.66 14.85 14.30
N ALA B 463 3.46 15.59 13.56
CA ALA B 463 4.64 15.05 12.92
C ALA B 463 5.63 14.60 13.92
N ILE B 464 5.81 15.35 14.99
CA ILE B 464 6.82 14.95 16.03
C ILE B 464 6.33 13.63 16.65
N ASN B 465 5.04 13.61 16.95
CA ASN B 465 4.37 12.40 17.55
C ASN B 465 4.47 11.17 16.64
N ASP B 466 4.20 11.34 15.34
CA ASP B 466 4.28 10.23 14.38
C ASP B 466 5.73 9.80 14.05
N PHE B 467 6.74 10.66 14.19
CA PHE B 467 8.17 10.18 14.08
C PHE B 467 8.57 9.38 15.26
N ASN B 468 8.04 9.74 16.43
CA ASN B 468 8.36 9.07 17.74
C ASN B 468 7.74 7.70 17.93
N ASN B 469 6.41 7.70 17.91
CA ASN B 469 5.62 6.53 18.11
C ASN B 469 5.79 5.64 16.90
N GLY B 470 6.18 4.39 17.11
CA GLY B 470 6.24 3.44 16.03
C GLY B 470 7.39 3.61 15.05
N GLU B 471 7.53 4.79 14.45
CA GLU B 471 8.69 5.04 13.58
C GLU B 471 9.99 5.02 14.37
N GLN B 472 9.94 5.53 15.63
CA GLN B 472 11.11 5.60 16.56
C GLN B 472 12.39 6.20 15.92
N LEU B 473 12.16 7.25 15.14
CA LEU B 473 13.21 7.97 14.46
C LEU B 473 13.67 9.21 15.24
N PRO B 474 14.94 9.59 15.01
CA PRO B 474 15.43 10.94 15.35
C PRO B 474 14.77 12.03 14.52
N MET B 475 14.86 13.25 14.98
CA MET B 475 14.26 14.34 14.26
C MET B 475 15.26 15.54 14.12
N MET B 476 15.23 16.20 12.98
CA MET B 476 15.73 17.57 12.91
C MET B 476 14.63 18.56 12.59
N ILE B 477 14.51 19.61 13.40
CA ILE B 477 13.57 20.71 13.07
C ILE B 477 14.49 21.91 12.66
N LEU B 478 14.34 22.34 11.43
CA LEU B 478 14.99 23.54 10.89
C LEU B 478 14.16 24.75 11.33
N ALA B 479 14.34 25.16 12.60
CA ALA B 479 13.46 26.14 13.25
C ALA B 479 13.60 27.52 12.64
N ASN B 480 12.47 28.12 12.26
CA ASN B 480 12.48 29.32 11.43
C ASN B 480 11.11 29.97 11.42
N TRP B 481 10.68 30.30 12.63
CA TRP B 481 9.40 30.91 12.81
C TRP B 481 9.59 32.19 13.55
N ARG B 482 8.76 33.16 13.21
CA ARG B 482 8.76 34.44 13.89
C ARG B 482 7.96 34.37 15.15
N GLY B 483 6.80 33.71 15.07
CA GLY B 483 6.01 33.40 16.23
C GLY B 483 4.75 32.67 15.83
N PHE B 484 3.75 32.82 16.69
CA PHE B 484 2.46 32.25 16.51
C PHE B 484 1.66 33.43 16.05
N SER B 485 0.67 33.21 15.20
CA SER B 485 -0.25 34.23 14.88
C SER B 485 -1.13 34.53 16.08
N GLY B 486 -1.03 35.79 16.51
CA GLY B 486 -1.59 36.27 17.79
C GLY B 486 -2.87 37.07 17.62
N GLY B 487 -3.38 37.07 16.37
CA GLY B 487 -4.54 37.82 16.03
C GLY B 487 -5.84 37.17 16.42
N GLN B 488 -6.94 37.86 16.21
CA GLN B 488 -8.15 37.41 16.83
C GLN B 488 -8.65 36.07 16.33
N ARG B 489 -8.57 35.86 15.01
CA ARG B 489 -9.17 34.69 14.39
C ARG B 489 -8.48 33.43 14.88
N ASP B 490 -7.15 33.47 14.75
CA ASP B 490 -6.28 32.46 15.15
C ASP B 490 -6.26 32.20 16.65
N MET B 491 -6.34 33.23 17.47
CA MET B 491 -6.45 33.02 18.89
C MET B 491 -7.77 32.33 19.23
N PHE B 492 -8.80 32.79 18.51
CA PHE B 492 -10.16 32.27 18.72
C PHE B 492 -10.21 30.79 18.28
N ASN B 493 -9.42 30.46 17.26
CA ASN B 493 -9.41 29.12 16.71
C ASN B 493 -8.32 28.31 17.41
N GLU B 494 -7.93 28.76 18.62
CA GLU B 494 -7.24 27.97 19.62
C GLU B 494 -5.77 27.69 19.32
N VAL B 495 -5.08 28.63 18.70
CA VAL B 495 -3.68 28.39 18.38
C VAL B 495 -2.82 27.97 19.59
N LEU B 496 -3.13 28.49 20.80
CA LEU B 496 -2.46 28.05 22.04
C LEU B 496 -2.56 26.55 22.40
N LYS B 497 -3.72 25.94 22.17
CA LYS B 497 -3.90 24.50 22.36
C LYS B 497 -2.93 23.72 21.49
N TYR B 498 -2.86 24.11 20.21
CA TYR B 498 -2.02 23.48 19.23
C TYR B 498 -0.54 23.70 19.43
N GLY B 499 -0.12 24.91 19.79
CA GLY B 499 1.26 25.16 20.18
C GLY B 499 1.67 24.38 21.43
N SER B 500 0.76 24.26 22.39
CA SER B 500 1.06 23.48 23.59
C SER B 500 1.28 21.97 23.26
N PHE B 501 0.55 21.45 22.28
CA PHE B 501 0.75 20.10 21.82
C PHE B 501 2.19 19.88 21.37
N ILE B 502 2.88 20.90 20.93
CA ILE B 502 4.25 20.71 20.44
C ILE B 502 5.17 20.39 21.59
N VAL B 503 4.90 21.08 22.70
CA VAL B 503 5.65 20.89 23.95
C VAL B 503 5.42 19.48 24.43
N ASP B 504 4.14 19.10 24.51
CA ASP B 504 3.80 17.77 24.91
C ASP B 504 4.56 16.71 24.07
N ALA B 505 4.60 16.94 22.77
CA ALA B 505 5.19 15.98 21.84
C ALA B 505 6.64 15.85 22.06
N LEU B 506 7.35 16.99 22.24
CA LEU B 506 8.77 17.04 22.61
C LEU B 506 9.11 16.37 23.89
N VAL B 507 8.28 16.59 24.89
CA VAL B 507 8.39 15.91 26.20
C VAL B 507 8.33 14.40 26.10
N ASP B 508 7.50 13.91 25.21
CA ASP B 508 7.39 12.44 24.98
C ASP B 508 8.48 11.82 24.13
N TYR B 509 9.34 12.65 23.54
CA TYR B 509 10.26 12.17 22.48
C TYR B 509 11.35 11.29 23.01
N LYS B 510 11.66 10.18 22.33
CA LYS B 510 12.64 9.24 22.80
C LYS B 510 13.88 8.96 22.00
N GLN B 511 14.08 9.76 20.98
CA GLN B 511 15.22 9.63 20.11
C GLN B 511 15.90 11.04 19.99
N PRO B 512 17.17 11.04 19.60
CA PRO B 512 17.87 12.33 19.47
C PRO B 512 17.06 13.36 18.66
N ILE B 513 16.98 14.58 19.20
CA ILE B 513 16.45 15.74 18.51
C ILE B 513 17.54 16.83 18.32
N ILE B 514 17.60 17.36 17.11
CA ILE B 514 18.43 18.52 16.73
C ILE B 514 17.51 19.62 16.24
N ILE B 515 17.52 20.76 16.94
CA ILE B 515 16.85 22.01 16.50
C ILE B 515 17.98 22.87 15.92
N TYR B 516 17.83 23.35 14.69
CA TYR B 516 18.85 24.12 13.98
C TYR B 516 18.23 25.34 13.41
N ILE B 517 18.56 26.55 13.92
CA ILE B 517 18.11 27.82 13.23
C ILE B 517 18.99 28.02 12.02
N PRO B 518 18.43 27.85 10.82
CA PRO B 518 19.30 27.85 9.64
C PRO B 518 19.68 29.28 9.11
N PRO B 519 20.56 29.36 8.09
CA PRO B 519 20.85 30.67 7.49
C PRO B 519 19.60 31.32 6.99
N THR B 520 19.52 32.64 7.19
CA THR B 520 18.33 33.47 6.99
C THR B 520 17.17 33.18 7.92
N GLY B 521 17.37 32.24 8.83
CA GLY B 521 16.30 31.77 9.65
C GLY B 521 16.25 32.46 10.99
N GLU B 522 15.14 32.32 11.68
CA GLU B 522 15.05 32.94 12.97
C GLU B 522 14.04 32.31 13.93
N LEU B 523 14.08 32.78 15.17
CA LEU B 523 13.22 32.34 16.21
C LEU B 523 12.99 33.50 17.19
N ARG B 524 11.74 33.74 17.65
CA ARG B 524 11.40 34.94 18.49
C ARG B 524 10.71 34.73 19.85
N GLY B 525 10.73 33.53 20.34
CA GLY B 525 10.31 33.37 21.74
C GLY B 525 8.83 33.48 22.06
N GLY B 526 8.00 33.63 21.04
CA GLY B 526 6.74 32.92 21.02
C GLY B 526 7.14 31.54 20.54
N SER B 527 7.80 31.55 19.41
CA SER B 527 8.15 30.33 18.76
C SER B 527 9.32 29.59 19.40
N TRP B 528 10.13 30.29 20.19
CA TRP B 528 11.32 29.72 20.78
C TRP B 528 10.84 28.92 21.94
N VAL B 529 9.87 29.47 22.68
CA VAL B 529 9.43 28.77 23.89
C VAL B 529 9.04 27.33 23.63
N VAL B 530 8.55 26.96 22.45
CA VAL B 530 8.08 25.59 22.22
C VAL B 530 9.11 24.62 21.63
N VAL B 531 10.35 25.07 21.34
CA VAL B 531 11.45 24.21 20.79
C VAL B 531 12.76 24.28 21.57
N ASP B 532 12.74 24.89 22.74
CA ASP B 532 13.89 24.93 23.54
C ASP B 532 14.26 23.50 24.05
N PRO B 533 15.53 23.13 23.90
CA PRO B 533 15.96 21.85 24.29
C PRO B 533 15.83 21.55 25.75
N THR B 534 15.49 22.52 26.59
CA THR B 534 15.23 22.24 28.04
C THR B 534 13.82 21.67 28.25
N ILE B 535 13.00 21.72 27.21
CA ILE B 535 11.80 20.93 27.18
C ILE B 535 12.04 19.40 27.37
N ASN B 536 13.18 18.89 26.95
CA ASN B 536 13.52 17.49 27.03
C ASN B 536 15.02 17.46 26.73
N ALA B 537 15.77 17.67 27.80
CA ALA B 537 17.17 17.82 27.77
C ALA B 537 17.85 16.51 27.56
N ASP B 538 17.18 15.44 27.87
CA ASP B 538 17.74 14.12 27.60
C ASP B 538 17.93 13.91 26.13
N GLN B 539 17.12 14.57 25.32
CA GLN B 539 17.16 14.27 23.88
C GLN B 539 17.40 15.45 22.95
N MET B 540 16.98 16.65 23.38
CA MET B 540 17.07 17.83 22.52
C MET B 540 18.42 18.56 22.59
N GLU B 541 18.80 19.19 21.48
CA GLU B 541 20.02 20.08 21.31
C GLU B 541 19.68 21.20 20.40
N MET B 542 20.12 22.40 20.73
CA MET B 542 19.98 23.51 19.80
C MET B 542 21.31 24.05 19.21
N TYR B 543 21.19 24.38 17.93
CA TYR B 543 22.21 24.98 17.15
C TYR B 543 21.65 26.14 16.36
N ALA B 544 22.52 27.13 16.15
CA ALA B 544 22.17 28.31 15.31
C ALA B 544 23.22 28.52 14.22
N ASP B 545 22.71 28.80 13.05
CA ASP B 545 23.60 29.18 12.01
C ASP B 545 24.22 30.57 12.35
N VAL B 546 25.45 30.67 11.89
CA VAL B 546 26.17 31.95 11.88
C VAL B 546 25.33 33.09 11.30
N ASN B 547 24.59 32.81 10.22
CA ASN B 547 23.60 33.73 9.67
C ASN B 547 22.13 33.63 10.21
N ALA B 548 21.94 33.14 11.43
CA ALA B 548 20.62 33.19 12.02
C ALA B 548 20.50 34.39 12.95
N ARG B 549 19.26 34.73 13.24
CA ARG B 549 18.94 35.64 14.31
C ARG B 549 18.05 34.96 15.27
N ALA B 550 18.09 35.41 16.50
CA ALA B 550 17.12 35.05 17.49
C ALA B 550 17.12 36.06 18.64
N GLY B 551 15.98 36.36 19.20
CA GLY B 551 15.90 37.05 20.45
C GLY B 551 14.44 37.19 20.69
N VAL B 552 14.04 37.70 21.86
CA VAL B 552 12.61 37.79 22.20
C VAL B 552 11.83 38.51 21.14
N LEU B 553 12.40 39.65 20.75
CA LEU B 553 11.74 40.63 19.91
C LEU B 553 12.56 40.77 18.65
N GLU B 554 11.87 41.09 17.56
CA GLU B 554 12.43 41.65 16.31
C GLU B 554 12.95 43.08 16.60
N PRO B 555 14.08 43.46 15.96
CA PRO B 555 14.72 44.81 16.04
C PRO B 555 13.73 45.99 16.16
N GLN B 556 12.78 46.02 15.25
CA GLN B 556 11.76 47.03 15.20
C GLN B 556 10.95 47.10 16.49
N GLY B 557 10.48 45.95 16.98
CA GLY B 557 9.88 45.88 18.29
C GLY B 557 10.79 46.25 19.44
N MET B 558 12.06 45.80 19.38
CA MET B 558 13.00 46.04 20.50
C MET B 558 13.32 47.53 20.65
N VAL B 559 13.45 48.14 19.49
CA VAL B 559 13.70 49.55 19.41
C VAL B 559 12.47 50.37 19.86
N GLY B 560 11.28 49.99 19.41
CA GLY B 560 10.01 50.51 19.96
C GLY B 560 9.97 50.63 21.48
N ILE B 561 10.75 49.83 22.20
CA ILE B 561 10.70 49.85 23.65
C ILE B 561 11.96 50.37 24.35
N LYS B 562 13.14 50.17 23.77
CA LYS B 562 14.39 50.49 24.46
C LYS B 562 15.31 51.44 23.65
N PHE B 563 14.78 51.97 22.56
CA PHE B 563 15.52 52.91 21.72
C PHE B 563 14.53 53.92 21.05
N ARG B 564 13.95 54.74 21.91
CA ARG B 564 12.94 55.72 21.52
C ARG B 564 13.61 57.11 21.27
N ARG B 565 12.81 58.18 21.10
CA ARG B 565 13.36 59.56 20.86
C ARG B 565 14.23 60.10 22.02
N GLU B 566 13.73 60.11 23.27
CA GLU B 566 14.53 60.59 24.44
C GLU B 566 16.03 60.26 24.29
N LYS B 567 16.36 59.02 23.85
CA LYS B 567 17.77 58.55 23.73
C LYS B 567 18.25 58.33 22.28
N LEU B 568 17.38 58.54 21.30
CA LEU B 568 17.83 58.63 19.91
C LEU B 568 18.39 60.05 19.65
N LEU B 569 17.83 61.04 20.36
CA LEU B 569 18.33 62.44 20.36
C LEU B 569 19.65 62.54 21.10
N ASP B 570 19.69 61.99 22.31
CA ASP B 570 20.95 61.75 23.03
C ASP B 570 22.08 61.21 22.13
N THR B 571 21.72 60.39 21.14
CA THR B 571 22.70 59.70 20.28
C THR B 571 23.13 60.56 19.08
N MET B 572 22.22 61.41 18.58
CA MET B 572 22.59 62.43 17.58
C MET B 572 23.62 63.46 18.15
N ASN B 573 23.89 63.42 19.47
CA ASN B 573 25.12 64.00 20.05
C ASN B 573 26.35 63.11 19.76
N ARG B 574 26.72 63.15 18.48
CA ARG B 574 27.63 62.23 17.77
C ARG B 574 27.63 62.76 16.31
N LEU B 575 26.51 63.40 15.92
CA LEU B 575 26.49 64.48 14.90
C LEU B 575 25.64 65.67 15.41
N GLU B 609 14.16 66.47 9.78
CA GLU B 609 15.28 66.01 10.60
C GLU B 609 16.06 64.87 9.91
N LEU B 610 17.00 64.28 10.66
CA LEU B 610 17.74 63.06 10.25
C LEU B 610 17.40 61.77 11.10
N LEU B 611 16.09 61.52 11.27
CA LEU B 611 15.52 60.29 11.90
C LEU B 611 15.74 59.02 11.08
N PRO B 612 15.42 59.06 9.77
CA PRO B 612 15.63 57.92 8.84
C PRO B 612 17.03 57.24 8.75
N ILE B 613 18.00 57.68 9.54
CA ILE B 613 19.30 57.00 9.56
C ILE B 613 19.82 56.77 10.99
N TYR B 614 19.28 57.53 11.95
CA TYR B 614 19.45 57.23 13.37
C TYR B 614 18.40 56.18 13.81
N GLY B 615 17.29 56.08 13.06
CA GLY B 615 16.40 54.92 13.09
C GLY B 615 17.13 53.64 12.66
N GLN B 616 17.82 53.67 11.52
CA GLN B 616 18.57 52.49 11.01
C GLN B 616 19.79 52.12 11.88
N ILE B 617 20.27 53.07 12.67
CA ILE B 617 21.38 52.82 13.59
C ILE B 617 20.88 52.02 14.80
N SER B 618 19.66 52.35 15.25
CA SER B 618 19.03 51.76 16.44
C SER B 618 18.65 50.31 16.16
N LEU B 619 18.14 50.07 14.96
CA LEU B 619 17.80 48.75 14.43
C LEU B 619 19.03 47.82 14.39
N GLN B 620 20.18 48.31 13.92
CA GLN B 620 21.42 47.49 13.91
C GLN B 620 22.06 47.38 15.31
N PHE B 621 21.73 48.30 16.21
CA PHE B 621 22.23 48.20 17.58
C PHE B 621 21.52 46.95 18.20
N ALA B 622 20.21 46.92 17.98
CA ALA B 622 19.33 45.86 18.46
C ALA B 622 19.65 44.53 17.75
N ASP B 623 19.76 44.55 16.40
CA ASP B 623 20.13 43.35 15.62
C ASP B 623 21.50 42.71 15.93
N LEU B 624 22.33 43.38 16.69
CA LEU B 624 23.65 42.81 16.97
C LEU B 624 23.67 42.07 18.31
N HIS B 625 22.58 42.16 19.06
CA HIS B 625 22.35 41.26 20.22
C HIS B 625 21.82 39.90 19.75
N ASP B 626 21.10 39.91 18.61
CA ASP B 626 20.36 38.77 18.11
C ASP B 626 21.21 37.76 17.33
N ARG B 627 22.49 37.70 17.65
CA ARG B 627 23.40 36.93 16.80
C ARG B 627 23.71 35.64 17.48
N SER B 628 24.08 34.65 16.68
CA SER B 628 24.47 33.38 17.22
C SER B 628 25.46 33.52 18.40
N SER B 629 26.37 34.51 18.36
CA SER B 629 27.53 34.58 19.29
C SER B 629 27.11 34.96 20.69
N ARG B 630 26.02 35.68 20.78
CA ARG B 630 25.39 35.88 22.06
C ARG B 630 24.69 34.59 22.54
N MET B 631 24.09 33.84 21.60
CA MET B 631 23.44 32.58 21.96
C MET B 631 24.42 31.57 22.54
N VAL B 632 25.60 31.46 21.89
CA VAL B 632 26.73 30.67 22.42
C VAL B 632 27.32 31.22 23.71
N ALA B 633 27.48 32.54 23.77
CA ALA B 633 27.96 33.17 24.97
C ALA B 633 27.00 32.88 26.12
N LYS B 634 25.71 33.06 25.84
CA LYS B 634 24.67 32.90 26.88
C LYS B 634 24.26 31.45 27.22
N GLY B 635 24.85 30.46 26.52
CA GLY B 635 24.71 29.02 26.86
C GLY B 635 23.40 28.34 26.42
N VAL B 636 22.75 28.88 25.40
CA VAL B 636 21.43 28.48 25.00
C VAL B 636 21.41 27.66 23.70
N ILE B 637 22.59 27.52 23.07
CA ILE B 637 22.79 26.60 21.96
C ILE B 637 24.10 25.82 22.19
N SER B 638 24.24 24.66 21.58
CA SER B 638 25.43 23.85 21.81
C SER B 638 26.62 24.35 21.01
N LYS B 639 26.37 24.79 19.78
CA LYS B 639 27.36 25.39 18.93
C LYS B 639 26.62 26.29 17.94
N GLU B 640 27.38 27.22 17.36
CA GLU B 640 26.97 27.98 16.17
C GLU B 640 27.69 27.31 14.99
N LEU B 641 27.08 27.33 13.81
CA LEU B 641 27.55 26.54 12.67
C LEU B 641 27.55 27.30 11.35
N GLU B 642 28.24 26.71 10.39
CA GLU B 642 28.21 27.15 9.03
C GLU B 642 27.42 26.16 8.22
N TRP B 643 26.34 26.67 7.66
CA TRP B 643 25.47 25.96 6.75
C TRP B 643 26.12 25.05 5.77
N THR B 644 27.20 25.55 5.23
CA THR B 644 27.83 24.89 4.14
C THR B 644 28.43 23.61 4.70
N GLU B 645 28.83 23.67 5.97
CA GLU B 645 29.45 22.49 6.64
C GLU B 645 28.47 21.69 7.60
N ALA B 646 27.17 21.99 7.53
CA ALA B 646 26.19 21.46 8.49
C ALA B 646 25.90 19.94 8.25
N ARG B 647 25.86 19.50 6.98
CA ARG B 647 25.74 18.09 6.66
C ARG B 647 26.83 17.24 7.31
N ARG B 648 28.04 17.75 7.34
CA ARG B 648 29.18 17.00 7.85
C ARG B 648 29.09 17.02 9.36
N PHE B 649 28.77 18.19 9.90
CA PHE B 649 28.62 18.26 11.33
C PHE B 649 27.49 17.31 11.85
N PHE B 650 26.27 17.47 11.32
CA PHE B 650 25.09 16.72 11.80
C PHE B 650 25.23 15.25 11.49
N PHE B 651 25.85 14.90 10.37
CA PHE B 651 26.05 13.48 10.10
C PHE B 651 26.70 12.78 11.29
N TRP B 652 27.84 13.28 11.78
CA TRP B 652 28.55 12.62 12.91
C TRP B 652 27.94 12.88 14.24
N ARG B 653 27.37 14.04 14.41
CA ARG B 653 26.68 14.35 15.65
C ARG B 653 25.53 13.31 15.88
N LEU B 654 24.73 13.07 14.82
CA LEU B 654 23.58 12.20 14.88
C LEU B 654 24.01 10.77 15.07
N ARG B 655 24.90 10.32 14.22
CA ARG B 655 25.48 8.99 14.32
C ARG B 655 26.04 8.66 15.70
N ARG B 656 26.75 9.60 16.25
CA ARG B 656 27.27 9.46 17.60
C ARG B 656 26.18 9.52 18.68
N ARG B 657 25.21 10.42 18.57
CA ARG B 657 24.08 10.46 19.50
C ARG B 657 23.29 9.11 19.46
N LEU B 658 23.00 8.60 18.28
CA LEU B 658 22.36 7.30 18.11
C LEU B 658 23.16 6.17 18.76
N ASN B 659 24.48 6.22 18.68
CA ASN B 659 25.31 5.11 19.17
C ASN B 659 25.24 5.09 20.67
N GLU B 660 25.33 6.27 21.27
CA GLU B 660 25.26 6.37 22.71
C GLU B 660 23.89 6.04 23.30
N GLU B 661 22.81 6.37 22.57
CA GLU B 661 21.46 5.95 22.95
C GLU B 661 21.32 4.43 22.96
N TYR B 662 21.79 3.82 21.88
CA TYR B 662 21.76 2.37 21.77
C TYR B 662 22.44 1.78 22.96
N LEU B 663 23.56 2.36 23.35
CA LEU B 663 24.30 1.84 24.48
C LEU B 663 23.58 2.05 25.79
N ILE B 664 22.88 3.17 25.94
CA ILE B 664 22.08 3.43 27.13
C ILE B 664 20.92 2.45 27.19
N LYS B 665 20.16 2.31 26.13
CA LYS B 665 19.10 1.28 26.08
C LYS B 665 19.69 -0.10 26.40
N ARG B 666 20.91 -0.40 25.96
CA ARG B 666 21.51 -1.69 26.28
C ARG B 666 21.88 -1.82 27.75
N LEU B 667 22.15 -0.70 28.37
CA LEU B 667 22.46 -0.66 29.78
C LEU B 667 21.18 -0.74 30.66
N SER B 668 20.09 -0.17 30.14
CA SER B 668 18.76 -0.15 30.78
C SER B 668 18.06 -1.51 30.77
N HIS B 669 18.72 -2.52 30.20
CA HIS B 669 18.26 -3.88 30.28
C HIS B 669 19.04 -4.59 31.36
N GLN B 670 20.38 -4.53 31.32
CA GLN B 670 21.27 -5.25 32.28
C GLN B 670 21.05 -4.84 33.76
N VAL B 671 21.55 -3.66 34.15
CA VAL B 671 21.33 -3.13 35.51
C VAL B 671 20.14 -2.15 35.55
N GLY B 672 19.32 -2.14 34.49
CA GLY B 672 18.38 -1.05 34.17
C GLY B 672 17.52 -0.47 35.29
N GLU B 673 17.88 0.74 35.76
CA GLU B 673 17.33 1.31 37.04
C GLU B 673 17.88 2.71 37.43
N ALA B 674 19.12 3.05 37.01
CA ALA B 674 19.76 4.35 37.32
C ALA B 674 19.32 5.48 36.36
N SER B 675 19.64 6.73 36.70
CA SER B 675 19.18 7.87 35.89
C SER B 675 19.86 7.86 34.52
N ARG B 676 19.52 8.83 33.65
CA ARG B 676 20.23 9.00 32.38
C ARG B 676 21.67 9.37 32.69
N LEU B 677 21.83 10.42 33.50
CA LEU B 677 23.13 10.85 33.98
C LEU B 677 24.09 9.73 34.36
N GLU B 678 23.63 8.88 35.27
CA GLU B 678 24.44 7.77 35.74
C GLU B 678 24.83 6.83 34.61
N LYS B 679 23.96 6.71 33.62
CA LYS B 679 24.12 5.74 32.55
C LYS B 679 25.11 6.19 31.48
N ILE B 680 25.00 7.44 31.02
CA ILE B 680 25.99 7.96 30.06
C ILE B 680 27.35 8.11 30.73
N ALA B 681 27.34 8.59 31.98
CA ALA B 681 28.56 8.66 32.81
C ALA B 681 29.33 7.35 32.73
N ARG B 682 28.64 6.27 33.05
CA ARG B 682 29.26 4.99 33.06
C ARG B 682 29.77 4.60 31.68
N ILE B 683 28.96 4.78 30.66
CA ILE B 683 29.31 4.39 29.31
C ILE B 683 30.53 5.17 28.81
N ARG B 684 30.52 6.47 29.07
CA ARG B 684 31.62 7.35 28.69
C ARG B 684 32.87 7.06 29.51
N SER B 685 32.71 6.60 30.75
CA SER B 685 33.79 6.07 31.54
C SER B 685 34.49 4.96 30.77
N TRP B 686 33.81 4.29 29.85
CA TRP B 686 34.50 3.19 29.15
C TRP B 686 35.33 3.63 27.96
N TYR B 687 35.24 4.88 27.54
CA TYR B 687 36.06 5.29 26.40
C TYR B 687 37.50 5.47 26.89
N PRO B 688 38.49 4.97 26.11
CA PRO B 688 39.90 5.16 26.42
C PRO B 688 40.25 6.62 26.57
N ALA B 689 41.43 6.88 27.08
CA ALA B 689 41.89 8.25 27.29
C ALA B 689 42.18 8.93 25.95
N SER B 690 42.58 8.15 24.95
CA SER B 690 42.74 8.63 23.57
C SER B 690 41.51 9.28 22.96
N VAL B 691 40.34 8.89 23.44
CA VAL B 691 39.07 9.39 22.87
C VAL B 691 38.66 10.71 23.49
N ASP B 692 38.56 11.72 22.64
CA ASP B 692 37.94 13.01 23.03
C ASP B 692 36.42 12.75 23.11
N HIS B 693 35.91 12.84 24.32
CA HIS B 693 34.50 12.73 24.53
C HIS B 693 33.76 13.72 23.59
N GLU B 694 34.38 14.83 23.21
CA GLU B 694 33.64 15.85 22.46
C GLU B 694 33.75 15.78 20.98
N ASP B 695 34.54 14.85 20.47
CA ASP B 695 34.56 14.62 19.02
C ASP B 695 33.60 13.50 18.71
N ASP B 696 32.55 13.93 18.02
CA ASP B 696 31.48 13.04 17.56
C ASP B 696 31.96 11.90 16.77
N ARG B 697 32.78 12.22 15.79
CA ARG B 697 33.34 11.21 14.93
C ARG B 697 34.21 10.18 15.64
N GLN B 698 34.97 10.67 16.59
CA GLN B 698 35.90 9.82 17.29
C GLN B 698 35.11 8.88 18.14
N VAL B 699 34.14 9.46 18.86
CA VAL B 699 33.27 8.65 19.77
C VAL B 699 32.46 7.63 18.96
N ALA B 700 31.82 8.10 17.88
CA ALA B 700 31.02 7.23 17.03
C ALA B 700 31.87 6.10 16.57
N THR B 701 33.02 6.41 16.02
CA THR B 701 33.91 5.42 15.40
C THR B 701 34.41 4.45 16.44
N TRP B 702 34.71 4.97 17.60
CA TRP B 702 35.27 4.13 18.62
C TRP B 702 34.22 3.12 19.04
N ILE B 703 32.99 3.59 19.26
CA ILE B 703 31.90 2.72 19.64
C ILE B 703 31.66 1.62 18.59
N GLU B 704 31.62 2.02 17.33
CA GLU B 704 31.30 1.10 16.29
C GLU B 704 32.42 0.06 16.13
N GLU B 705 33.66 0.46 16.43
CA GLU B 705 34.82 -0.41 16.22
C GLU B 705 35.10 -1.28 17.43
N ASN B 706 34.49 -0.97 18.56
CA ASN B 706 34.64 -1.78 19.77
C ASN B 706 33.33 -2.48 20.21
N TYR B 707 32.54 -2.98 19.26
CA TYR B 707 31.29 -3.68 19.59
C TYR B 707 31.56 -4.96 20.37
N LYS B 708 32.28 -5.91 19.76
CA LYS B 708 32.76 -7.09 20.51
C LYS B 708 33.13 -6.74 21.98
N THR B 709 34.10 -5.88 22.21
CA THR B 709 34.40 -5.44 23.59
C THR B 709 33.12 -5.18 24.36
N LEU B 710 32.29 -4.27 23.85
CA LEU B 710 31.16 -3.73 24.61
C LEU B 710 30.02 -4.74 24.85
N ASP B 711 29.72 -5.62 23.90
CA ASP B 711 28.76 -6.74 24.15
C ASP B 711 29.22 -7.56 25.37
N ASP B 712 30.49 -7.98 25.31
CA ASP B 712 31.16 -8.80 26.33
C ASP B 712 31.59 -7.99 27.58
N LYS B 713 31.27 -6.70 27.60
CA LYS B 713 31.51 -5.83 28.75
C LYS B 713 30.23 -5.90 29.52
N LEU B 714 29.14 -5.61 28.81
CA LEU B 714 27.82 -5.45 29.37
C LEU B 714 27.44 -6.61 30.29
N LYS B 715 27.80 -7.82 29.90
CA LYS B 715 27.48 -9.00 30.70
C LYS B 715 28.01 -8.90 32.16
N GLY B 716 29.22 -8.41 32.37
CA GLY B 716 29.78 -8.28 33.74
C GLY B 716 29.17 -7.19 34.62
N LEU B 717 28.30 -7.57 35.57
CA LEU B 717 27.59 -6.58 36.43
C LEU B 717 28.44 -6.13 37.64
N TRP C 20 7.46 49.38 53.08
CA TRP C 20 6.39 50.32 52.58
C TRP C 20 5.83 49.69 51.31
N LEU C 21 4.56 49.32 51.36
CA LEU C 21 3.97 48.42 50.37
C LEU C 21 2.92 49.06 49.52
N GLN C 22 2.30 50.13 50.07
CA GLN C 22 1.26 50.93 49.38
C GLN C 22 1.61 51.28 47.91
N PRO C 23 2.85 51.69 47.63
CA PRO C 23 3.17 51.92 46.27
C PRO C 23 2.98 50.66 45.39
N LYS C 24 3.43 49.50 45.91
CA LYS C 24 3.37 48.20 45.20
C LYS C 24 1.90 47.76 45.11
N ARG C 25 1.17 47.91 46.20
CA ARG C 25 -0.25 47.65 46.14
C ARG C 25 -1.01 48.41 45.08
N TYR C 26 -0.60 49.66 44.90
CA TYR C 26 -1.29 50.60 44.02
C TYR C 26 -0.92 50.24 42.59
N LYS C 27 0.37 49.97 42.37
CA LYS C 27 0.91 49.48 41.08
C LYS C 27 0.02 48.30 40.59
N ALA C 28 -0.32 47.38 41.51
CA ALA C 28 -1.15 46.20 41.24
C ALA C 28 -2.61 46.47 41.06
N HIS C 29 -3.17 47.38 41.84
CA HIS C 29 -4.58 47.84 41.68
C HIS C 29 -4.83 48.48 40.31
N LEU C 30 -3.80 49.13 39.86
CA LEU C 30 -3.80 49.84 38.62
C LEU C 30 -3.98 48.92 37.42
N MET C 31 -3.34 47.74 37.54
CA MET C 31 -3.38 46.65 36.56
C MET C 31 -4.62 45.78 36.67
N GLY C 32 -5.38 45.98 37.74
CA GLY C 32 -6.65 45.28 37.93
C GLY C 32 -6.51 43.95 38.65
N THR C 33 -5.39 43.81 39.38
CA THR C 33 -5.06 42.63 40.14
C THR C 33 -4.72 42.94 41.61
N THR C 34 -4.42 41.88 42.38
CA THR C 34 -4.23 41.89 43.78
C THR C 34 -2.75 41.72 44.02
N TYR C 35 -2.16 42.56 44.89
CA TYR C 35 -0.71 42.51 45.20
C TYR C 35 -0.33 41.08 45.68
N VAL C 36 0.83 40.55 45.26
CA VAL C 36 1.02 39.12 45.44
C VAL C 36 0.87 38.70 46.88
N TYR C 37 1.42 39.51 47.80
CA TYR C 37 1.47 39.04 49.18
C TYR C 37 0.10 39.15 49.79
N ASP C 38 -0.87 39.76 49.14
CA ASP C 38 -2.20 39.77 49.73
C ASP C 38 -3.06 38.62 49.26
N PHE C 39 -2.51 37.77 48.39
CA PHE C 39 -3.25 36.60 47.86
C PHE C 39 -3.54 35.49 48.86
N PRO C 40 -2.54 35.09 49.65
CA PRO C 40 -2.82 34.12 50.72
C PRO C 40 -4.08 34.43 51.57
N GLU C 41 -4.33 35.70 51.87
CA GLU C 41 -5.50 36.15 52.66
C GLU C 41 -6.79 35.85 51.97
N LEU C 42 -6.74 36.03 50.66
CA LEU C 42 -7.83 35.61 49.78
C LEU C 42 -8.15 34.10 49.91
N PHE C 43 -7.10 33.27 49.94
CA PHE C 43 -7.24 31.79 50.09
C PHE C 43 -7.83 31.40 51.43
N ARG C 44 -7.39 32.08 52.49
CA ARG C 44 -7.98 31.92 53.83
C ARG C 44 -9.46 32.34 53.84
N GLN C 45 -9.77 33.47 53.24
CA GLN C 45 -11.16 33.82 53.07
C GLN C 45 -12.04 32.75 52.37
N ALA C 46 -11.58 32.29 51.22
CA ALA C 46 -12.29 31.22 50.46
C ALA C 46 -12.35 29.91 51.26
N SER C 47 -11.28 29.60 52.01
CA SER C 47 -11.31 28.41 52.84
C SER C 47 -12.32 28.50 53.94
N SER C 48 -12.40 29.69 54.55
CA SER C 48 -13.33 29.93 55.63
C SER C 48 -14.73 29.84 55.13
N SER C 49 -15.02 30.39 53.96
CA SER C 49 -16.38 30.22 53.39
C SER C 49 -16.73 28.79 52.99
N GLN C 50 -15.73 27.99 52.71
CA GLN C 50 -15.93 26.54 52.53
C GLN C 50 -16.57 25.89 53.74
N TRP C 51 -15.96 26.11 54.89
CA TRP C 51 -16.56 25.71 56.14
C TRP C 51 -17.92 26.31 56.41
N LYS C 52 -18.11 27.61 56.19
CA LYS C 52 -19.45 28.22 56.42
C LYS C 52 -20.52 27.54 55.63
N ASN C 53 -20.25 27.33 54.34
CA ASN C 53 -21.17 26.65 53.44
C ASN C 53 -21.40 25.20 53.74
N PHE C 54 -20.42 24.56 54.36
CA PHE C 54 -20.51 23.13 54.71
C PHE C 54 -21.37 22.93 55.96
N SER C 55 -21.06 23.71 56.97
CA SER C 55 -21.61 23.53 58.28
C SER C 55 -21.37 24.83 59.05
N ALA C 56 -22.40 25.67 59.11
CA ALA C 56 -22.23 27.01 59.70
C ALA C 56 -21.88 27.00 61.22
N ASP C 57 -22.29 25.97 61.97
CA ASP C 57 -21.97 25.92 63.43
C ASP C 57 -20.48 25.80 63.74
N VAL C 58 -19.62 25.61 62.73
CA VAL C 58 -18.19 25.38 63.01
C VAL C 58 -17.33 26.64 63.27
N LYS C 59 -16.29 26.42 64.04
CA LYS C 59 -15.60 27.49 64.69
C LYS C 59 -14.12 27.33 64.35
N LEU C 60 -13.64 28.31 63.60
CA LEU C 60 -12.34 28.22 63.06
C LEU C 60 -11.37 29.00 63.92
N THR C 61 -10.36 28.30 64.41
CA THR C 61 -9.18 28.97 64.91
C THR C 61 -8.30 29.34 63.72
N ASP C 62 -7.40 30.27 63.95
CA ASP C 62 -6.42 30.72 62.95
C ASP C 62 -5.34 29.69 62.50
N ASP C 63 -5.10 28.63 63.26
CA ASP C 63 -4.24 27.54 62.81
C ASP C 63 -4.95 26.54 61.81
N PHE C 64 -6.20 26.84 61.45
CA PHE C 64 -6.83 26.12 60.37
C PHE C 64 -6.19 26.43 59.02
N PHE C 65 -5.52 27.59 58.87
CA PHE C 65 -4.92 27.98 57.64
C PHE C 65 -3.53 28.52 57.92
N ILE C 66 -2.52 28.00 57.26
CA ILE C 66 -1.16 28.45 57.36
C ILE C 66 -0.62 28.66 55.96
N SER C 67 -0.04 29.82 55.73
CA SER C 67 0.65 30.09 54.54
C SER C 67 2.10 30.49 54.90
N ASN C 68 3.11 29.79 54.36
CA ASN C 68 4.51 30.11 54.56
C ASN C 68 5.18 30.32 53.21
N GLU C 69 5.82 31.47 53.02
CA GLU C 69 6.44 31.77 51.77
C GLU C 69 7.56 30.77 51.59
N LEU C 70 7.86 30.49 50.32
CA LEU C 70 8.98 29.65 49.94
C LEU C 70 9.99 30.48 49.18
N ILE C 71 11.26 30.30 49.56
CA ILE C 71 12.36 30.96 48.90
C ILE C 71 13.49 29.99 48.82
N GLU C 72 14.42 30.29 47.94
CA GLU C 72 15.58 29.47 47.84
C GLU C 72 16.55 29.85 48.94
N ASP C 73 17.04 28.83 49.62
CA ASP C 73 18.23 28.95 50.44
C ASP C 73 19.43 28.99 49.50
N GLU C 74 20.63 28.78 50.04
CA GLU C 74 21.90 29.20 49.39
C GLU C 74 22.56 28.01 48.72
N ASN C 75 21.92 26.86 48.83
CA ASN C 75 22.12 25.78 47.87
C ASN C 75 21.16 25.88 46.67
N GLY C 76 20.24 26.85 46.70
CA GLY C 76 19.18 26.92 45.71
C GLY C 76 17.99 26.04 46.03
N GLU C 77 17.90 25.55 47.26
CA GLU C 77 16.88 24.59 47.66
C GLU C 77 15.73 25.30 48.40
N LEU C 78 14.49 24.97 48.07
CA LEU C 78 13.38 25.78 48.51
C LEU C 78 13.10 25.55 49.97
N THR C 79 12.74 26.59 50.72
CA THR C 79 12.50 26.46 52.18
C THR C 79 11.43 27.41 52.66
N GLU C 80 10.75 27.02 53.73
CA GLU C 80 9.70 27.84 54.34
C GLU C 80 10.31 29.00 55.11
N VAL C 81 9.69 30.18 55.04
CA VAL C 81 10.18 31.39 55.77
C VAL C 81 9.00 32.21 56.28
N GLU C 82 9.23 33.07 57.29
CA GLU C 82 8.14 33.92 57.88
C GLU C 82 8.25 35.45 57.65
N ARG C 83 9.23 35.90 56.85
CA ARG C 83 9.51 37.33 56.57
C ARG C 83 8.36 38.32 56.19
N GLU C 84 8.71 39.58 56.02
CA GLU C 84 7.74 40.64 55.83
C GLU C 84 7.53 40.65 54.30
N PRO C 85 6.30 40.94 53.87
CA PRO C 85 5.97 41.00 52.46
C PRO C 85 6.78 42.05 51.72
N GLY C 86 7.19 41.77 50.48
CA GLY C 86 7.74 42.81 49.57
C GLY C 86 9.27 42.84 49.44
N ALA C 87 9.93 41.88 50.11
CA ALA C 87 11.38 41.80 50.17
C ALA C 87 11.96 40.80 49.15
N ASN C 88 11.09 40.31 48.26
CA ASN C 88 11.48 39.47 47.12
C ASN C 88 12.46 40.04 46.10
N ALA C 89 13.57 39.35 45.96
CA ALA C 89 14.63 39.82 45.11
C ALA C 89 14.38 39.46 43.66
N ILE C 90 13.44 38.52 43.43
CA ILE C 90 12.99 38.18 42.06
C ILE C 90 11.50 38.33 41.92
N GLY C 91 11.03 38.38 40.66
CA GLY C 91 9.66 38.71 40.33
C GLY C 91 8.68 37.53 40.29
N MET C 92 9.01 36.49 41.04
CA MET C 92 8.22 35.30 41.17
C MET C 92 8.35 34.93 42.60
N VAL C 93 7.22 34.68 43.23
CA VAL C 93 7.15 34.21 44.63
C VAL C 93 6.23 32.98 44.77
N ALA C 94 6.39 32.25 45.87
CA ALA C 94 5.57 31.10 46.14
C ALA C 94 5.31 30.97 47.62
N PHE C 95 4.18 30.31 47.90
CA PHE C 95 3.70 29.95 49.21
C PHE C 95 3.35 28.48 49.28
N LYS C 96 3.52 27.92 50.45
CA LYS C 96 2.98 26.67 50.81
C LYS C 96 1.92 26.92 51.79
N ILE C 97 0.77 26.36 51.46
CA ILE C 97 -0.44 26.54 52.21
C ILE C 97 -0.84 25.20 52.79
N THR C 98 -1.29 25.23 54.04
CA THR C 98 -1.76 24.05 54.71
C THR C 98 -3.07 24.44 55.34
N VAL C 99 -4.18 23.96 54.80
CA VAL C 99 -5.49 24.26 55.30
C VAL C 99 -6.21 23.01 55.69
N LYS C 100 -7.08 23.20 56.69
CA LYS C 100 -8.05 22.25 57.09
C LYS C 100 -9.33 22.56 56.33
N THR C 101 -9.87 21.55 55.65
CA THR C 101 -11.06 21.78 54.81
C THR C 101 -12.05 20.73 55.21
N PRO C 102 -13.31 20.90 54.78
CA PRO C 102 -14.29 19.89 55.02
C PRO C 102 -13.91 18.48 54.52
N GLU C 103 -13.23 18.40 53.41
CA GLU C 103 -12.95 17.12 52.83
C GLU C 103 -11.67 16.61 53.50
N TYR C 104 -10.78 17.53 53.90
CA TYR C 104 -9.57 17.18 54.70
C TYR C 104 -9.45 17.98 56.02
N PRO C 105 -10.32 17.67 57.00
CA PRO C 105 -10.37 18.46 58.26
C PRO C 105 -9.05 18.48 59.03
N ARG C 106 -8.07 17.63 58.68
CA ARG C 106 -6.81 17.63 59.40
C ARG C 106 -5.71 18.31 58.60
N GLY C 107 -6.05 18.81 57.42
CA GLY C 107 -5.04 19.36 56.57
C GLY C 107 -4.83 18.73 55.22
N ARG C 108 -4.86 19.60 54.22
CA ARG C 108 -4.27 19.32 52.92
C ARG C 108 -3.29 20.42 52.59
N GLN C 109 -2.33 20.12 51.71
CA GLN C 109 -1.36 21.12 51.28
C GLN C 109 -1.31 21.37 49.77
N PHE C 110 -0.93 22.61 49.44
CA PHE C 110 -0.63 22.96 48.05
C PHE C 110 0.32 24.14 48.01
N VAL C 111 0.78 24.46 46.83
CA VAL C 111 1.70 25.56 46.66
C VAL C 111 1.07 26.52 45.72
N VAL C 112 1.35 27.82 45.95
CA VAL C 112 0.84 28.89 45.09
C VAL C 112 2.07 29.57 44.58
N VAL C 113 2.26 29.58 43.27
CA VAL C 113 3.36 30.25 42.64
C VAL C 113 2.69 31.38 41.96
N ALA C 114 3.44 32.48 41.82
CA ALA C 114 2.87 33.71 41.27
C ALA C 114 3.88 34.71 40.74
N ASN C 115 3.61 35.27 39.59
CA ASN C 115 4.35 36.49 39.20
C ASN C 115 4.06 37.66 40.18
N ASP C 116 5.07 38.52 40.32
CA ASP C 116 4.90 39.88 40.93
C ASP C 116 4.79 40.90 39.82
N ILE C 117 3.58 41.33 39.51
CA ILE C 117 3.38 42.36 38.47
C ILE C 117 4.10 43.72 38.82
N THR C 118 4.39 43.96 40.10
CA THR C 118 5.19 45.14 40.49
C THR C 118 6.73 44.94 40.41
N PHE C 119 7.23 43.77 40.02
CA PHE C 119 8.66 43.58 39.87
C PHE C 119 8.99 43.45 38.39
N LYS C 120 9.66 44.45 37.84
CA LYS C 120 9.95 44.58 36.41
C LYS C 120 8.84 44.09 35.51
N ILE C 121 7.67 44.67 35.78
CA ILE C 121 6.38 44.41 35.15
C ILE C 121 5.91 42.94 35.06
N GLY C 122 6.22 42.16 36.08
CA GLY C 122 5.99 40.72 36.08
C GLY C 122 6.64 39.97 34.93
N SER C 123 7.67 40.57 34.31
CA SER C 123 8.43 39.92 33.27
C SER C 123 9.00 38.62 33.83
N PHE C 124 9.32 37.72 32.92
CA PHE C 124 9.93 36.44 33.27
C PHE C 124 11.39 36.56 32.83
N GLY C 125 12.31 36.69 33.79
CA GLY C 125 13.72 36.61 33.47
C GLY C 125 14.20 35.22 33.86
N PRO C 126 15.42 34.89 33.54
CA PRO C 126 15.95 33.59 33.90
C PRO C 126 15.73 33.14 35.33
N GLN C 127 15.72 34.07 36.28
CA GLN C 127 15.74 33.73 37.71
C GLN C 127 14.34 33.42 38.19
N GLU C 128 13.36 34.16 37.69
CA GLU C 128 11.95 33.87 37.92
C GLU C 128 11.63 32.46 37.31
N ASP C 129 12.17 32.23 36.10
CA ASP C 129 12.01 30.99 35.39
C ASP C 129 12.57 29.81 36.24
N GLU C 130 13.82 29.91 36.66
CA GLU C 130 14.34 28.83 37.47
C GLU C 130 13.65 28.60 38.79
N PHE C 131 13.07 29.65 39.37
CA PHE C 131 12.39 29.55 40.63
C PHE C 131 11.04 28.89 40.44
N PHE C 132 10.25 29.37 39.48
CA PHE C 132 9.05 28.68 38.97
C PHE C 132 9.32 27.17 38.74
N ASN C 133 10.33 26.83 37.95
CA ASN C 133 10.68 25.46 37.71
C ASN C 133 10.84 24.70 39.03
N LYS C 134 11.67 25.25 39.93
CA LYS C 134 12.06 24.65 41.21
C LYS C 134 10.84 24.46 42.11
N VAL C 135 9.93 25.43 42.13
CA VAL C 135 8.62 25.27 42.83
C VAL C 135 7.69 24.22 42.23
N THR C 136 7.61 24.16 40.90
CA THR C 136 6.86 23.10 40.23
C THR C 136 7.37 21.67 40.60
N GLU C 137 8.67 21.45 40.59
CA GLU C 137 9.24 20.15 40.95
C GLU C 137 9.04 19.81 42.41
N TYR C 138 9.09 20.83 43.25
CA TYR C 138 8.87 20.74 44.69
C TYR C 138 7.47 20.21 44.96
N ALA C 139 6.49 20.77 44.25
CA ALA C 139 5.11 20.26 44.31
C ALA C 139 5.00 18.84 43.77
N ARG C 140 5.72 18.56 42.70
CA ARG C 140 5.62 17.28 41.97
C ARG C 140 6.18 16.21 42.84
N LYS C 141 7.38 16.43 43.38
CA LYS C 141 8.01 15.55 44.34
C LYS C 141 7.07 15.13 45.45
N ARG C 142 6.25 16.04 45.95
CA ARG C 142 5.43 15.80 47.10
C ARG C 142 4.04 15.37 46.73
N GLY C 143 3.73 15.38 45.45
CA GLY C 143 2.40 15.03 45.03
C GLY C 143 1.35 16.08 45.15
N ILE C 144 1.70 17.28 45.59
CA ILE C 144 0.67 18.26 45.96
C ILE C 144 0.33 19.18 44.83
N PRO C 145 -0.90 19.67 44.79
CA PRO C 145 -1.29 20.61 43.80
C PRO C 145 -0.41 21.86 43.65
N ARG C 146 -0.38 22.39 42.43
CA ARG C 146 0.27 23.64 42.12
C ARG C 146 -0.73 24.61 41.53
N ILE C 147 -0.91 25.74 42.23
CA ILE C 147 -1.75 26.82 41.77
C ILE C 147 -0.82 27.86 41.24
N TYR C 148 -1.13 28.37 40.05
CA TYR C 148 -0.43 29.49 39.43
C TYR C 148 -1.32 30.72 39.28
N LEU C 149 -0.79 31.85 39.77
CA LEU C 149 -1.51 33.15 39.64
C LEU C 149 -0.65 33.90 38.65
N ALA C 150 -1.21 34.09 37.48
CA ALA C 150 -0.54 34.63 36.37
C ALA C 150 -0.85 36.13 36.29
N ALA C 151 0.22 36.91 36.21
CA ALA C 151 0.12 38.39 36.14
C ALA C 151 1.44 38.86 35.59
N ASN C 152 1.55 39.03 34.27
CA ASN C 152 2.84 39.24 33.70
C ASN C 152 2.86 39.89 32.34
N SER C 153 4.10 40.11 31.85
CA SER C 153 4.43 40.83 30.58
C SER C 153 5.37 40.01 29.65
N GLY C 154 5.49 38.71 29.90
CA GLY C 154 6.24 37.82 29.05
C GLY C 154 7.67 37.73 29.43
N ALA C 155 8.45 37.19 28.49
CA ALA C 155 9.89 37.09 28.69
C ALA C 155 10.39 38.52 28.79
N ARG C 156 11.31 38.69 29.72
CA ARG C 156 12.08 39.92 29.88
C ARG C 156 12.90 40.23 28.61
N ILE C 157 12.99 41.51 28.34
CA ILE C 157 13.75 42.04 27.20
C ILE C 157 14.67 43.18 27.68
N GLY C 158 15.78 43.32 26.99
CA GLY C 158 16.70 44.40 27.26
C GLY C 158 17.63 44.58 26.10
N MET C 159 18.29 45.73 26.13
CA MET C 159 19.55 45.94 25.42
C MET C 159 20.69 46.19 26.43
N ALA C 160 21.91 46.09 25.94
CA ALA C 160 23.12 46.35 26.71
C ALA C 160 23.25 47.88 26.83
N GLU C 161 22.72 48.41 27.93
CA GLU C 161 22.56 49.85 28.13
C GLU C 161 23.90 50.53 28.48
N GLU C 162 24.96 49.75 28.60
CA GLU C 162 26.31 50.29 28.78
C GLU C 162 27.11 50.43 27.46
N ILE C 163 26.60 49.90 26.35
CA ILE C 163 27.21 50.12 25.03
C ILE C 163 26.50 51.30 24.35
N VAL C 164 25.43 51.78 24.99
CA VAL C 164 24.62 52.87 24.44
C VAL C 164 25.41 54.21 24.35
N PRO C 165 26.15 54.59 25.41
CA PRO C 165 26.97 55.82 25.23
C PRO C 165 28.24 55.59 24.39
N LEU C 166 28.82 54.40 24.47
CA LEU C 166 30.14 54.16 23.90
C LEU C 166 30.18 53.92 22.39
N PHE C 167 29.05 53.66 21.74
CA PHE C 167 29.14 53.16 20.37
C PHE C 167 29.36 54.28 19.34
N GLN C 168 30.26 53.99 18.40
CA GLN C 168 30.53 54.90 17.28
C GLN C 168 30.02 54.28 15.97
N VAL C 169 29.52 55.14 15.07
CA VAL C 169 29.14 54.76 13.73
C VAL C 169 30.30 55.09 12.75
N ALA C 170 30.66 54.12 11.91
CA ALA C 170 31.69 54.27 10.90
C ALA C 170 31.00 54.54 9.59
N TRP C 171 30.50 55.78 9.48
CA TRP C 171 29.80 56.28 8.30
C TRP C 171 30.58 55.99 7.03
N ASN C 172 31.88 56.30 7.04
CA ASN C 172 32.74 56.24 5.83
C ASN C 172 32.18 57.06 4.61
N ASP C 173 30.88 57.43 4.68
CA ASP C 173 30.17 58.08 3.58
C ASP C 173 29.97 59.60 3.90
N ALA C 174 31.07 60.26 4.28
CA ALA C 174 31.17 61.74 4.38
C ALA C 174 30.51 62.39 5.62
N ALA C 175 30.44 63.73 5.59
CA ALA C 175 29.58 64.54 6.48
C ALA C 175 28.16 64.70 5.86
N ASN C 176 27.81 63.70 5.05
CA ASN C 176 26.42 63.39 4.69
C ASN C 176 25.92 62.28 5.64
N PRO C 177 24.94 62.61 6.52
CA PRO C 177 24.33 61.56 7.39
C PRO C 177 23.65 60.43 6.58
N ASP C 178 22.51 60.74 5.93
CA ASP C 178 21.61 59.72 5.33
C ASP C 178 22.15 59.07 4.05
N LYS C 179 23.47 59.14 3.89
CA LYS C 179 24.19 58.45 2.83
C LYS C 179 24.66 57.07 3.34
N GLY C 180 24.15 56.67 4.52
CA GLY C 180 24.36 55.31 5.07
C GLY C 180 25.53 55.19 6.03
N PHE C 181 25.74 53.98 6.56
CA PHE C 181 26.92 53.64 7.37
C PHE C 181 27.38 52.22 7.09
N GLN C 182 28.59 51.91 7.52
CA GLN C 182 29.28 50.66 7.16
C GLN C 182 29.32 49.62 8.33
N TYR C 183 29.47 50.11 9.56
CA TYR C 183 29.43 49.27 10.77
C TYR C 183 29.25 50.10 12.03
N LEU C 184 29.38 49.45 13.20
CA LEU C 184 29.43 50.12 14.49
C LEU C 184 30.74 49.73 15.18
N TYR C 185 31.29 50.65 15.97
CA TYR C 185 32.59 50.41 16.62
C TYR C 185 32.73 51.13 17.95
N LEU C 186 33.84 50.82 18.61
CA LEU C 186 34.27 51.50 19.81
C LEU C 186 35.67 52.12 19.60
N THR C 187 35.82 53.37 20.05
CA THR C 187 37.11 54.04 20.14
C THR C 187 37.95 53.32 21.20
N SER C 188 39.27 53.53 21.17
CA SER C 188 40.18 52.89 22.14
C SER C 188 39.88 53.31 23.57
N GLU C 189 39.30 54.51 23.72
CA GLU C 189 38.87 55.03 25.02
C GLU C 189 37.55 54.42 25.51
N GLY C 190 36.68 54.02 24.57
CA GLY C 190 35.45 53.27 24.92
C GLY C 190 35.76 51.84 25.32
N MET C 191 36.69 51.22 24.59
CA MET C 191 37.28 49.95 24.95
C MET C 191 38.01 49.94 26.32
N GLU C 192 38.31 51.13 26.84
CA GLU C 192 38.99 51.32 28.14
C GLU C 192 37.99 51.47 29.29
N THR C 193 36.90 52.19 29.01
CA THR C 193 35.76 52.33 29.92
C THR C 193 35.23 50.94 30.40
N LEU C 194 35.18 49.98 29.48
CA LEU C 194 34.67 48.63 29.75
C LEU C 194 35.66 47.88 30.63
N LYS C 195 36.89 47.70 30.12
CA LYS C 195 37.98 47.03 30.86
C LYS C 195 38.10 47.50 32.31
N LYS C 196 37.76 48.79 32.55
CA LYS C 196 37.78 49.40 33.88
C LYS C 196 36.58 48.95 34.74
N PHE C 197 35.38 49.11 34.17
CA PHE C 197 34.15 48.76 34.90
C PHE C 197 33.89 47.24 34.99
N ASP C 198 34.82 46.43 34.45
CA ASP C 198 34.76 44.97 34.52
C ASP C 198 33.64 44.39 33.63
N LYS C 199 33.46 45.02 32.47
CA LYS C 199 32.42 44.70 31.49
C LYS C 199 33.10 44.54 30.15
N GLU C 200 34.19 43.79 30.16
CA GLU C 200 35.08 43.70 29.01
C GLU C 200 34.50 42.78 27.94
N ASN C 201 33.84 41.68 28.36
CA ASN C 201 33.07 40.83 27.42
C ASN C 201 31.57 41.21 27.26
N SER C 202 31.24 42.50 27.38
CA SER C 202 29.95 42.99 26.93
C SER C 202 29.86 43.05 25.42
N VAL C 203 30.99 42.94 24.73
CA VAL C 203 31.01 43.07 23.26
C VAL C 203 31.99 42.07 22.69
N LEU C 204 31.75 41.66 21.45
CA LEU C 204 32.75 40.97 20.66
C LEU C 204 33.13 41.89 19.53
N THR C 205 34.42 42.22 19.49
CA THR C 205 34.98 43.12 18.47
C THR C 205 36.06 42.44 17.65
N GLU C 206 36.34 43.02 16.50
CA GLU C 206 37.56 42.73 15.77
C GLU C 206 38.20 44.05 15.30
N ARG C 207 39.51 44.18 15.54
CA ARG C 207 40.25 45.42 15.30
C ARG C 207 40.65 45.67 13.84
N THR C 208 40.12 46.76 13.26
CA THR C 208 40.52 47.31 11.95
C THR C 208 41.04 48.74 12.18
N VAL C 209 42.25 49.04 11.70
CA VAL C 209 42.80 50.43 11.76
C VAL C 209 42.52 51.20 10.44
N ILE C 210 41.87 52.35 10.53
CA ILE C 210 41.54 53.11 9.31
C ILE C 210 41.83 54.62 9.43
N ASN C 211 42.56 55.12 8.42
CA ASN C 211 42.97 56.53 8.27
C ASN C 211 43.51 57.13 9.58
N GLY C 212 44.31 56.37 10.31
CA GLY C 212 44.91 56.84 11.56
C GLY C 212 44.65 56.03 12.83
N GLU C 213 43.49 56.28 13.48
CA GLU C 213 43.13 55.68 14.81
C GLU C 213 42.65 54.20 14.75
N GLU C 214 42.67 53.60 15.96
CA GLU C 214 42.39 52.19 16.22
C GLU C 214 40.87 51.99 16.41
N ARG C 215 40.18 51.53 15.37
CA ARG C 215 38.73 51.19 15.45
C ARG C 215 38.50 49.73 15.94
N PHE C 216 37.62 49.59 16.93
CA PHE C 216 37.23 48.26 17.43
C PHE C 216 35.80 47.92 16.95
N VAL C 217 35.74 47.16 15.85
CA VAL C 217 34.49 46.84 15.13
C VAL C 217 33.57 45.91 15.98
N ILE C 218 32.36 46.40 16.31
CA ILE C 218 31.33 45.60 17.03
C ILE C 218 30.71 44.48 16.15
N LYS C 219 31.20 43.26 16.36
CA LYS C 219 30.69 42.08 15.64
C LYS C 219 29.35 41.54 16.25
N THR C 220 29.22 41.64 17.58
CA THR C 220 28.05 41.18 18.34
C THR C 220 28.03 41.93 19.68
N ILE C 221 26.87 42.38 20.14
CA ILE C 221 26.66 42.88 21.51
C ILE C 221 26.07 41.76 22.45
N ILE C 222 26.72 41.55 23.59
CA ILE C 222 26.33 40.51 24.51
C ILE C 222 25.67 41.12 25.77
N GLY C 223 26.23 42.20 26.28
CA GLY C 223 25.68 42.87 27.45
C GLY C 223 26.21 42.22 28.72
N SER C 224 26.25 43.03 29.79
CA SER C 224 26.67 42.57 31.11
C SER C 224 25.45 42.12 31.94
N GLU C 225 24.33 42.80 31.79
CA GLU C 225 23.09 42.47 32.51
C GLU C 225 22.49 41.19 31.93
N ASP C 226 22.10 40.28 32.84
CA ASP C 226 21.37 39.07 32.50
C ASP C 226 19.87 39.41 32.30
N GLY C 227 19.27 38.79 31.30
CA GLY C 227 17.85 38.93 31.07
C GLY C 227 17.48 39.78 29.89
N LEU C 228 18.31 39.77 28.83
CA LEU C 228 18.08 40.64 27.64
C LEU C 228 17.33 39.93 26.53
N GLY C 229 17.64 38.65 26.35
CA GLY C 229 17.16 37.94 25.18
C GLY C 229 16.98 36.46 25.32
N VAL C 230 17.77 35.71 24.56
CA VAL C 230 17.61 34.30 24.40
C VAL C 230 17.75 33.52 25.71
N GLU C 231 18.57 33.98 26.65
CA GLU C 231 18.55 33.39 27.99
C GLU C 231 17.11 33.42 28.65
N CYS C 232 16.28 34.40 28.28
CA CYS C 232 14.91 34.49 28.80
C CYS C 232 14.00 33.46 28.12
N LEU C 233 14.34 33.23 26.85
CA LEU C 233 13.73 32.25 26.00
C LEU C 233 13.99 30.79 26.41
N ARG C 234 15.25 30.45 26.74
CA ARG C 234 15.58 29.14 27.28
C ARG C 234 14.78 28.86 28.57
N GLY C 235 14.68 29.84 29.46
CA GLY C 235 14.02 29.65 30.72
C GLY C 235 12.54 29.48 30.53
N SER C 236 12.06 30.04 29.46
CA SER C 236 10.66 29.97 29.06
C SER C 236 10.32 28.57 28.61
N GLY C 237 11.14 27.97 27.75
CA GLY C 237 11.02 26.60 27.36
C GLY C 237 11.09 25.67 28.55
N LEU C 238 12.04 25.96 29.43
CA LEU C 238 12.19 25.18 30.63
C LEU C 238 10.89 25.07 31.44
N ILE C 239 10.15 26.14 31.56
CA ILE C 239 8.99 26.15 32.41
C ILE C 239 7.78 25.72 31.66
N ALA C 240 7.84 25.83 30.33
CA ALA C 240 6.79 25.27 29.49
C ALA C 240 6.81 23.71 29.64
N GLY C 241 8.00 23.16 29.46
CA GLY C 241 8.18 21.75 29.60
C GLY C 241 7.87 21.24 30.98
N ALA C 242 8.32 21.97 31.98
CA ALA C 242 8.02 21.62 33.38
C ALA C 242 6.54 21.55 33.70
N THR C 243 5.75 22.38 33.02
CA THR C 243 4.31 22.52 33.27
C THR C 243 3.50 21.42 32.52
N SER C 244 3.98 21.06 31.33
CA SER C 244 3.48 19.99 30.49
C SER C 244 3.55 18.71 31.32
N ARG C 245 4.74 18.44 31.88
CA ARG C 245 4.95 17.39 32.89
C ARG C 245 4.04 17.39 34.12
N ALA C 246 3.96 18.52 34.80
CA ALA C 246 3.15 18.72 35.98
C ALA C 246 1.71 18.35 35.78
N TYR C 247 1.19 18.72 34.59
CA TYR C 247 -0.18 18.35 34.23
C TYR C 247 -0.47 16.86 34.38
N HIS C 248 0.52 16.05 34.01
CA HIS C 248 0.41 14.58 34.07
C HIS C 248 0.63 13.94 35.38
N ASP C 249 0.92 14.69 36.43
CA ASP C 249 1.51 14.20 37.67
C ASP C 249 0.88 14.73 38.98
N ILE C 250 0.40 15.97 38.93
CA ILE C 250 -0.23 16.63 40.05
C ILE C 250 -1.39 17.43 39.54
N PHE C 251 -2.26 17.84 40.44
CA PHE C 251 -3.32 18.78 40.03
C PHE C 251 -2.74 20.17 39.79
N THR C 252 -2.92 20.68 38.58
CA THR C 252 -2.51 21.99 38.09
C THR C 252 -3.73 22.94 37.79
N ILE C 253 -3.69 24.14 38.34
CA ILE C 253 -4.67 25.18 38.00
C ILE C 253 -4.00 26.58 37.90
N THR C 254 -4.50 27.38 36.96
CA THR C 254 -4.05 28.75 36.78
C THR C 254 -5.23 29.73 36.99
N LEU C 255 -5.00 30.78 37.80
CA LEU C 255 -5.87 31.97 37.89
C LEU C 255 -5.23 33.06 37.06
N VAL C 256 -5.94 33.55 36.05
CA VAL C 256 -5.45 34.63 35.22
C VAL C 256 -6.01 35.93 35.84
N THR C 257 -5.20 36.49 36.72
CA THR C 257 -5.63 37.58 37.61
C THR C 257 -5.19 38.93 37.00
N CYS C 258 -4.19 38.90 36.16
CA CYS C 258 -3.81 40.02 35.38
C CYS C 258 -3.55 39.59 33.94
N ARG C 259 -3.19 40.50 33.06
CA ARG C 259 -2.83 40.03 31.73
C ARG C 259 -1.74 38.96 31.82
N SER C 260 -1.70 38.07 30.84
CA SER C 260 -0.70 36.97 30.80
C SER C 260 -0.22 36.79 29.40
N VAL C 261 1.07 37.00 29.20
CA VAL C 261 1.56 37.26 27.88
C VAL C 261 2.68 36.32 27.48
N GLY C 262 2.60 35.82 26.25
CA GLY C 262 3.72 35.05 25.71
C GLY C 262 3.79 33.70 26.39
N ILE C 263 4.94 33.43 27.00
CA ILE C 263 5.14 32.24 27.81
C ILE C 263 4.06 32.20 28.87
N GLY C 264 3.71 33.34 29.40
CA GLY C 264 2.60 33.40 30.32
C GLY C 264 1.33 32.84 29.76
N ALA C 265 1.04 33.08 28.49
CA ALA C 265 -0.18 32.56 27.90
C ALA C 265 -0.09 31.00 27.70
N TYR C 266 1.06 30.53 27.25
CA TYR C 266 1.34 29.08 27.17
C TYR C 266 1.26 28.38 28.51
N LEU C 267 1.78 29.01 29.56
CA LEU C 267 1.57 28.45 30.89
C LEU C 267 0.13 28.28 31.25
N VAL C 268 -0.74 29.19 30.83
CA VAL C 268 -2.12 28.93 31.17
C VAL C 268 -2.69 27.64 30.51
N ARG C 269 -2.41 27.45 29.24
CA ARG C 269 -2.85 26.30 28.51
C ARG C 269 -2.19 25.07 29.02
N LEU C 270 -0.92 25.19 29.28
CA LEU C 270 -0.13 23.97 29.57
C LEU C 270 -0.54 23.34 30.91
N GLY C 271 -0.94 24.16 31.85
CA GLY C 271 -1.49 23.72 33.11
C GLY C 271 -2.95 23.27 32.99
N GLN C 272 -3.51 23.51 31.79
CA GLN C 272 -4.89 23.15 31.38
C GLN C 272 -6.04 23.86 32.07
N ARG C 273 -6.15 23.59 33.36
CA ARG C 273 -7.24 24.12 34.18
C ARG C 273 -6.97 25.63 34.39
N ALA C 274 -7.85 26.48 33.87
CA ALA C 274 -7.71 27.95 33.91
C ALA C 274 -9.03 28.66 34.24
N ILE C 275 -8.96 29.57 35.20
CA ILE C 275 -10.04 30.50 35.55
C ILE C 275 -9.56 31.88 35.15
N GLN C 276 -10.29 32.52 34.25
CA GLN C 276 -9.92 33.85 33.76
C GLN C 276 -10.73 34.96 34.45
N VAL C 277 -10.04 35.92 35.06
CA VAL C 277 -10.77 37.09 35.59
C VAL C 277 -11.24 37.99 34.43
N GLU C 278 -12.47 38.48 34.55
CA GLU C 278 -12.98 39.37 33.53
C GLU C 278 -12.09 40.60 33.36
N GLY C 279 -11.90 40.97 32.14
CA GLY C 279 -11.02 42.07 31.80
C GLY C 279 -9.57 41.78 31.81
N GLN C 280 -9.15 40.56 32.16
CA GLN C 280 -7.72 40.18 32.12
C GLN C 280 -7.41 39.23 30.96
N PRO C 281 -6.65 39.71 29.96
CA PRO C 281 -6.47 38.97 28.74
C PRO C 281 -5.35 37.95 28.78
N ILE C 282 -5.49 36.90 27.94
CA ILE C 282 -4.46 35.91 27.69
C ILE C 282 -4.00 36.10 26.27
N ILE C 283 -2.77 36.55 26.11
CA ILE C 283 -2.35 36.99 24.79
C ILE C 283 -0.97 36.52 24.46
N LEU C 284 -0.76 36.36 23.15
CA LEU C 284 0.55 36.06 22.63
C LEU C 284 1.31 37.36 22.26
N THR C 285 0.73 38.21 21.40
CA THR C 285 1.27 39.57 21.29
C THR C 285 0.15 40.58 21.43
N GLY C 286 0.54 41.79 21.84
CA GLY C 286 -0.41 42.86 22.08
C GLY C 286 -0.97 43.36 20.77
N ALA C 287 -2.16 43.90 20.88
CA ALA C 287 -2.79 44.63 19.80
C ALA C 287 -1.91 45.78 19.23
N PRO C 288 -1.27 46.58 20.10
CA PRO C 288 -0.38 47.57 19.52
C PRO C 288 0.57 46.93 18.51
N ALA C 289 1.31 45.91 18.95
CA ALA C 289 2.34 45.29 18.10
C ALA C 289 1.76 44.58 16.90
N ILE C 290 0.53 44.13 16.98
CA ILE C 290 -0.13 43.53 15.83
C ILE C 290 -0.51 44.63 14.81
N ASN C 291 -1.32 45.59 15.26
CA ASN C 291 -1.62 46.79 14.49
C ASN C 291 -0.35 47.34 13.84
N LYS C 292 0.75 47.41 14.60
CA LYS C 292 2.05 48.00 14.16
C LYS C 292 2.73 47.23 13.04
N MET C 293 1.95 46.48 12.25
CA MET C 293 2.49 45.30 11.54
C MET C 293 1.45 44.82 10.52
N LEU C 294 0.17 45.00 10.83
CA LEU C 294 -0.84 45.09 9.79
C LEU C 294 -0.90 46.49 9.10
N GLY C 295 0.11 47.34 9.36
CA GLY C 295 0.05 48.76 8.98
C GLY C 295 -1.11 49.44 9.68
N ARG C 296 -2.32 49.13 9.20
CA ARG C 296 -3.61 49.62 9.77
C ARG C 296 -3.81 49.44 11.30
N GLU C 297 -4.69 50.26 11.89
CA GLU C 297 -4.92 50.24 13.33
C GLU C 297 -6.22 49.47 13.64
N VAL C 298 -6.11 48.14 13.49
CA VAL C 298 -7.27 47.21 13.44
C VAL C 298 -7.84 46.76 14.81
N TYR C 299 -6.98 46.60 15.81
CA TYR C 299 -7.50 46.23 17.11
C TYR C 299 -7.33 47.34 18.14
N THR C 300 -8.36 47.54 18.94
CA THR C 300 -8.35 48.57 19.96
C THR C 300 -8.05 48.07 21.38
N SER C 301 -8.38 46.79 21.67
CA SER C 301 -8.07 46.15 22.95
C SER C 301 -7.33 44.85 22.82
N ASN C 302 -6.52 44.57 23.80
CA ASN C 302 -5.96 43.22 23.99
C ASN C 302 -7.05 42.19 24.33
N LEU C 303 -8.15 42.70 24.89
CA LEU C 303 -9.30 41.90 25.20
C LEU C 303 -9.98 41.33 23.99
N GLN C 304 -9.73 41.91 22.84
CA GLN C 304 -10.33 41.36 21.63
C GLN C 304 -9.48 40.21 21.13
N LEU C 305 -8.22 40.16 21.54
CA LEU C 305 -7.35 39.06 21.18
C LEU C 305 -7.46 37.89 22.23
N GLY C 306 -7.52 38.22 23.52
CA GLY C 306 -7.40 37.24 24.59
C GLY C 306 -8.28 37.44 25.79
N GLY C 307 -9.35 38.22 25.65
CA GLY C 307 -10.31 38.35 26.73
C GLY C 307 -11.11 37.08 26.85
N THR C 308 -12.02 37.07 27.83
CA THR C 308 -12.84 35.95 28.13
C THR C 308 -13.79 35.62 27.02
N GLN C 309 -13.98 36.49 26.05
CA GLN C 309 -15.04 36.24 25.04
C GLN C 309 -14.40 35.50 23.89
N ILE C 310 -13.08 35.39 23.97
CA ILE C 310 -12.30 34.52 23.15
C ILE C 310 -12.01 33.20 23.90
N MET C 311 -11.52 33.29 25.15
CA MET C 311 -10.79 32.18 25.76
C MET C 311 -11.74 31.29 26.57
N TYR C 312 -12.75 31.89 27.13
CA TYR C 312 -13.85 31.15 27.68
C TYR C 312 -14.70 30.50 26.57
N ASN C 313 -14.94 31.20 25.47
CA ASN C 313 -15.72 30.63 24.35
C ASN C 313 -15.01 29.49 23.57
N ASN C 314 -13.67 29.51 23.67
CA ASN C 314 -12.65 28.60 23.17
C ASN C 314 -12.41 27.31 23.91
N GLY C 315 -12.68 27.40 25.20
CA GLY C 315 -12.28 26.39 26.11
C GLY C 315 -10.87 26.46 26.60
N VAL C 316 -10.14 27.54 26.32
CA VAL C 316 -8.84 27.78 26.99
C VAL C 316 -9.10 28.13 28.47
N SER C 317 -10.20 28.86 28.73
CA SER C 317 -10.58 29.21 30.08
C SER C 317 -11.76 28.35 30.40
N HIS C 318 -11.62 27.57 31.48
CA HIS C 318 -12.68 26.61 31.88
C HIS C 318 -13.83 27.33 32.54
N LEU C 319 -13.45 28.36 33.29
CA LEU C 319 -14.37 29.25 33.98
C LEU C 319 -13.86 30.71 33.95
N THR C 320 -14.75 31.54 34.42
CA THR C 320 -14.60 32.97 34.44
C THR C 320 -14.86 33.41 35.90
N ALA C 321 -14.24 34.51 36.28
CA ALA C 321 -14.51 35.13 37.59
C ALA C 321 -14.64 36.65 37.45
N VAL C 322 -15.57 37.21 38.24
CA VAL C 322 -15.77 38.68 38.38
C VAL C 322 -14.56 39.35 39.04
N ASP C 323 -13.98 38.76 40.09
CA ASP C 323 -12.81 39.39 40.75
C ASP C 323 -11.79 38.36 41.26
N ASP C 324 -10.68 38.78 41.83
CA ASP C 324 -9.73 37.77 42.32
C ASP C 324 -10.23 36.77 43.37
N LEU C 325 -11.08 37.21 44.25
CA LEU C 325 -11.58 36.32 45.29
C LEU C 325 -12.64 35.35 44.75
N ALA C 326 -13.46 35.80 43.81
CA ALA C 326 -14.33 34.87 43.11
C ALA C 326 -13.45 33.73 42.48
N GLY C 327 -12.35 34.11 41.84
CA GLY C 327 -11.45 33.14 41.20
C GLY C 327 -10.84 32.17 42.21
N VAL C 328 -10.45 32.66 43.39
CA VAL C 328 -9.81 31.88 44.43
C VAL C 328 -10.82 30.90 45.06
N GLU C 329 -12.05 31.37 45.20
CA GLU C 329 -13.14 30.56 45.65
C GLU C 329 -13.37 29.36 44.70
N LYS C 330 -13.38 29.65 43.40
CA LYS C 330 -13.62 28.66 42.40
C LYS C 330 -12.49 27.61 42.37
N ILE C 331 -11.24 28.07 42.52
CA ILE C 331 -10.12 27.18 42.67
C ILE C 331 -10.32 26.20 43.82
N VAL C 332 -10.72 26.78 44.95
CA VAL C 332 -10.86 26.04 46.21
C VAL C 332 -12.04 25.03 46.15
N GLU C 333 -13.12 25.42 45.47
CA GLU C 333 -14.24 24.51 45.19
C GLU C 333 -13.85 23.35 44.25
N TRP C 334 -13.02 23.66 43.27
CA TRP C 334 -12.56 22.70 42.35
C TRP C 334 -11.68 21.70 43.05
N MET C 335 -10.79 22.16 43.91
CA MET C 335 -9.96 21.25 44.70
C MET C 335 -10.73 20.40 45.68
N SER C 336 -11.94 20.77 46.03
CA SER C 336 -12.67 19.94 46.96
C SER C 336 -13.04 18.55 46.41
N TYR C 337 -12.97 18.39 45.08
CA TYR C 337 -13.17 17.06 44.45
C TYR C 337 -11.90 16.23 44.30
N VAL C 338 -10.75 16.82 44.63
CA VAL C 338 -9.41 16.32 44.24
C VAL C 338 -8.65 15.76 45.44
N PRO C 339 -7.97 14.60 45.30
CA PRO C 339 -7.20 14.13 46.43
C PRO C 339 -6.22 15.16 46.94
N ALA C 340 -5.82 15.00 48.19
CA ALA C 340 -4.91 15.90 48.90
C ALA C 340 -3.54 15.86 48.21
N LYS C 341 -3.21 14.68 47.70
CA LYS C 341 -2.03 14.54 46.90
C LYS C 341 -2.05 13.30 46.01
N ARG C 342 -1.19 13.28 45.02
CA ARG C 342 -1.04 12.15 44.09
C ARG C 342 -1.13 10.79 44.80
N ASN C 343 -2.03 10.00 44.24
CA ASN C 343 -2.32 8.62 44.65
C ASN C 343 -3.07 8.43 45.97
N MET C 344 -3.46 9.51 46.65
CA MET C 344 -4.36 9.38 47.76
C MET C 344 -5.76 9.18 47.25
N PRO C 345 -6.59 8.48 48.04
CA PRO C 345 -7.98 8.26 47.61
C PRO C 345 -8.70 9.55 47.31
N VAL C 346 -9.71 9.46 46.47
CA VAL C 346 -10.50 10.61 46.21
C VAL C 346 -11.29 10.96 47.48
N PRO C 347 -11.51 12.24 47.72
CA PRO C 347 -12.11 12.66 48.97
C PRO C 347 -13.60 12.52 49.08
N ILE C 348 -14.01 11.56 49.91
CA ILE C 348 -15.42 11.38 50.25
C ILE C 348 -15.89 12.54 51.14
N LEU C 349 -17.00 13.13 50.73
CA LEU C 349 -17.64 14.15 51.51
C LEU C 349 -19.13 13.94 51.40
N GLU C 350 -19.67 13.23 52.38
CA GLU C 350 -21.11 13.02 52.47
C GLU C 350 -21.76 14.27 52.97
N THR C 351 -22.90 14.62 52.40
CA THR C 351 -23.65 15.77 52.84
C THR C 351 -25.11 15.31 53.15
N LYS C 352 -26.01 16.26 53.34
CA LYS C 352 -27.34 16.01 53.81
C LYS C 352 -28.05 15.09 52.81
N ASP C 353 -27.77 15.28 51.53
CA ASP C 353 -28.34 14.43 50.51
C ASP C 353 -27.61 13.07 50.37
N THR C 354 -28.17 12.04 50.97
CA THR C 354 -27.49 10.77 51.07
C THR C 354 -27.83 9.84 49.95
N TRP C 355 -27.04 8.76 49.82
CA TRP C 355 -27.26 7.80 48.74
C TRP C 355 -28.63 7.18 48.68
N ASP C 356 -29.28 7.01 49.82
CA ASP C 356 -30.51 6.18 49.91
C ASP C 356 -31.82 6.88 49.59
N ARG C 357 -32.01 7.14 48.33
CA ARG C 357 -33.20 7.78 47.83
C ARG C 357 -33.34 7.42 46.36
N PRO C 358 -34.57 7.57 45.84
CA PRO C 358 -34.82 7.53 44.41
C PRO C 358 -34.34 8.79 43.69
N VAL C 359 -34.31 8.71 42.36
CA VAL C 359 -34.06 9.84 41.54
C VAL C 359 -35.42 10.35 41.15
N ASP C 360 -35.66 11.62 41.36
CA ASP C 360 -36.98 12.23 41.09
C ASP C 360 -37.05 12.71 39.64
N PHE C 361 -36.24 13.72 39.29
CA PHE C 361 -36.30 14.23 37.93
C PHE C 361 -36.01 13.17 36.92
N THR C 362 -36.98 12.99 36.01
CA THR C 362 -36.95 11.98 35.00
C THR C 362 -37.31 12.60 33.69
N PRO C 363 -36.46 12.43 32.67
CA PRO C 363 -36.78 13.04 31.42
C PRO C 363 -37.87 12.28 30.70
N THR C 364 -38.47 12.97 29.72
CA THR C 364 -39.55 12.41 28.87
C THR C 364 -39.28 12.74 27.40
N ASN C 365 -39.76 11.90 26.51
CA ASN C 365 -39.49 12.13 25.11
C ASN C 365 -40.31 13.28 24.52
N ASP C 366 -41.56 13.46 24.93
CA ASP C 366 -42.33 14.66 24.46
C ASP C 366 -41.66 15.99 24.88
N GLU C 367 -41.28 16.13 26.16
CA GLU C 367 -40.73 17.38 26.69
C GLU C 367 -39.21 17.56 26.57
N THR C 368 -38.86 18.83 26.42
CA THR C 368 -37.51 19.31 26.35
C THR C 368 -36.99 19.32 27.78
N TYR C 369 -35.72 18.98 27.94
CA TYR C 369 -35.06 19.10 29.23
C TYR C 369 -33.63 19.64 29.12
N ASP C 370 -33.17 20.10 30.25
CA ASP C 370 -31.77 20.47 30.48
C ASP C 370 -31.18 19.29 31.22
N VAL C 371 -30.15 18.70 30.64
CA VAL C 371 -29.53 17.51 31.21
C VAL C 371 -29.04 17.81 32.62
N ARG C 372 -28.68 19.05 32.89
CA ARG C 372 -28.28 19.41 34.24
C ARG C 372 -29.32 19.03 35.31
N TRP C 373 -30.62 18.99 34.92
CA TRP C 373 -31.70 18.58 35.83
C TRP C 373 -31.56 17.13 36.19
N MET C 374 -31.22 16.28 35.21
CA MET C 374 -30.88 14.89 35.47
C MET C 374 -29.66 14.72 36.37
N ILE C 375 -28.71 15.61 36.25
CA ILE C 375 -27.46 15.52 36.97
C ILE C 375 -27.63 15.98 38.41
N GLU C 376 -28.13 17.21 38.59
CA GLU C 376 -28.06 17.86 39.91
C GLU C 376 -29.47 18.11 40.55
N GLY C 377 -30.52 17.88 39.76
CA GLY C 377 -31.85 18.12 40.22
C GLY C 377 -32.40 19.44 39.74
N ARG C 378 -33.70 19.61 39.92
CA ARG C 378 -34.31 20.95 39.73
C ARG C 378 -35.28 21.47 40.80
N GLU C 379 -35.18 22.77 41.05
CA GLU C 379 -36.27 23.54 41.68
C GLU C 379 -37.54 23.52 40.83
N THR C 380 -38.61 23.13 41.52
CA THR C 380 -39.94 23.02 41.00
C THR C 380 -40.85 23.83 41.95
N GLU C 381 -42.02 24.23 41.41
CA GLU C 381 -43.15 24.76 42.20
C GLU C 381 -43.54 23.89 43.40
N SER C 382 -43.82 22.62 43.17
CA SER C 382 -44.03 21.66 44.27
C SER C 382 -42.81 21.32 45.12
N GLY C 383 -41.63 21.87 44.84
CA GLY C 383 -40.42 21.56 45.63
C GLY C 383 -39.24 21.10 44.77
N PHE C 384 -38.21 20.59 45.43
CA PHE C 384 -36.97 20.18 44.74
C PHE C 384 -37.05 18.73 44.19
N GLU C 385 -36.97 18.62 42.87
CA GLU C 385 -36.81 17.32 42.28
C GLU C 385 -35.30 16.93 42.27
N TYR C 386 -34.95 15.92 43.06
CA TYR C 386 -33.62 15.43 43.16
C TYR C 386 -33.21 14.68 41.90
N GLY C 387 -31.96 14.82 41.52
CA GLY C 387 -31.41 14.16 40.33
C GLY C 387 -30.46 13.04 40.70
N LEU C 388 -29.64 12.62 39.75
CA LEU C 388 -28.77 11.44 40.00
C LEU C 388 -27.72 11.75 41.09
N PHE C 389 -27.11 12.93 41.04
CA PHE C 389 -25.99 13.24 41.94
C PHE C 389 -26.49 14.10 43.13
N ASP C 390 -25.62 14.30 44.12
CA ASP C 390 -25.95 15.03 45.35
C ASP C 390 -26.39 16.47 45.10
N LYS C 391 -27.45 16.91 45.78
CA LYS C 391 -27.92 18.30 45.69
C LYS C 391 -26.77 19.27 45.97
N GLY C 392 -26.61 20.25 45.08
CA GLY C 392 -25.54 21.23 45.21
C GLY C 392 -24.12 20.74 44.91
N SER C 393 -23.95 19.48 44.49
CA SER C 393 -22.57 18.95 44.27
C SER C 393 -21.95 19.21 42.88
N PHE C 394 -22.75 19.67 41.92
CA PHE C 394 -22.32 19.78 40.54
C PHE C 394 -21.60 21.08 40.27
N PHE C 395 -20.33 20.97 39.99
CA PHE C 395 -19.47 22.04 39.66
C PHE C 395 -19.13 21.96 38.14
N GLU C 396 -19.83 22.72 37.34
CA GLU C 396 -19.68 22.67 35.85
C GLU C 396 -18.47 23.47 35.45
N THR C 397 -17.72 22.95 34.47
CA THR C 397 -16.56 23.59 33.91
C THR C 397 -16.59 23.46 32.37
N LEU C 398 -15.75 24.24 31.72
CA LEU C 398 -15.78 24.42 30.24
C LEU C 398 -17.16 24.81 29.71
N SER C 399 -17.83 25.65 30.50
CA SER C 399 -19.24 25.99 30.30
C SER C 399 -19.43 27.01 29.20
N GLY C 400 -18.32 27.59 28.73
CA GLY C 400 -18.34 28.60 27.70
C GLY C 400 -18.18 28.05 26.30
N TRP C 401 -17.89 26.76 26.17
CA TRP C 401 -17.33 26.21 24.95
C TRP C 401 -17.98 24.87 24.68
N ALA C 402 -18.30 24.63 23.40
CA ALA C 402 -18.72 23.36 22.91
C ALA C 402 -19.88 22.83 23.72
N LYS C 403 -20.99 23.59 23.74
CA LYS C 403 -22.09 23.38 24.68
C LYS C 403 -23.01 22.20 24.44
N GLY C 404 -22.68 21.38 23.46
CA GLY C 404 -23.42 20.21 23.12
C GLY C 404 -23.13 19.12 24.10
N VAL C 405 -21.97 19.27 24.81
CA VAL C 405 -21.67 18.48 25.99
C VAL C 405 -21.63 19.33 27.25
N VAL C 406 -21.94 18.64 28.35
CA VAL C 406 -21.95 19.23 29.66
C VAL C 406 -20.93 18.49 30.55
N VAL C 407 -19.93 19.23 31.00
CA VAL C 407 -18.93 18.63 31.88
C VAL C 407 -18.80 19.32 33.23
N GLY C 408 -18.60 18.51 34.23
CA GLY C 408 -18.57 18.99 35.57
C GLY C 408 -18.01 17.94 36.53
N ARG C 409 -17.81 18.36 37.79
CA ARG C 409 -17.53 17.47 38.87
C ARG C 409 -18.85 17.37 39.61
N ALA C 410 -19.12 16.21 40.23
CA ALA C 410 -20.26 16.04 41.15
C ALA C 410 -19.87 15.10 42.30
N ARG C 411 -20.80 14.85 43.20
CA ARG C 411 -20.64 13.81 44.21
C ARG C 411 -21.86 12.88 44.19
N LEU C 412 -21.61 11.62 44.48
CA LEU C 412 -22.63 10.56 44.43
C LEU C 412 -22.54 9.92 45.81
N GLY C 413 -23.44 10.39 46.70
CA GLY C 413 -23.51 9.83 48.06
C GLY C 413 -22.26 10.15 48.82
N GLY C 414 -21.62 11.25 48.43
CA GLY C 414 -20.34 11.72 48.94
C GLY C 414 -19.11 11.43 48.10
N ILE C 415 -19.24 10.50 47.14
CA ILE C 415 -18.10 10.12 46.28
C ILE C 415 -18.01 11.15 45.13
N PRO C 416 -16.81 11.78 44.97
CA PRO C 416 -16.61 12.69 43.85
C PRO C 416 -16.25 11.95 42.55
N LEU C 417 -16.67 12.53 41.42
CA LEU C 417 -16.41 11.95 40.14
C LEU C 417 -16.53 13.03 39.07
N GLY C 418 -15.89 12.79 37.92
CA GLY C 418 -16.16 13.56 36.73
C GLY C 418 -17.43 13.09 36.10
N VAL C 419 -18.19 14.03 35.58
CA VAL C 419 -19.47 13.70 34.97
C VAL C 419 -19.52 14.30 33.58
N ILE C 420 -19.88 13.50 32.57
CA ILE C 420 -20.15 14.04 31.23
C ILE C 420 -21.58 13.74 30.82
N GLY C 421 -22.27 14.82 30.45
CA GLY C 421 -23.63 14.68 29.95
C GLY C 421 -23.84 15.30 28.59
N VAL C 422 -25.00 15.04 27.99
CA VAL C 422 -25.32 15.49 26.62
C VAL C 422 -26.47 16.51 26.60
N GLU C 423 -26.17 17.73 26.14
CA GLU C 423 -27.14 18.80 25.95
C GLU C 423 -28.02 18.47 24.78
N THR C 424 -29.29 18.16 25.05
CA THR C 424 -30.29 17.79 24.06
C THR C 424 -30.80 18.94 23.17
N ARG C 425 -30.80 20.14 23.74
CA ARG C 425 -31.17 21.39 23.07
C ARG C 425 -30.09 21.86 22.16
N THR C 426 -30.49 22.48 21.07
CA THR C 426 -29.57 22.80 19.97
C THR C 426 -28.82 24.06 20.36
N VAL C 427 -27.54 24.11 20.04
CA VAL C 427 -26.72 25.21 20.46
C VAL C 427 -26.68 26.20 19.29
N GLU C 428 -26.89 27.46 19.67
CA GLU C 428 -26.84 28.61 18.78
C GLU C 428 -25.50 29.27 18.98
N ASN C 429 -24.47 28.72 18.33
CA ASN C 429 -23.08 29.16 18.47
C ASN C 429 -22.80 30.34 17.52
N LEU C 430 -22.77 31.54 18.10
CA LEU C 430 -22.60 32.77 17.34
C LEU C 430 -21.12 33.14 17.31
N ILE C 431 -20.51 33.09 16.12
CA ILE C 431 -19.07 33.30 15.95
C ILE C 431 -18.86 34.78 15.62
N PRO C 432 -18.00 35.47 16.34
CA PRO C 432 -18.02 36.89 16.05
C PRO C 432 -17.17 37.26 14.82
N ALA C 433 -17.43 38.43 14.23
CA ALA C 433 -16.68 38.87 13.06
C ALA C 433 -15.23 39.22 13.42
N ASP C 434 -14.37 38.88 12.49
CA ASP C 434 -12.93 39.06 12.55
C ASP C 434 -12.56 40.50 12.15
N PRO C 435 -12.10 41.33 13.10
CA PRO C 435 -11.89 42.74 12.72
C PRO C 435 -10.81 42.95 11.68
N ALA C 436 -9.81 42.07 11.62
CA ALA C 436 -8.83 42.11 10.54
C ALA C 436 -9.38 41.87 9.15
N ASN C 437 -10.63 41.42 9.03
CA ASN C 437 -11.24 41.25 7.72
C ASN C 437 -12.50 42.11 7.61
N PRO C 438 -12.45 43.18 6.77
CA PRO C 438 -13.58 44.13 6.71
C PRO C 438 -14.80 43.55 5.95
N ASN C 439 -14.53 42.55 5.08
CA ASN C 439 -15.56 41.62 4.53
C ASN C 439 -15.72 40.36 5.39
N SER C 440 -16.24 40.53 6.61
CA SER C 440 -16.51 39.37 7.43
C SER C 440 -17.60 39.75 8.40
N ALA C 441 -18.57 38.85 8.47
CA ALA C 441 -19.69 38.99 9.37
C ALA C 441 -19.68 37.88 10.44
N GLU C 442 -20.26 38.22 11.59
CA GLU C 442 -20.62 37.25 12.57
C GLU C 442 -21.41 36.11 11.87
N THR C 443 -21.14 34.88 12.29
CA THR C 443 -21.78 33.67 11.77
C THR C 443 -22.42 32.96 12.93
N LEU C 444 -23.62 32.43 12.71
CA LEU C 444 -24.27 31.56 13.65
C LEU C 444 -24.16 30.10 13.15
N ILE C 445 -23.58 29.28 14.02
CA ILE C 445 -23.48 27.86 13.78
C ILE C 445 -24.45 27.23 14.75
N GLN C 446 -25.32 26.43 14.16
CA GLN C 446 -26.26 25.64 14.92
C GLN C 446 -25.76 24.21 15.07
N GLU C 447 -25.81 23.77 16.32
CA GLU C 447 -25.17 22.54 16.78
C GLU C 447 -26.35 21.76 17.34
N PRO C 448 -26.91 20.88 16.50
CA PRO C 448 -28.04 20.07 16.97
C PRO C 448 -27.64 19.19 18.17
N GLY C 449 -28.56 19.05 19.12
CA GLY C 449 -28.37 18.19 20.30
C GLY C 449 -28.17 16.73 19.97
N GLN C 450 -27.51 16.01 20.87
CA GLN C 450 -27.13 14.58 20.66
C GLN C 450 -26.27 14.25 19.43
N VAL C 451 -25.51 15.22 18.98
CA VAL C 451 -24.59 15.00 17.87
C VAL C 451 -23.24 15.54 18.30
N TRP C 452 -22.19 14.75 18.08
CA TRP C 452 -20.83 15.25 18.34
C TRP C 452 -20.36 16.04 17.11
N HIS C 453 -19.91 17.30 17.33
CA HIS C 453 -19.19 18.10 16.32
C HIS C 453 -17.74 18.09 16.71
N PRO C 454 -16.85 18.64 15.88
CA PRO C 454 -15.44 18.64 16.37
C PRO C 454 -15.27 19.27 17.75
N ASN C 455 -16.04 20.33 18.03
CA ASN C 455 -15.83 21.06 19.28
C ASN C 455 -16.22 20.23 20.51
N SER C 456 -17.33 19.51 20.43
CA SER C 456 -17.84 18.82 21.57
C SER C 456 -17.14 17.47 21.73
N ALA C 457 -16.70 16.90 20.65
CA ALA C 457 -15.84 15.77 20.71
C ALA C 457 -14.52 16.11 21.42
N PHE C 458 -13.91 17.21 21.04
CA PHE C 458 -12.73 17.73 21.69
C PHE C 458 -12.95 18.03 23.19
N LYS C 459 -14.05 18.73 23.50
CA LYS C 459 -14.39 18.98 24.88
C LYS C 459 -14.52 17.65 25.59
N THR C 460 -15.13 16.67 24.96
CA THR C 460 -15.33 15.40 25.62
C THR C 460 -13.99 14.75 25.98
N ALA C 461 -13.09 14.67 25.04
CA ALA C 461 -11.77 14.05 25.31
C ALA C 461 -10.99 14.83 26.31
N GLN C 462 -11.09 16.14 26.23
CA GLN C 462 -10.40 17.04 27.14
C GLN C 462 -10.86 16.78 28.58
N ALA C 463 -12.17 16.75 28.80
CA ALA C 463 -12.76 16.46 30.11
C ALA C 463 -12.25 15.10 30.66
N ILE C 464 -12.30 14.07 29.82
CA ILE C 464 -11.77 12.76 30.21
C ILE C 464 -10.32 12.90 30.64
N ASN C 465 -9.52 13.55 29.85
CA ASN C 465 -8.12 13.72 30.25
C ASN C 465 -7.93 14.53 31.51
N ASP C 466 -8.70 15.60 31.67
CA ASP C 466 -8.61 16.42 32.89
C ASP C 466 -9.21 15.79 34.14
N PHE C 467 -10.23 14.95 34.00
CA PHE C 467 -10.63 14.12 35.13
C PHE C 467 -9.51 13.15 35.53
N ASN C 468 -8.73 12.67 34.60
CA ASN C 468 -7.79 11.55 34.87
C ASN C 468 -6.44 12.01 35.44
N ASN C 469 -5.83 12.96 34.72
CA ASN C 469 -4.52 13.54 35.11
C ASN C 469 -4.76 14.53 36.26
N GLY C 470 -4.01 14.33 37.34
CA GLY C 470 -4.08 15.13 38.56
C GLY C 470 -5.33 15.11 39.40
N GLU C 471 -6.48 15.32 38.79
CA GLU C 471 -7.76 15.03 39.50
C GLU C 471 -7.90 13.57 39.97
N GLN C 472 -7.44 12.58 39.15
CA GLN C 472 -7.46 11.16 39.48
C GLN C 472 -8.83 10.71 39.96
N LEU C 473 -9.82 11.17 39.24
CA LEU C 473 -11.20 10.91 39.52
C LEU C 473 -11.75 9.73 38.67
N PRO C 474 -12.74 9.03 39.24
CA PRO C 474 -13.65 8.23 38.51
C PRO C 474 -14.54 9.06 37.61
N MET C 475 -15.28 8.42 36.74
CA MET C 475 -16.04 9.15 35.78
C MET C 475 -17.34 8.43 35.43
N MET C 476 -18.40 9.19 35.28
CA MET C 476 -19.64 8.72 34.62
C MET C 476 -19.91 9.55 33.37
N ILE C 477 -20.09 8.86 32.25
CA ILE C 477 -20.61 9.43 31.04
C ILE C 477 -22.02 8.95 30.81
N LEU C 478 -22.89 9.92 30.71
CA LEU C 478 -24.34 9.73 30.49
C LEU C 478 -24.61 9.81 28.99
N ALA C 479 -24.24 8.74 28.33
CA ALA C 479 -24.03 8.68 26.87
C ALA C 479 -25.35 8.78 26.15
N ASN C 480 -25.49 9.79 25.32
CA ASN C 480 -26.74 10.06 24.61
C ASN C 480 -26.44 10.73 23.30
N TRP C 481 -25.84 9.99 22.38
CA TRP C 481 -25.43 10.59 21.10
C TRP C 481 -25.95 9.77 19.96
N ARG C 482 -26.47 10.40 18.93
CA ARG C 482 -26.90 9.67 17.72
C ARG C 482 -25.75 9.37 16.77
N GLY C 483 -24.66 10.10 16.95
CA GLY C 483 -23.42 9.90 16.19
C GLY C 483 -22.67 11.22 16.16
N PHE C 484 -21.62 11.22 15.34
CA PHE C 484 -20.86 12.40 14.97
C PHE C 484 -21.53 13.06 13.81
N SER C 485 -21.38 14.38 13.64
CA SER C 485 -21.76 15.05 12.38
C SER C 485 -20.83 14.66 11.20
N GLY C 486 -21.40 13.97 10.25
CA GLY C 486 -20.71 13.45 9.02
C GLY C 486 -20.80 14.34 7.77
N GLY C 487 -21.33 15.54 7.99
CA GLY C 487 -21.46 16.52 6.97
C GLY C 487 -20.14 17.08 6.54
N GLN C 488 -20.12 17.76 5.41
CA GLN C 488 -18.89 18.15 4.78
C GLN C 488 -18.06 19.05 5.67
N ARG C 489 -18.70 20.07 6.21
CA ARG C 489 -17.99 20.98 7.07
C ARG C 489 -17.37 20.34 8.34
N ASP C 490 -18.17 19.55 9.07
CA ASP C 490 -17.66 18.87 10.23
C ASP C 490 -16.60 17.89 9.87
N MET C 491 -16.74 17.24 8.71
CA MET C 491 -15.75 16.28 8.29
C MET C 491 -14.45 16.94 7.89
N PHE C 492 -14.59 18.03 7.12
CA PHE C 492 -13.49 18.94 6.75
C PHE C 492 -12.79 19.56 7.96
N ASN C 493 -13.57 19.97 8.96
CA ASN C 493 -13.07 20.45 10.25
C ASN C 493 -12.62 19.38 11.27
N GLU C 494 -12.42 18.17 10.77
CA GLU C 494 -11.53 17.19 11.34
C GLU C 494 -12.16 16.42 12.49
N VAL C 495 -13.49 16.21 12.39
CA VAL C 495 -14.28 15.56 13.46
C VAL C 495 -13.69 14.17 13.77
N LEU C 496 -13.21 13.47 12.75
CA LEU C 496 -12.47 12.26 12.99
C LEU C 496 -11.27 12.34 13.91
N LYS C 497 -10.54 13.44 13.87
CA LYS C 497 -9.36 13.60 14.73
C LYS C 497 -9.77 13.69 16.22
N TYR C 498 -10.81 14.52 16.48
CA TYR C 498 -11.31 14.84 17.82
C TYR C 498 -12.01 13.63 18.40
N GLY C 499 -12.71 12.90 17.58
CA GLY C 499 -13.34 11.68 18.02
C GLY C 499 -12.30 10.67 18.38
N SER C 500 -11.23 10.57 17.63
CA SER C 500 -10.20 9.62 17.99
C SER C 500 -9.54 9.99 19.30
N PHE C 501 -9.49 11.30 19.62
CA PHE C 501 -8.97 11.77 20.92
C PHE C 501 -9.68 11.12 22.11
N ILE C 502 -10.94 10.79 21.93
CA ILE C 502 -11.80 10.30 22.99
C ILE C 502 -11.40 8.87 23.34
N VAL C 503 -11.25 8.05 22.30
CA VAL C 503 -10.68 6.75 22.42
C VAL C 503 -9.36 6.75 23.18
N ASP C 504 -8.46 7.63 22.81
CA ASP C 504 -7.14 7.68 23.39
C ASP C 504 -7.23 8.09 24.88
N ALA C 505 -8.19 8.94 25.19
CA ALA C 505 -8.33 9.44 26.54
C ALA C 505 -8.82 8.33 27.46
N LEU C 506 -9.75 7.51 26.98
CA LEU C 506 -10.22 6.25 27.65
C LEU C 506 -9.17 5.23 27.86
N VAL C 507 -8.38 4.94 26.83
CA VAL C 507 -7.26 3.98 26.93
C VAL C 507 -6.35 4.36 28.10
N ASP C 508 -6.16 5.66 28.30
CA ASP C 508 -5.24 6.14 29.38
C ASP C 508 -5.83 6.26 30.75
N TYR C 509 -7.15 6.05 30.86
CA TYR C 509 -7.90 6.34 32.07
C TYR C 509 -7.56 5.29 33.12
N LYS C 510 -7.30 5.75 34.36
CA LYS C 510 -6.75 4.92 35.42
C LYS C 510 -7.65 4.70 36.61
N GLN C 511 -8.86 5.20 36.54
CA GLN C 511 -9.83 5.10 37.61
C GLN C 511 -11.16 4.55 37.01
N PRO C 512 -12.06 4.02 37.86
CA PRO C 512 -13.30 3.45 37.40
C PRO C 512 -14.15 4.34 36.47
N ILE C 513 -14.63 3.75 35.37
CA ILE C 513 -15.55 4.44 34.45
C ILE C 513 -16.89 3.74 34.41
N ILE C 514 -17.93 4.51 34.49
CA ILE C 514 -19.26 4.04 34.18
C ILE C 514 -19.83 4.72 32.94
N ILE C 515 -20.13 3.92 31.91
CA ILE C 515 -20.91 4.41 30.81
C ILE C 515 -22.38 3.92 31.02
N TYR C 516 -23.30 4.88 30.92
CA TYR C 516 -24.70 4.71 31.18
C TYR C 516 -25.56 5.48 30.15
N ILE C 517 -26.29 4.73 29.33
CA ILE C 517 -27.22 5.33 28.35
C ILE C 517 -28.47 5.58 29.16
N PRO C 518 -28.82 6.83 29.39
CA PRO C 518 -29.91 7.14 30.29
C PRO C 518 -31.34 6.97 29.68
N PRO C 519 -32.40 7.15 30.50
CA PRO C 519 -33.75 7.07 29.93
C PRO C 519 -33.97 8.17 28.93
N THR C 520 -34.59 7.81 27.78
CA THR C 520 -34.77 8.65 26.58
C THR C 520 -33.50 8.79 25.71
N GLY C 521 -32.41 8.09 26.08
CA GLY C 521 -31.20 8.29 25.43
C GLY C 521 -30.89 7.21 24.46
N GLU C 522 -29.93 7.50 23.60
CA GLU C 522 -29.52 6.54 22.63
C GLU C 522 -28.08 6.60 22.34
N LEU C 523 -27.58 5.54 21.76
CA LEU C 523 -26.27 5.53 21.29
C LEU C 523 -26.24 4.73 20.01
N ARG C 524 -25.69 5.28 18.93
CA ARG C 524 -25.78 4.62 17.62
C ARG C 524 -24.42 4.47 16.99
N GLY C 525 -24.29 3.64 15.99
CA GLY C 525 -23.23 3.77 15.02
C GLY C 525 -21.86 4.15 15.56
N GLY C 526 -21.40 5.32 15.21
CA GLY C 526 -20.07 5.73 15.54
C GLY C 526 -19.90 6.34 16.88
N SER C 527 -20.99 6.80 17.43
CA SER C 527 -21.11 7.15 18.81
C SER C 527 -20.69 6.12 19.81
N TRP C 528 -21.14 4.89 19.57
CA TRP C 528 -20.96 3.82 20.52
C TRP C 528 -19.53 3.45 20.41
N VAL C 529 -18.97 3.52 19.21
CA VAL C 529 -17.63 3.04 19.08
C VAL C 529 -16.67 3.70 20.00
N VAL C 530 -16.86 4.98 20.28
CA VAL C 530 -15.84 5.70 21.05
C VAL C 530 -15.98 5.59 22.56
N VAL C 531 -17.05 4.94 23.03
CA VAL C 531 -17.24 4.68 24.41
C VAL C 531 -17.49 3.25 24.78
N ASP C 532 -17.22 2.31 23.91
CA ASP C 532 -17.41 0.90 24.29
C ASP C 532 -16.38 0.54 25.34
N PRO C 533 -16.84 -0.18 26.41
CA PRO C 533 -15.94 -0.57 27.49
C PRO C 533 -14.82 -1.49 27.15
N THR C 534 -14.78 -2.05 25.93
CA THR C 534 -13.65 -2.91 25.54
C THR C 534 -12.44 -2.09 25.17
N ILE C 535 -12.61 -0.77 25.20
CA ILE C 535 -11.55 0.17 24.85
C ILE C 535 -10.62 0.14 26.04
N ASN C 536 -11.21 0.01 27.23
CA ASN C 536 -10.46 -0.07 28.49
C ASN C 536 -11.26 -0.97 29.48
N ALA C 537 -11.19 -2.27 29.22
CA ALA C 537 -11.83 -3.31 30.03
C ALA C 537 -11.41 -3.32 31.54
N ASP C 538 -10.20 -2.94 31.84
CA ASP C 538 -9.79 -2.78 33.21
C ASP C 538 -10.51 -1.69 33.99
N GLN C 539 -11.05 -0.63 33.32
CA GLN C 539 -11.75 0.44 34.05
C GLN C 539 -13.16 0.68 33.62
N MET C 540 -13.59 0.13 32.50
CA MET C 540 -14.83 0.53 31.95
C MET C 540 -15.94 -0.54 32.09
N GLU C 541 -17.18 -0.05 32.18
CA GLU C 541 -18.42 -0.87 32.26
C GLU C 541 -19.49 -0.07 31.67
N MET C 542 -20.42 -0.70 30.99
CA MET C 542 -21.52 -0.02 30.36
C MET C 542 -22.86 -0.50 30.89
N TYR C 543 -23.76 0.43 31.08
CA TYR C 543 -25.14 0.13 31.45
C TYR C 543 -26.08 0.83 30.49
N ALA C 544 -27.28 0.27 30.29
CA ALA C 544 -28.38 0.91 29.54
C ALA C 544 -29.66 1.04 30.37
N ASP C 545 -30.31 2.19 30.31
CA ASP C 545 -31.59 2.29 30.95
C ASP C 545 -32.59 1.36 30.22
N VAL C 546 -33.58 0.87 30.95
CA VAL C 546 -34.70 0.13 30.32
C VAL C 546 -35.42 0.99 29.25
N ASN C 547 -35.37 2.32 29.39
CA ASN C 547 -35.88 3.20 28.34
C ASN C 547 -34.90 3.86 27.42
N ALA C 548 -33.75 3.23 27.24
CA ALA C 548 -32.76 3.72 26.31
C ALA C 548 -32.90 2.97 25.00
N ARG C 549 -32.22 3.43 23.97
CA ARG C 549 -32.15 2.66 22.71
C ARG C 549 -30.73 2.61 22.19
N ALA C 550 -30.44 1.54 21.46
CA ALA C 550 -29.20 1.49 20.76
C ALA C 550 -29.18 0.40 19.67
N GLY C 551 -28.49 0.77 18.57
CA GLY C 551 -28.10 -0.16 17.54
C GLY C 551 -27.30 0.59 16.52
N VAL C 552 -26.82 -0.09 15.48
CA VAL C 552 -26.00 0.60 14.44
C VAL C 552 -26.70 1.81 13.81
N LEU C 553 -27.99 1.68 13.51
CA LEU C 553 -28.78 2.74 12.83
C LEU C 553 -30.00 3.03 13.65
N GLU C 554 -30.55 4.21 13.46
CA GLU C 554 -31.91 4.58 13.89
C GLU C 554 -32.97 3.76 13.10
N PRO C 555 -34.16 3.52 13.69
CA PRO C 555 -35.13 2.69 12.95
C PRO C 555 -35.40 3.19 11.49
N GLN C 556 -35.55 4.48 11.30
CA GLN C 556 -35.68 5.00 9.96
C GLN C 556 -34.58 4.53 9.02
N GLY C 557 -33.36 4.39 9.49
CA GLY C 557 -32.25 3.99 8.62
C GLY C 557 -32.15 2.50 8.39
N MET C 558 -32.50 1.72 9.41
CA MET C 558 -32.48 0.26 9.29
C MET C 558 -33.56 -0.21 8.25
N VAL C 559 -34.68 0.48 8.36
CA VAL C 559 -35.87 0.22 7.54
C VAL C 559 -35.55 0.52 6.06
N GLY C 560 -34.98 1.69 5.78
CA GLY C 560 -34.56 2.01 4.43
C GLY C 560 -33.54 1.07 3.83
N ILE C 561 -33.01 0.12 4.60
CA ILE C 561 -32.09 -0.89 4.04
C ILE C 561 -32.65 -2.29 4.10
N LYS C 562 -33.26 -2.61 5.21
CA LYS C 562 -33.58 -3.98 5.54
C LYS C 562 -35.12 -4.26 5.56
N PHE C 563 -35.95 -3.23 5.40
CA PHE C 563 -37.40 -3.40 5.29
C PHE C 563 -37.90 -2.44 4.17
N ARG C 564 -37.35 -2.69 2.98
CA ARG C 564 -37.68 -1.94 1.76
C ARG C 564 -39.13 -2.31 1.24
N ARG C 565 -39.59 -1.59 0.20
CA ARG C 565 -40.96 -1.77 -0.36
C ARG C 565 -41.48 -3.20 -0.59
N GLU C 566 -40.65 -4.05 -1.18
CA GLU C 566 -41.07 -5.43 -1.42
C GLU C 566 -41.53 -6.12 -0.12
N LYS C 567 -40.67 -6.03 0.91
CA LYS C 567 -40.92 -6.70 2.21
C LYS C 567 -42.17 -6.14 2.87
N LEU C 568 -42.45 -4.89 2.54
CA LEU C 568 -43.57 -4.19 3.08
C LEU C 568 -44.87 -4.78 2.47
N LEU C 569 -44.88 -4.90 1.14
CA LEU C 569 -45.95 -5.57 0.38
C LEU C 569 -46.14 -7.00 0.86
N ASP C 570 -45.06 -7.77 0.87
CA ASP C 570 -45.11 -9.16 1.36
C ASP C 570 -45.74 -9.27 2.77
N THR C 571 -45.84 -8.15 3.47
CA THR C 571 -46.36 -8.18 4.84
C THR C 571 -47.85 -7.71 4.86
N MET C 572 -48.24 -6.98 3.82
CA MET C 572 -49.64 -6.65 3.54
C MET C 572 -50.50 -7.89 3.18
N ASN C 573 -49.86 -9.03 2.89
CA ASN C 573 -50.50 -10.31 3.20
C ASN C 573 -50.64 -10.55 4.74
N ARG C 574 -51.17 -9.52 5.42
CA ARG C 574 -52.04 -9.56 6.63
C ARG C 574 -53.29 -8.62 6.39
N LEU C 575 -53.76 -8.54 5.12
CA LEU C 575 -54.91 -7.69 4.63
C LEU C 575 -54.93 -6.22 5.13
N GLU C 609 -51.83 0.32 -1.24
CA GLU C 609 -51.54 1.57 -0.53
C GLU C 609 -52.20 1.62 0.85
N LEU C 610 -51.51 0.92 1.77
CA LEU C 610 -51.70 0.92 3.25
C LEU C 610 -50.41 1.51 3.89
N LEU C 611 -49.57 2.12 3.03
CA LEU C 611 -48.18 2.43 3.33
C LEU C 611 -47.88 3.10 4.71
N PRO C 612 -48.72 4.07 5.16
CA PRO C 612 -48.38 4.72 6.44
C PRO C 612 -48.33 3.75 7.60
N ILE C 613 -49.45 3.23 8.08
CA ILE C 613 -49.43 2.34 9.22
C ILE C 613 -48.46 1.15 9.04
N TYR C 614 -48.22 0.69 7.81
CA TYR C 614 -47.28 -0.43 7.56
C TYR C 614 -45.76 -0.03 7.67
N GLY C 615 -45.41 1.18 7.20
CA GLY C 615 -44.17 1.87 7.55
C GLY C 615 -44.01 2.02 9.06
N GLN C 616 -44.97 2.60 9.73
CA GLN C 616 -44.92 2.72 11.19
C GLN C 616 -44.61 1.39 11.88
N ILE C 617 -45.17 0.32 11.31
CA ILE C 617 -45.02 -1.02 11.85
C ILE C 617 -43.59 -1.49 11.64
N SER C 618 -43.02 -1.21 10.48
CA SER C 618 -41.68 -1.63 10.14
C SER C 618 -40.70 -0.90 11.04
N LEU C 619 -41.02 0.35 11.43
CA LEU C 619 -40.23 1.18 12.32
C LEU C 619 -40.21 0.61 13.71
N GLN C 620 -41.33 0.07 14.14
CA GLN C 620 -41.49 -0.56 15.45
C GLN C 620 -40.83 -1.97 15.43
N PHE C 621 -41.05 -2.72 14.39
CA PHE C 621 -40.14 -3.81 14.07
C PHE C 621 -38.88 -2.96 13.73
N ALA C 622 -37.67 -3.32 14.10
CA ALA C 622 -36.48 -2.40 14.04
C ALA C 622 -36.30 -1.82 15.43
N ASP C 623 -37.15 -0.87 15.86
CA ASP C 623 -36.99 -0.31 17.17
C ASP C 623 -37.00 -1.39 18.25
N LEU C 624 -37.78 -2.45 18.03
CA LEU C 624 -37.86 -3.55 18.98
C LEU C 624 -36.52 -4.32 19.12
N HIS C 625 -35.61 -4.20 18.12
CA HIS C 625 -34.24 -4.80 18.23
C HIS C 625 -33.31 -3.96 19.08
N ASP C 626 -33.59 -2.67 19.18
CA ASP C 626 -32.72 -1.65 19.78
C ASP C 626 -32.87 -1.45 21.28
N ARG C 627 -33.23 -2.51 21.99
CA ARG C 627 -33.66 -2.41 23.39
C ARG C 627 -32.55 -2.85 24.32
N SER C 628 -32.63 -2.42 25.59
CA SER C 628 -31.65 -2.86 26.57
C SER C 628 -31.58 -4.39 26.77
N SER C 629 -32.67 -5.07 26.44
CA SER C 629 -32.79 -6.52 26.53
C SER C 629 -31.96 -7.24 25.48
N ARG C 630 -31.89 -6.71 24.25
CA ARG C 630 -30.92 -7.25 23.26
C ARG C 630 -29.52 -6.93 23.77
N MET C 631 -29.32 -5.73 24.34
CA MET C 631 -27.96 -5.37 24.75
C MET C 631 -27.51 -6.34 25.78
N VAL C 632 -28.42 -6.70 26.67
CA VAL C 632 -28.10 -7.76 27.70
C VAL C 632 -27.87 -9.16 27.13
N ALA C 633 -28.74 -9.56 26.22
CA ALA C 633 -28.63 -10.88 25.61
C ALA C 633 -27.35 -11.01 24.86
N LYS C 634 -26.93 -9.93 24.23
CA LYS C 634 -25.69 -10.01 23.42
C LYS C 634 -24.47 -9.78 24.29
N GLY C 635 -24.66 -9.48 25.56
CA GLY C 635 -23.56 -9.32 26.49
C GLY C 635 -22.69 -8.08 26.26
N VAL C 636 -23.29 -6.99 25.81
CA VAL C 636 -22.56 -5.73 25.56
C VAL C 636 -22.67 -4.65 26.67
N ILE C 637 -23.53 -4.90 27.65
CA ILE C 637 -23.68 -4.14 28.88
C ILE C 637 -23.63 -5.08 30.07
N SER C 638 -23.25 -4.55 31.21
CA SER C 638 -23.23 -5.29 32.48
C SER C 638 -24.67 -5.51 33.02
N LYS C 639 -25.53 -4.51 32.95
CA LYS C 639 -26.93 -4.58 33.36
C LYS C 639 -27.76 -3.54 32.65
N GLU C 640 -29.06 -3.84 32.56
CA GLU C 640 -30.07 -2.85 32.23
C GLU C 640 -30.64 -2.31 33.53
N LEU C 641 -30.90 -1.01 33.58
CA LEU C 641 -31.17 -0.35 34.81
C LEU C 641 -32.46 0.42 34.71
N GLU C 642 -33.02 0.78 35.85
CA GLU C 642 -34.12 1.72 35.94
C GLU C 642 -33.65 2.95 36.67
N TRP C 643 -33.84 4.08 35.98
CA TRP C 643 -33.33 5.37 36.32
C TRP C 643 -33.55 5.73 37.77
N THR C 644 -34.75 5.49 38.29
CA THR C 644 -35.10 5.99 39.63
C THR C 644 -34.25 5.31 40.66
N GLU C 645 -33.91 4.03 40.38
CA GLU C 645 -33.04 3.24 41.24
C GLU C 645 -31.48 3.37 41.01
N ALA C 646 -31.07 4.31 40.15
CA ALA C 646 -29.74 4.31 39.56
C ALA C 646 -28.72 4.95 40.47
N ARG C 647 -29.17 5.87 41.32
CA ARG C 647 -28.32 6.44 42.38
C ARG C 647 -27.86 5.42 43.42
N ARG C 648 -28.79 4.63 43.88
CA ARG C 648 -28.51 3.60 44.83
C ARG C 648 -27.66 2.53 44.22
N PHE C 649 -28.01 2.15 42.99
CA PHE C 649 -27.22 1.17 42.27
C PHE C 649 -25.71 1.62 42.08
N PHE C 650 -25.50 2.82 41.55
CA PHE C 650 -24.17 3.31 41.19
C PHE C 650 -23.35 3.68 42.42
N PHE C 651 -23.99 4.24 43.45
CA PHE C 651 -23.29 4.46 44.75
C PHE C 651 -22.56 3.20 45.24
N TRP C 652 -23.26 2.11 45.37
CA TRP C 652 -22.65 0.86 45.80
C TRP C 652 -21.72 0.22 44.73
N ARG C 653 -22.10 0.30 43.45
CA ARG C 653 -21.18 -0.13 42.38
C ARG C 653 -19.82 0.58 42.43
N LEU C 654 -19.88 1.92 42.49
CA LEU C 654 -18.68 2.76 42.55
C LEU C 654 -17.88 2.52 43.81
N ARG C 655 -18.55 2.54 44.96
CA ARG C 655 -17.90 2.25 46.23
C ARG C 655 -17.19 0.89 46.28
N ARG C 656 -17.88 -0.11 45.79
CA ARG C 656 -17.26 -1.44 45.69
C ARG C 656 -16.01 -1.44 44.83
N ARG C 657 -16.15 -0.79 43.68
CA ARG C 657 -15.08 -0.68 42.66
C ARG C 657 -13.88 0.02 43.23
N LEU C 658 -14.17 1.11 43.91
CA LEU C 658 -13.08 1.85 44.56
C LEU C 658 -12.29 0.98 45.52
N ASN C 659 -13.01 0.16 46.28
CA ASN C 659 -12.42 -0.74 47.25
C ASN C 659 -11.63 -1.79 46.54
N GLU C 660 -12.13 -2.37 45.46
CA GLU C 660 -11.39 -3.44 44.79
C GLU C 660 -10.11 -2.88 44.07
N GLU C 661 -10.22 -1.68 43.48
CA GLU C 661 -9.07 -0.99 42.95
C GLU C 661 -7.99 -0.76 43.97
N TYR C 662 -8.37 -0.31 45.18
CA TYR C 662 -7.42 -0.17 46.27
C TYR C 662 -6.60 -1.46 46.46
N LEU C 663 -7.28 -2.60 46.52
CA LEU C 663 -6.64 -3.84 46.81
C LEU C 663 -5.79 -4.35 45.63
N ILE C 664 -6.26 -4.17 44.41
CA ILE C 664 -5.49 -4.55 43.22
C ILE C 664 -4.16 -3.79 43.17
N LYS C 665 -4.23 -2.49 43.45
CA LYS C 665 -3.04 -1.67 43.61
C LYS C 665 -2.05 -2.23 44.63
N ARG C 666 -2.56 -2.60 45.79
CA ARG C 666 -1.73 -3.15 46.86
C ARG C 666 -1.09 -4.42 46.43
N LEU C 667 -1.81 -5.20 45.69
CA LEU C 667 -1.29 -6.46 45.27
C LEU C 667 -0.18 -6.19 44.22
N SER C 668 -0.37 -5.17 43.39
CA SER C 668 0.60 -4.79 42.37
C SER C 668 1.95 -4.42 42.96
N HIS C 669 1.93 -3.77 44.12
CA HIS C 669 3.16 -3.33 44.79
C HIS C 669 4.08 -4.48 45.12
N GLN C 670 3.68 -5.68 44.80
CA GLN C 670 4.29 -6.85 45.36
C GLN C 670 4.94 -7.78 44.33
N VAL C 671 6.13 -7.35 43.88
CA VAL C 671 7.19 -8.21 43.26
C VAL C 671 6.79 -9.42 42.37
N GLY C 672 7.06 -9.28 41.06
CA GLY C 672 6.46 -10.17 40.05
C GLY C 672 5.19 -9.61 39.41
N GLU C 673 5.16 -9.58 38.08
CA GLU C 673 3.99 -9.14 37.35
C GLU C 673 2.90 -10.24 37.41
N ALA C 674 1.64 -9.78 37.42
CA ALA C 674 0.51 -10.64 37.11
C ALA C 674 -0.47 -9.75 36.38
N SER C 675 -1.36 -10.35 35.60
CA SER C 675 -2.34 -9.54 34.94
C SER C 675 -3.30 -8.96 35.96
N ARG C 676 -4.06 -7.97 35.50
CA ARG C 676 -5.12 -7.41 36.26
C ARG C 676 -6.11 -8.51 36.61
N LEU C 677 -6.41 -9.38 35.64
CA LEU C 677 -7.43 -10.44 35.81
C LEU C 677 -6.98 -11.40 36.89
N GLU C 678 -5.67 -11.58 36.98
CA GLU C 678 -5.17 -12.52 37.98
C GLU C 678 -5.22 -11.90 39.37
N LYS C 679 -4.99 -10.59 39.41
CA LYS C 679 -5.01 -9.85 40.62
C LYS C 679 -6.40 -9.75 41.29
N ILE C 680 -7.48 -9.38 40.57
CA ILE C 680 -8.79 -9.38 41.21
C ILE C 680 -9.21 -10.77 41.50
N ALA C 681 -8.78 -11.74 40.73
CA ALA C 681 -9.23 -13.07 41.01
C ALA C 681 -8.69 -13.50 42.34
N ARG C 682 -7.43 -13.18 42.65
CA ARG C 682 -6.86 -13.50 43.93
C ARG C 682 -7.53 -12.83 45.13
N ILE C 683 -7.70 -11.54 45.01
CA ILE C 683 -8.41 -10.73 45.96
C ILE C 683 -9.80 -11.33 46.27
N ARG C 684 -10.56 -11.63 45.22
CA ARG C 684 -11.87 -12.15 45.37
C ARG C 684 -11.89 -13.56 46.01
N SER C 685 -10.82 -14.27 45.82
CA SER C 685 -10.60 -15.55 46.45
C SER C 685 -10.44 -15.39 47.97
N TRP C 686 -10.05 -14.21 48.46
CA TRP C 686 -9.99 -13.89 49.89
C TRP C 686 -11.34 -13.65 50.56
N TYR C 687 -12.36 -13.43 49.76
CA TYR C 687 -13.62 -13.11 50.31
C TYR C 687 -14.18 -14.40 50.90
N PRO C 688 -15.01 -14.24 51.93
CA PRO C 688 -15.65 -15.43 52.43
C PRO C 688 -16.52 -16.05 51.35
N ALA C 689 -16.52 -17.36 51.38
CA ALA C 689 -17.33 -18.16 50.51
C ALA C 689 -18.79 -17.79 50.45
N SER C 690 -19.32 -17.21 51.48
CA SER C 690 -20.72 -16.87 51.51
C SER C 690 -21.03 -15.52 50.88
N VAL C 691 -20.01 -14.70 50.73
CA VAL C 691 -20.13 -13.45 50.01
C VAL C 691 -20.42 -13.67 48.50
N ASP C 692 -21.55 -13.13 48.03
CA ASP C 692 -21.88 -13.03 46.62
C ASP C 692 -20.98 -11.98 45.93
N HIS C 693 -20.04 -12.42 45.09
CA HIS C 693 -19.09 -11.50 44.40
C HIS C 693 -19.83 -10.43 43.59
N GLU C 694 -21.09 -10.69 43.26
CA GLU C 694 -21.85 -9.76 42.48
C GLU C 694 -22.67 -8.81 43.28
N ASP C 695 -22.57 -8.90 44.59
CA ASP C 695 -23.27 -7.98 45.47
C ASP C 695 -22.33 -6.86 45.89
N ASP C 696 -22.56 -5.70 45.34
CA ASP C 696 -21.66 -4.56 45.47
C ASP C 696 -21.58 -4.05 46.88
N ARG C 697 -22.74 -3.87 47.52
CA ARG C 697 -22.77 -3.48 48.92
C ARG C 697 -22.12 -4.46 49.85
N GLN C 698 -22.40 -5.72 49.66
CA GLN C 698 -21.86 -6.70 50.56
C GLN C 698 -20.36 -6.77 50.41
N VAL C 699 -19.89 -6.74 49.15
CA VAL C 699 -18.45 -6.81 48.89
C VAL C 699 -17.74 -5.59 49.51
N ALA C 700 -18.29 -4.40 49.33
CA ALA C 700 -17.67 -3.22 49.88
C ALA C 700 -17.62 -3.26 51.38
N THR C 701 -18.76 -3.60 51.97
CA THR C 701 -18.96 -3.71 53.41
C THR C 701 -17.93 -4.67 54.02
N TRP C 702 -17.75 -5.82 53.39
CA TRP C 702 -16.80 -6.78 53.86
C TRP C 702 -15.41 -6.16 53.83
N ILE C 703 -15.10 -5.49 52.72
CA ILE C 703 -13.77 -4.98 52.51
C ILE C 703 -13.48 -3.93 53.56
N GLU C 704 -14.42 -3.02 53.78
CA GLU C 704 -14.21 -1.91 54.76
C GLU C 704 -14.09 -2.36 56.24
N GLU C 705 -14.86 -3.40 56.62
CA GLU C 705 -14.71 -4.13 57.92
C GLU C 705 -13.36 -4.83 58.07
N ASN C 706 -12.66 -5.07 56.97
CA ASN C 706 -11.54 -6.00 56.95
C ASN C 706 -10.23 -5.42 56.42
N TYR C 707 -10.13 -4.10 56.23
CA TYR C 707 -8.91 -3.51 55.58
C TYR C 707 -7.62 -3.92 56.25
N LYS C 708 -7.60 -3.84 57.58
CA LYS C 708 -6.40 -4.15 58.43
C LYS C 708 -6.14 -5.61 58.43
N THR C 709 -7.18 -6.41 58.32
CA THR C 709 -6.98 -7.85 58.22
C THR C 709 -6.33 -8.19 56.89
N LEU C 710 -6.88 -7.63 55.81
CA LEU C 710 -6.28 -7.70 54.45
C LEU C 710 -4.88 -7.12 54.42
N ASP C 711 -4.67 -6.00 55.12
CA ASP C 711 -3.32 -5.50 55.28
C ASP C 711 -2.39 -6.54 55.89
N ASP C 712 -2.82 -7.23 56.96
CA ASP C 712 -2.10 -8.40 57.50
C ASP C 712 -1.79 -9.39 56.39
N LYS C 713 -2.79 -9.85 55.65
CA LYS C 713 -2.54 -10.86 54.62
C LYS C 713 -1.50 -10.38 53.60
N LEU C 714 -1.62 -9.11 53.21
CA LEU C 714 -0.85 -8.51 52.14
C LEU C 714 0.58 -8.41 52.60
N LYS C 715 0.77 -8.01 53.84
CA LYS C 715 2.11 -8.02 54.44
C LYS C 715 2.61 -9.43 54.70
N GLY C 716 1.72 -10.41 54.88
CA GLY C 716 2.13 -11.79 55.02
C GLY C 716 2.91 -12.24 53.80
N LEU C 717 2.33 -11.98 52.62
CA LEU C 717 2.86 -12.35 51.31
C LEU C 717 4.20 -11.68 50.94
N LYS C 718 4.36 -10.41 51.32
CA LYS C 718 5.52 -9.59 50.92
C LYS C 718 6.84 -10.10 51.50
N LEU C 719 6.78 -10.81 52.63
CA LEU C 719 7.92 -11.67 53.08
C LEU C 719 7.83 -13.05 52.40
N GLU C 720 8.29 -13.09 51.15
CA GLU C 720 8.45 -14.34 50.37
C GLU C 720 9.94 -14.49 49.94
S SO4 D . 14.78 -46.84 -46.02
O1 SO4 D . 13.38 -46.51 -46.34
O2 SO4 D . 15.00 -46.39 -44.64
O3 SO4 D . 15.82 -46.37 -46.98
O4 SO4 D . 14.93 -48.30 -46.02
C4 B38 E . 32.04 -13.92 -43.14
C7 B38 E . 31.98 -16.68 -45.93
C6 B38 E . 32.64 -17.50 -43.58
C9 B38 E . 34.97 -14.29 -43.22
C13 B38 E . 32.78 -18.94 -45.55
C8 B38 E . 32.95 -13.47 -41.97
C16 B38 E . 33.65 -21.33 -45.32
C1 B38 E . 32.57 -15.17 -43.89
O2 B38 E . 32.36 -16.34 -43.02
C3 B38 E . 31.71 -15.39 -45.16
C5 B38 E . 34.06 -14.88 -44.33
C10 B38 E . 32.47 -17.78 -45.02
C11 B38 E . 33.12 -18.43 -42.80
O12 B38 E . 32.25 -16.69 -47.15
C14 B38 E . 33.45 -19.77 -43.39
C15 B38 E . 33.29 -20.01 -44.69
N27 B38 E . 34.31 -13.17 -42.48
C20 B38 E . 36.22 -11.57 -42.94
C21 B38 E . 38.63 -11.83 -43.21
C18 B38 E . 37.41 -10.21 -44.57
C19 B38 E . 36.22 -10.58 -43.95
C26 B38 E . 34.90 -11.93 -42.29
C17 B38 E . 38.61 -10.84 -44.21
C22 B38 E . 37.43 -12.19 -42.55
N23 B38 E . 37.76 -13.16 -41.63
N24 B38 E . 39.08 -13.39 -41.69
C25 B38 E . 39.65 -12.61 -42.64
O28 B38 E . 34.36 -11.05 -41.61
C4 B38 F . 6.20 37.67 16.38
C7 B38 F . 2.36 37.43 15.52
C6 B38 F . 3.96 37.42 13.52
C9 B38 F . 5.86 40.44 15.44
C13 B38 F . 1.54 37.59 13.20
C8 B38 F . 7.39 38.54 15.85
C16 B38 F . 0.66 37.79 10.77
C1 B38 F . 4.87 37.94 15.64
O2 B38 F . 5.01 37.33 14.32
C3 B38 F . 3.68 37.22 16.31
C5 B38 F . 4.66 39.48 15.74
C10 B38 F . 2.56 37.47 14.04
C11 B38 F . 4.21 37.48 12.22
O12 B38 F . 1.22 37.62 16.04
C14 B38 F . 3.07 37.61 11.27
C15 B38 F . 1.82 37.66 11.73
N27 B38 F . 7.11 39.99 16.11
C20 B38 F . 7.60 42.33 16.99
C20 B38 F . 6.91 40.38 18.54
C21 B38 F . 7.41 44.61 16.15
C21 B38 F . 6.67 39.18 20.62
C18 B38 F . 6.71 44.15 18.41
C18 B38 F . 5.26 41.07 20.17
C19 B38 F . 7.06 42.80 18.21
C19 B38 F . 5.88 41.24 18.94
C26 B38 F . 7.94 40.85 16.82
C26 B38 F . 7.58 40.58 17.23
C17 B38 F . 6.88 45.06 17.36
C17 B38 F . 5.66 40.03 20.99
C22 B38 F . 7.76 43.26 15.95
C22 B38 F . 7.30 39.34 19.38
N23 B38 F . 8.24 43.15 14.69
N23 B38 F . 8.25 38.39 19.27
N24 B38 F . 8.20 44.34 14.11
N24 B38 F . 8.23 37.65 20.36
C25 B38 F . 7.71 45.25 14.96
C25 B38 F . 7.28 38.09 21.21
O28 B38 F . 8.97 40.40 17.35
O28 B38 F . 8.59 41.29 17.18
S SO4 G . -3.38 -16.52 48.75
O1 SO4 G . -4.50 -16.86 49.65
O2 SO4 G . -2.36 -15.82 49.51
O3 SO4 G . -3.78 -15.72 47.58
O4 SO4 G . -2.90 -17.77 48.15
S SO4 H . -13.02 39.99 28.84
O1 SO4 H . -12.80 40.49 27.48
O2 SO4 H . -13.99 38.90 28.74
O3 SO4 H . -13.61 40.99 29.73
O4 SO4 H . -11.74 39.56 29.42
C4 B38 I . -26.45 9.03 12.92
C7 B38 I . -24.83 12.24 11.48
C6 B38 I . -26.94 12.66 12.85
C9 B38 I . -28.56 9.56 11.05
C13 B38 I . -25.77 14.49 11.71
C8 B38 I . -27.86 8.44 13.15
C16 B38 I . -26.73 16.89 11.91
C1 B38 I . -26.45 10.45 12.28
O2 B38 I . -27.09 11.40 13.17
C3 B38 I . -24.97 10.86 12.11
C5 B38 I . -27.20 10.29 10.93
C10 B38 I . -25.83 13.19 12.01
C11 B38 I . -27.86 13.49 13.32
O12 B38 I . -24.19 12.45 10.41
C14 B38 I . -27.80 14.96 13.00
C15 B38 I . -26.80 15.42 12.25
N27 B38 I . -28.47 8.29 11.82
C20 B38 I . -29.73 7.04 10.01
C21 B38 I . -31.56 7.68 8.48
C18 B38 I . -29.68 6.39 7.66
C19 B38 I . -29.09 6.41 8.92
C26 B38 I . -29.01 7.09 11.37
C17 B38 I . -30.90 7.03 7.43
C22 B38 I . -30.99 7.70 9.79
N23 B38 I . -31.87 8.41 10.57
N24 B38 I . -32.92 8.82 9.85
C25 B38 I . -32.78 8.39 8.57
O28 B38 I . -28.86 6.06 12.03
#